data_8HW4
#
_entry.id   8HW4
#
_cell.length_a   1.00
_cell.length_b   1.00
_cell.length_c   1.00
_cell.angle_alpha   90.00
_cell.angle_beta   90.00
_cell.angle_gamma   90.00
#
_symmetry.space_group_name_H-M   'P 1'
#
loop_
_entity.id
_entity.type
_entity.pdbx_description
1 polymer 'ATP-binding cassette sub-family C member 3'
2 non-polymer '17-oxoandrost-5-en-3beta-yl hydrogen sulfate'
#
_entity_poly.entity_id   1
_entity_poly.type   'polypeptide(L)'
_entity_poly.pdbx_seq_one_letter_code
;MDALCGSGELGSKFWDSNLSVHTENPDLTPCFQNSLLAWVPCIYLWVALPCYLLYLRHHCRGYIILSHLSKLKMVLGVLL
WCVSWADLFYSFHGLVHGRAPAPVFFVTPLVVGVTMLLATLLIQYERLQGVQSSGVLIIFWFLCVVCAIVPFRSKILLAK
AEGEISDPFRFTTFYIHFALVLSALILACFREKPPFFSAKNVDPNPYPETSAGFLSRLFFWWFTKMAIYGYRHPLEEKDL
WSLKEEDRSQMVVQQLLEAWRKQEKQTARHKASAAPGKNASGEDEVLLGARPRPRKPSFLKALLATFGSSFLISACFKLI
QDLLSFINPQLLSILIRFISNPMAPSWWGFLVAGLMFLCSMMQSLILQHYYHYIFVTGVKFRTGIMGVIYRKALVITNSV
KRASTVGEIVNLMSVDAQRFMDLAPFLNLLWSAPLQIILAIYFLWQNLGPSVLAGVAFMVLLIPLNGAVAVKMRAFQVKQ
MKLKDSRIKLMSEILNGIKVLKLYAWEPSFLKQVEGIRQGELQLLRTAAYLHTTTTFTWMCSPFLVTLITLWVYVYVDPN
NVLDAEKAFVSVSLFNILRLPLNMLPQLISNLTQASVSLKRIQQFLSQEELDPQSVERKTISPGYAITIHSGTFTWAQDL
PPTLHSLDIQVPKGALVAVVGPVGCGKSSLVSALLGEMEKLEGKVHMKGSVAYVPQQAWIQNCTLQENVLFGKALNPKRY
QQTLEACALLADLEMLPGGDQTEIGEKGINLSGGQRQRVSLARAVYSDADIFLLDDPLSAVDSHVAKHIFDHVIGPEGVL
AGKTRVLVTHGISFLPQTDFIIVLADGQVSEMGPYPALLQRNGSFANFLCNYAPDEDQGHLEDSWTALEGAEDKEALLIE
DTLSNHTDLTDNDPVTYVVQKQFMRQLSALSSDGEGQGRPVPRRHLGPSEKVQVTEAKADGALTQEEKAAIGTVELSVFW
DYAKAVGLCTTLAICLLYVGQSAAAIGANVWLSAWTNDAMADSRQNNTSLRLGVYAALGILQGFLVMLAAMAMAAGGIQA
ARVLHQALLHNKIRSPQSFFDTTPSGRILNCFSKDIYVVDEVLAPVILMLLNSFFNAISTLVVIMASTPLFTVVILPLAV
LYTLVQRFYAATSRQLKRLESVSRSPIYSHFSETVTGASVIRAYNRSRDFEIISDTKVDANQRSCYPYIISNRWLSIGVE
FVGNCVVLFAALFAVIGRSSLNPGLVGLSVSYSLQVTFALNWMIRMMSDLESNIVAVERVKEYSKTETEAPWVVEGSRPP
EGWPPRGEVEFRNYSVRYRPGLDLVLRDLSLHVHGGEKVGIVGRTGAGKSSMTLCLFRILEAAKGEIRIDGLNVADIGLH
DLRSQLTIIPQDPILFSGTLRMNLDPFGSYSEEDIWWALELSHLHTFVSSQPAGLDFQCSEGGENLSVGQRQLVCLARAL
LRKSRILVLDEATAAIDLETDNLIQATIRTQFDTCTVLTIAHRLNTIMDYTRVLVLDKGVVAEFDSPANLIAARGIFYGM
ARDAGLA
;
_entity_poly.pdbx_strand_id   A
#
loop_
_chem_comp.id
_chem_comp.type
_chem_comp.name
_chem_comp.formula
ZWY non-polymer '17-oxoandrost-5-en-3beta-yl hydrogen sulfate' 'C19 H28 O5 S'
#
# COMPACT_ATOMS: atom_id res chain seq x y z
N PHE A 32 38.27 -47.26 11.73
CA PHE A 32 37.84 -46.72 13.02
C PHE A 32 39.01 -46.06 13.73
N GLN A 33 40.22 -46.46 13.37
CA GLN A 33 41.42 -45.85 13.93
C GLN A 33 41.76 -44.52 13.28
N ASN A 34 41.04 -44.13 12.23
CA ASN A 34 41.23 -42.86 11.56
C ASN A 34 39.98 -42.00 11.52
N SER A 35 38.78 -42.60 11.44
CA SER A 35 37.56 -41.83 11.58
C SER A 35 37.58 -41.03 12.87
N LEU A 36 38.11 -41.64 13.93
CA LEU A 36 38.36 -40.89 15.15
C LEU A 36 39.38 -39.80 14.93
N LEU A 37 40.43 -40.09 14.14
CA LEU A 37 41.53 -39.14 14.01
C LEU A 37 41.10 -37.88 13.29
N ALA A 38 40.07 -37.95 12.45
CA ALA A 38 39.56 -36.74 11.82
C ALA A 38 38.88 -35.80 12.80
N TRP A 39 38.55 -36.28 14.01
CA TRP A 39 37.94 -35.43 15.02
C TRP A 39 38.91 -34.43 15.63
N VAL A 40 40.22 -34.64 15.44
CA VAL A 40 41.19 -33.82 16.16
C VAL A 40 41.10 -32.35 15.80
N PRO A 41 41.12 -31.95 14.53
CA PRO A 41 40.99 -30.51 14.24
C PRO A 41 39.65 -29.93 14.65
N CYS A 42 38.57 -30.71 14.54
CA CYS A 42 37.25 -30.19 14.90
C CYS A 42 37.19 -29.85 16.37
N ILE A 43 37.62 -30.77 17.22
CA ILE A 43 37.60 -30.50 18.66
C ILE A 43 38.57 -29.36 18.98
N TYR A 44 39.68 -29.26 18.25
CA TYR A 44 40.62 -28.17 18.48
C TYR A 44 39.96 -26.82 18.20
N LEU A 45 39.36 -26.67 17.03
CA LEU A 45 38.75 -25.39 16.70
C LEU A 45 37.60 -25.07 17.62
N TRP A 46 36.80 -26.08 17.98
CA TRP A 46 35.68 -25.85 18.87
C TRP A 46 36.14 -25.39 20.25
N VAL A 47 37.19 -26.01 20.79
CA VAL A 47 37.64 -25.61 22.12
C VAL A 47 38.36 -24.28 22.05
N ALA A 48 38.99 -23.96 20.92
CA ALA A 48 39.68 -22.69 20.79
C ALA A 48 38.74 -21.52 20.53
N LEU A 49 37.53 -21.81 20.03
CA LEU A 49 36.61 -20.72 19.69
C LEU A 49 36.30 -19.79 20.85
N PRO A 50 35.87 -20.26 22.03
CA PRO A 50 35.54 -19.31 23.10
C PRO A 50 36.75 -18.66 23.72
N CYS A 51 37.96 -19.14 23.43
CA CYS A 51 39.19 -18.47 23.83
C CYS A 51 39.83 -17.72 22.67
N TYR A 52 39.05 -17.47 21.62
CA TYR A 52 39.47 -16.69 20.47
C TYR A 52 38.60 -15.46 20.24
N LEU A 53 37.29 -15.58 20.46
CA LEU A 53 36.42 -14.43 20.33
C LEU A 53 36.62 -13.42 21.44
N LEU A 54 37.29 -13.80 22.52
CA LEU A 54 37.67 -12.84 23.55
C LEU A 54 38.96 -12.11 23.24
N TYR A 55 39.69 -12.55 22.21
CA TYR A 55 40.85 -11.84 21.71
C TYR A 55 40.56 -11.12 20.40
N LEU A 56 39.65 -11.65 19.58
CA LEU A 56 39.19 -10.93 18.40
C LEU A 56 38.57 -9.59 18.79
N ARG A 57 37.88 -9.54 19.93
CA ARG A 57 37.32 -8.28 20.39
C ARG A 57 38.34 -7.42 21.11
N HIS A 58 39.57 -7.91 21.29
CA HIS A 58 40.65 -7.06 21.79
C HIS A 58 41.26 -6.21 20.69
N HIS A 59 40.99 -6.54 19.43
CA HIS A 59 41.26 -5.64 18.32
C HIS A 59 40.07 -4.70 18.19
N CYS A 60 40.31 -3.39 18.33
CA CYS A 60 39.20 -2.44 18.41
C CYS A 60 38.34 -2.50 17.15
N ARG A 61 38.89 -2.09 16.01
CA ARG A 61 38.19 -2.12 14.73
C ARG A 61 39.23 -2.05 13.63
N GLY A 62 39.32 -3.10 12.81
CA GLY A 62 40.19 -3.02 11.66
C GLY A 62 39.45 -2.87 10.34
N TYR A 63 38.41 -3.67 10.14
CA TYR A 63 37.57 -3.65 8.95
C TYR A 63 38.42 -3.71 7.66
N ILE A 64 39.10 -4.85 7.49
CA ILE A 64 39.79 -5.11 6.24
C ILE A 64 38.80 -5.13 5.10
N ILE A 65 39.16 -4.47 3.99
CA ILE A 65 38.27 -4.40 2.84
C ILE A 65 38.13 -5.78 2.22
N LEU A 66 36.97 -6.04 1.61
CA LEU A 66 36.70 -7.34 1.01
C LEU A 66 37.55 -7.50 -0.25
N SER A 67 38.72 -8.11 -0.11
CA SER A 67 39.55 -8.39 -1.27
C SER A 67 39.01 -9.60 -2.01
N HIS A 68 39.69 -9.99 -3.09
CA HIS A 68 39.31 -11.19 -3.81
C HIS A 68 39.89 -12.45 -3.17
N LEU A 69 40.83 -12.31 -2.24
CA LEU A 69 41.31 -13.48 -1.51
C LEU A 69 40.28 -13.92 -0.48
N SER A 70 39.94 -13.01 0.44
CA SER A 70 38.95 -13.34 1.46
C SER A 70 37.58 -13.64 0.86
N LYS A 71 37.27 -13.07 -0.31
CA LYS A 71 36.03 -13.43 -0.98
C LYS A 71 36.05 -14.86 -1.47
N LEU A 72 37.24 -15.45 -1.64
CA LEU A 72 37.37 -16.83 -2.07
C LEU A 72 37.90 -17.73 -0.97
N LYS A 73 38.46 -17.18 0.09
CA LYS A 73 38.81 -17.99 1.25
C LYS A 73 37.59 -18.55 1.94
N MET A 74 36.39 -18.00 1.67
CA MET A 74 35.16 -18.49 2.26
C MET A 74 34.26 -19.18 1.25
N VAL A 75 34.77 -19.46 0.05
CA VAL A 75 34.01 -20.21 -0.94
C VAL A 75 34.59 -21.62 -1.01
N LEU A 76 35.90 -21.73 -0.76
CA LEU A 76 36.48 -23.05 -0.56
C LEU A 76 35.77 -23.76 0.58
N GLY A 77 35.59 -23.06 1.69
CA GLY A 77 35.01 -23.71 2.86
C GLY A 77 33.58 -24.14 2.66
N VAL A 78 32.77 -23.30 2.02
CA VAL A 78 31.37 -23.68 1.79
C VAL A 78 31.30 -24.87 0.84
N LEU A 79 32.08 -24.84 -0.23
CA LEU A 79 32.18 -26.02 -1.08
C LEU A 79 32.71 -27.21 -0.30
N LEU A 80 33.59 -26.95 0.67
CA LEU A 80 34.14 -28.04 1.46
C LEU A 80 33.08 -28.67 2.35
N TRP A 81 32.16 -27.85 2.87
CA TRP A 81 30.98 -28.39 3.53
C TRP A 81 30.16 -29.22 2.56
N CYS A 82 29.96 -28.69 1.36
CA CYS A 82 29.14 -29.39 0.39
C CYS A 82 29.80 -30.68 -0.09
N VAL A 83 31.07 -30.91 0.23
CA VAL A 83 31.67 -32.21 -0.05
C VAL A 83 31.85 -32.94 1.28
N SER A 84 31.60 -32.25 2.38
CA SER A 84 31.43 -32.89 3.68
C SER A 84 30.00 -33.27 3.92
N TRP A 85 29.17 -33.13 2.89
CA TRP A 85 27.80 -33.63 2.88
C TRP A 85 27.74 -35.03 2.29
N ALA A 86 28.22 -35.20 1.07
CA ALA A 86 28.29 -36.53 0.50
C ALA A 86 29.20 -37.44 1.33
N ASP A 87 30.15 -36.86 2.07
CA ASP A 87 30.91 -37.64 3.03
C ASP A 87 30.03 -38.12 4.16
N LEU A 88 28.86 -37.52 4.34
CA LEU A 88 27.88 -37.95 5.33
C LEU A 88 26.80 -38.83 4.69
N PHE A 89 26.08 -38.30 3.70
CA PHE A 89 24.94 -39.04 3.18
C PHE A 89 25.34 -40.35 2.53
N TYR A 90 26.60 -40.54 2.21
CA TYR A 90 27.06 -41.88 1.89
C TYR A 90 26.92 -42.79 3.10
N SER A 91 27.25 -42.27 4.28
CA SER A 91 27.10 -43.07 5.50
C SER A 91 25.64 -43.42 5.75
N PHE A 92 24.73 -42.47 5.54
CA PHE A 92 23.31 -42.76 5.72
C PHE A 92 22.77 -43.73 4.69
N HIS A 93 23.48 -43.96 3.60
CA HIS A 93 23.00 -44.93 2.63
C HIS A 93 22.96 -46.34 3.20
N GLY A 94 23.62 -46.58 4.33
CA GLY A 94 23.53 -47.89 4.96
C GLY A 94 22.15 -48.22 5.46
N LEU A 95 21.27 -47.23 5.58
CA LEU A 95 19.91 -47.50 6.03
C LEU A 95 19.22 -48.49 5.11
N VAL A 96 19.23 -48.22 3.80
CA VAL A 96 18.92 -49.26 2.84
C VAL A 96 20.05 -50.27 2.86
N HIS A 97 19.72 -51.51 2.49
CA HIS A 97 20.55 -52.70 2.67
C HIS A 97 20.66 -53.09 4.14
N GLY A 98 20.05 -52.34 5.06
CA GLY A 98 19.88 -52.80 6.42
C GLY A 98 20.85 -52.26 7.46
N ARG A 99 22.10 -52.04 7.09
CA ARG A 99 23.12 -51.71 8.08
C ARG A 99 22.97 -50.29 8.60
N ALA A 100 22.26 -50.12 9.71
CA ALA A 100 22.19 -48.81 10.33
C ALA A 100 23.58 -48.40 10.80
N PRO A 101 24.09 -47.24 10.39
CA PRO A 101 25.48 -46.90 10.69
C PRO A 101 25.73 -46.77 12.19
N ALA A 102 26.92 -47.18 12.61
CA ALA A 102 27.34 -46.92 13.98
C ALA A 102 27.59 -45.42 14.14
N PRO A 103 27.49 -44.90 15.37
CA PRO A 103 27.63 -43.45 15.53
C PRO A 103 28.95 -42.90 15.03
N VAL A 104 30.06 -43.60 15.22
CA VAL A 104 31.33 -43.09 14.74
C VAL A 104 31.34 -42.98 13.23
N PHE A 105 30.51 -43.76 12.55
CA PHE A 105 30.53 -43.81 11.11
C PHE A 105 29.67 -42.73 10.46
N PHE A 106 28.88 -42.00 11.25
CA PHE A 106 28.06 -40.93 10.72
C PHE A 106 28.10 -39.65 11.53
N VAL A 107 28.90 -39.58 12.59
CA VAL A 107 29.02 -38.32 13.32
C VAL A 107 30.27 -37.59 12.86
N THR A 108 31.33 -38.32 12.53
CA THR A 108 32.54 -37.64 12.07
C THR A 108 32.30 -36.79 10.84
N PRO A 109 31.61 -37.23 9.79
CA PRO A 109 31.31 -36.31 8.70
C PRO A 109 30.32 -35.25 9.09
N LEU A 110 29.46 -35.51 10.06
CA LEU A 110 28.50 -34.51 10.48
C LEU A 110 29.13 -33.41 11.31
N VAL A 111 30.26 -33.66 11.95
CA VAL A 111 30.90 -32.66 12.78
C VAL A 111 32.13 -32.05 12.10
N VAL A 112 32.73 -32.73 11.12
CA VAL A 112 33.78 -32.08 10.33
C VAL A 112 33.07 -31.41 9.17
N GLY A 113 31.74 -31.35 9.26
CA GLY A 113 30.95 -30.58 8.33
C GLY A 113 30.40 -29.35 9.00
N VAL A 114 30.05 -29.46 10.28
CA VAL A 114 29.58 -28.29 11.00
C VAL A 114 30.71 -27.29 11.19
N THR A 115 31.90 -27.77 11.56
CA THR A 115 32.99 -26.83 11.80
C THR A 115 33.33 -26.03 10.55
N MET A 116 33.10 -26.59 9.36
CA MET A 116 33.40 -25.84 8.15
C MET A 116 32.45 -24.67 7.97
N LEU A 117 31.18 -24.84 8.35
CA LEU A 117 30.30 -23.69 8.44
C LEU A 117 30.70 -22.76 9.56
N LEU A 118 31.61 -23.17 10.44
CA LEU A 118 32.23 -22.26 11.39
C LEU A 118 33.60 -21.79 10.93
N ALA A 119 34.31 -22.58 10.13
CA ALA A 119 35.53 -22.07 9.52
C ALA A 119 35.22 -20.92 8.57
N THR A 120 34.21 -21.09 7.71
CA THR A 120 33.80 -20.04 6.80
C THR A 120 33.06 -19.00 7.45
N LEU A 121 33.00 -19.04 8.76
CA LEU A 121 32.34 -17.98 9.49
C LEU A 121 33.32 -17.21 10.37
N LEU A 122 34.31 -17.89 10.94
CA LEU A 122 35.44 -17.15 11.51
C LEU A 122 36.29 -16.51 10.44
N ILE A 123 36.30 -17.05 9.21
CA ILE A 123 36.96 -16.33 8.14
C ILE A 123 36.28 -14.98 7.92
N GLN A 124 34.95 -14.97 7.92
CA GLN A 124 34.21 -13.73 7.70
C GLN A 124 34.33 -12.80 8.90
N TYR A 125 34.12 -13.33 10.10
CA TYR A 125 34.13 -12.48 11.27
C TYR A 125 35.54 -11.99 11.59
N GLU A 126 36.56 -12.74 11.20
CA GLU A 126 37.92 -12.27 11.38
C GLU A 126 38.19 -11.05 10.51
N ARG A 127 37.87 -11.16 9.22
CA ARG A 127 38.11 -10.06 8.29
C ARG A 127 37.39 -8.81 8.75
N LEU A 128 36.18 -8.97 9.26
CA LEU A 128 35.43 -7.84 9.78
C LEU A 128 36.06 -7.25 11.03
N GLN A 129 37.02 -7.95 11.63
CA GLN A 129 37.86 -7.37 12.68
C GLN A 129 39.28 -7.20 12.13
N GLY A 130 40.17 -6.69 12.99
CA GLY A 130 41.46 -6.22 12.53
C GLY A 130 42.41 -7.31 12.06
N VAL A 131 42.20 -8.55 12.50
CA VAL A 131 43.20 -9.59 12.28
C VAL A 131 43.33 -9.91 10.79
N GLN A 132 44.57 -10.11 10.35
CA GLN A 132 44.85 -10.47 8.96
C GLN A 132 45.46 -11.85 8.84
N SER A 133 46.58 -12.10 9.51
CA SER A 133 47.14 -13.44 9.58
C SER A 133 46.36 -14.20 10.65
N SER A 134 45.52 -15.13 10.22
CA SER A 134 44.50 -15.68 11.10
C SER A 134 45.13 -16.32 12.34
N GLY A 135 46.18 -17.10 12.16
CA GLY A 135 46.86 -17.68 13.29
C GLY A 135 46.17 -18.92 13.82
N VAL A 136 45.01 -18.74 14.45
CA VAL A 136 44.27 -19.90 14.97
C VAL A 136 43.71 -20.72 13.83
N LEU A 137 43.17 -20.06 12.82
CA LEU A 137 42.51 -20.77 11.73
C LEU A 137 43.51 -21.36 10.73
N ILE A 138 44.69 -20.77 10.58
CA ILE A 138 45.72 -21.43 9.79
C ILE A 138 46.17 -22.70 10.50
N ILE A 139 46.25 -22.67 11.83
CA ILE A 139 46.52 -23.89 12.58
C ILE A 139 45.41 -24.90 12.37
N PHE A 140 44.16 -24.44 12.36
CA PHE A 140 43.04 -25.35 12.13
C PHE A 140 43.17 -26.07 10.80
N TRP A 141 43.40 -25.33 9.72
CA TRP A 141 43.57 -25.98 8.44
C TRP A 141 44.79 -26.88 8.44
N PHE A 142 45.86 -26.47 9.14
CA PHE A 142 47.07 -27.28 9.19
C PHE A 142 46.79 -28.63 9.83
N LEU A 143 46.07 -28.64 10.95
CA LEU A 143 45.74 -29.92 11.58
C LEU A 143 44.80 -30.73 10.70
N CYS A 144 43.87 -30.07 10.01
CA CYS A 144 43.01 -30.80 9.08
C CYS A 144 43.83 -31.51 8.01
N VAL A 145 44.91 -30.86 7.56
CA VAL A 145 45.79 -31.51 6.59
C VAL A 145 46.57 -32.63 7.26
N VAL A 146 47.11 -32.40 8.45
CA VAL A 146 48.00 -33.36 9.09
C VAL A 146 47.26 -34.64 9.42
N CYS A 147 46.11 -34.52 10.08
CA CYS A 147 45.35 -35.72 10.44
C CYS A 147 44.82 -36.46 9.23
N ALA A 148 44.84 -35.85 8.05
CA ALA A 148 44.49 -36.54 6.83
C ALA A 148 45.70 -37.12 6.12
N ILE A 149 46.90 -36.88 6.62
CA ILE A 149 48.09 -37.48 6.02
C ILE A 149 48.06 -39.00 6.16
N VAL A 150 47.71 -39.49 7.36
CA VAL A 150 47.76 -40.93 7.60
C VAL A 150 46.85 -41.70 6.66
N PRO A 151 45.56 -41.37 6.52
CA PRO A 151 44.76 -42.05 5.49
C PRO A 151 45.28 -41.80 4.09
N PHE A 152 45.81 -40.60 3.84
CA PHE A 152 46.47 -40.34 2.57
C PHE A 152 47.66 -41.27 2.38
N ARG A 153 48.47 -41.42 3.42
CA ARG A 153 49.63 -42.30 3.38
C ARG A 153 49.24 -43.77 3.34
N SER A 154 47.96 -44.09 3.56
CA SER A 154 47.49 -45.47 3.57
C SER A 154 46.60 -45.81 2.39
N LYS A 155 45.65 -44.92 2.03
CA LYS A 155 44.71 -45.24 0.97
C LYS A 155 45.40 -45.39 -0.37
N ILE A 156 46.46 -44.61 -0.61
CA ILE A 156 47.18 -44.71 -1.87
C ILE A 156 47.80 -46.10 -2.02
N LEU A 157 48.50 -46.56 -0.98
CA LEU A 157 49.19 -47.84 -1.07
C LEU A 157 48.21 -49.00 -1.21
N LEU A 158 47.09 -48.95 -0.49
CA LEU A 158 46.12 -50.02 -0.56
C LEU A 158 45.42 -50.08 -1.92
N ALA A 159 45.33 -48.95 -2.63
CA ALA A 159 44.58 -48.91 -3.87
C ALA A 159 45.36 -49.53 -5.02
N LYS A 160 46.53 -48.96 -5.33
CA LYS A 160 47.29 -49.40 -6.51
C LYS A 160 47.72 -50.85 -6.38
N ALA A 161 48.20 -51.24 -5.21
CA ALA A 161 48.76 -52.58 -5.04
C ALA A 161 47.70 -53.65 -5.23
N GLU A 162 46.51 -53.44 -4.67
CA GLU A 162 45.47 -54.46 -4.68
C GLU A 162 44.52 -54.37 -5.87
N GLY A 163 44.73 -53.43 -6.79
CA GLY A 163 43.78 -53.30 -7.87
C GLY A 163 43.29 -51.89 -8.13
N GLU A 164 42.02 -51.65 -7.84
CA GLU A 164 41.28 -50.54 -8.42
C GLU A 164 40.43 -49.91 -7.32
N ILE A 165 39.38 -49.19 -7.73
CA ILE A 165 38.70 -48.11 -7.03
C ILE A 165 38.56 -48.32 -5.52
N SER A 166 38.03 -49.48 -5.09
CA SER A 166 37.96 -49.80 -3.66
C SER A 166 37.14 -48.75 -2.89
N ASP A 167 35.82 -48.81 -3.12
CA ASP A 167 34.78 -47.93 -2.58
C ASP A 167 35.04 -46.49 -3.02
N PRO A 168 34.78 -46.19 -4.30
CA PRO A 168 35.17 -44.89 -4.85
C PRO A 168 34.53 -43.70 -4.16
N PHE A 169 33.34 -43.86 -3.57
CA PHE A 169 32.69 -42.69 -3.00
C PHE A 169 33.45 -42.15 -1.81
N ARG A 170 33.81 -43.01 -0.85
CA ARG A 170 34.62 -42.56 0.27
C ARG A 170 36.01 -42.15 -0.18
N PHE A 171 36.45 -42.63 -1.34
CA PHE A 171 37.73 -42.21 -1.90
C PHE A 171 37.66 -40.77 -2.37
N THR A 172 36.77 -40.48 -3.32
CA THR A 172 36.68 -39.14 -3.88
C THR A 172 36.27 -38.12 -2.83
N THR A 173 35.32 -38.47 -1.97
CA THR A 173 34.93 -37.54 -0.91
C THR A 173 36.11 -37.25 0.02
N PHE A 174 37.06 -38.16 0.12
CA PHE A 174 38.29 -37.86 0.85
C PHE A 174 39.20 -36.97 0.02
N TYR A 175 39.47 -37.36 -1.21
CA TYR A 175 40.48 -36.67 -1.99
C TYR A 175 39.98 -35.37 -2.61
N ILE A 176 38.67 -35.11 -2.55
CA ILE A 176 38.22 -33.75 -2.76
C ILE A 176 38.31 -32.97 -1.46
N HIS A 177 38.10 -33.62 -0.33
CA HIS A 177 38.32 -32.97 0.95
C HIS A 177 39.78 -32.59 1.13
N PHE A 178 40.70 -33.48 0.72
CA PHE A 178 42.11 -33.15 0.87
C PHE A 178 42.51 -31.98 -0.01
N ALA A 179 42.07 -31.96 -1.26
CA ALA A 179 42.39 -30.84 -2.13
C ALA A 179 41.82 -29.54 -1.57
N LEU A 180 40.57 -29.57 -1.11
CA LEU A 180 39.95 -28.37 -0.56
C LEU A 180 40.70 -27.87 0.66
N VAL A 181 41.06 -28.78 1.59
CA VAL A 181 41.73 -28.34 2.80
C VAL A 181 43.14 -27.86 2.48
N LEU A 182 43.82 -28.49 1.53
CA LEU A 182 45.16 -28.04 1.15
C LEU A 182 45.09 -26.64 0.55
N SER A 183 44.12 -26.42 -0.35
CA SER A 183 43.99 -25.09 -0.95
C SER A 183 43.61 -24.05 0.08
N ALA A 184 42.75 -24.41 1.04
CA ALA A 184 42.37 -23.46 2.08
C ALA A 184 43.56 -23.11 2.96
N LEU A 185 44.38 -24.10 3.32
CA LEU A 185 45.58 -23.81 4.10
C LEU A 185 46.51 -22.89 3.33
N ILE A 186 46.73 -23.17 2.05
CA ILE A 186 47.63 -22.33 1.26
C ILE A 186 47.10 -20.90 1.20
N LEU A 187 45.80 -20.75 0.94
CA LEU A 187 45.21 -19.42 0.86
C LEU A 187 45.19 -18.70 2.20
N ALA A 188 45.15 -19.44 3.30
CA ALA A 188 45.25 -18.81 4.60
C ALA A 188 46.69 -18.51 4.98
N CYS A 189 47.65 -19.04 4.23
CA CYS A 189 49.05 -18.71 4.45
C CYS A 189 49.41 -17.32 3.93
N PHE A 190 48.58 -16.75 3.07
CA PHE A 190 48.86 -15.43 2.53
C PHE A 190 48.56 -14.35 3.57
N ARG A 191 49.00 -13.13 3.27
CA ARG A 191 48.76 -11.99 4.14
C ARG A 191 47.55 -11.20 3.64
N GLU A 192 47.22 -10.13 4.36
CA GLU A 192 46.09 -9.27 4.01
C GLU A 192 46.54 -7.81 4.09
N LYS A 193 45.61 -6.93 3.76
CA LYS A 193 45.86 -5.50 3.79
C LYS A 193 45.84 -4.98 5.22
N PRO A 194 46.48 -3.85 5.47
CA PRO A 194 46.39 -3.22 6.78
C PRO A 194 44.97 -2.76 7.06
N PRO A 195 44.60 -2.61 8.34
CA PRO A 195 43.21 -2.27 8.67
C PRO A 195 42.71 -0.98 8.05
N PHE A 196 43.54 0.07 8.00
CA PHE A 196 43.19 1.39 7.43
C PHE A 196 41.85 1.91 7.94
N PHE A 197 41.40 1.47 9.12
CA PHE A 197 39.98 1.34 9.40
C PHE A 197 39.16 2.61 9.18
N SER A 198 39.35 3.63 10.01
CA SER A 198 38.53 4.85 9.93
C SER A 198 38.88 5.85 11.01
N ALA A 199 38.26 7.03 10.93
CA ALA A 199 38.17 7.93 12.08
C ALA A 199 36.82 7.67 12.76
N LYS A 200 36.45 8.52 13.72
CA LYS A 200 35.14 8.38 14.35
C LYS A 200 34.06 8.74 13.35
N ASN A 201 33.03 7.88 13.23
CA ASN A 201 32.13 7.98 12.10
C ASN A 201 31.07 9.06 12.29
N VAL A 202 30.18 8.88 13.25
CA VAL A 202 29.02 9.77 13.40
C VAL A 202 28.35 9.51 14.74
N ASP A 203 27.68 10.52 15.29
CA ASP A 203 27.19 10.44 16.66
C ASP A 203 25.92 9.62 16.91
N PRO A 204 24.92 9.56 15.99
CA PRO A 204 23.62 9.03 16.43
C PRO A 204 23.67 7.52 16.58
N ASN A 205 22.53 6.92 16.89
CA ASN A 205 22.46 5.46 16.95
C ASN A 205 22.82 4.84 15.62
N PRO A 206 23.98 4.19 15.50
CA PRO A 206 24.35 3.56 14.24
C PRO A 206 23.76 2.17 14.14
N TYR A 207 23.56 1.75 12.90
CA TYR A 207 22.97 0.46 12.58
C TYR A 207 23.76 -0.65 13.26
N PRO A 208 23.22 -1.27 14.31
CA PRO A 208 24.01 -2.14 15.18
C PRO A 208 24.22 -3.55 14.63
N GLU A 209 24.61 -3.63 13.36
CA GLU A 209 25.22 -4.85 12.87
C GLU A 209 26.72 -4.72 12.78
N THR A 210 27.20 -3.54 12.39
CA THR A 210 28.57 -3.17 12.67
C THR A 210 28.75 -3.09 14.18
N SER A 211 29.93 -3.51 14.66
CA SER A 211 30.22 -3.58 16.08
C SER A 211 29.21 -4.49 16.79
N ALA A 212 29.23 -5.75 16.40
CA ALA A 212 28.42 -6.78 17.01
C ALA A 212 29.22 -8.06 17.07
N GLY A 213 29.34 -8.63 18.26
CA GLY A 213 30.17 -9.81 18.46
C GLY A 213 29.66 -11.00 17.67
N PHE A 214 30.54 -12.00 17.54
CA PHE A 214 30.21 -13.19 16.76
C PHE A 214 28.89 -13.79 17.18
N LEU A 215 28.80 -14.22 18.44
CA LEU A 215 27.60 -14.90 18.90
C LEU A 215 26.38 -13.98 18.87
N SER A 216 26.59 -12.67 18.90
CA SER A 216 25.47 -11.74 18.99
C SER A 216 24.90 -11.33 17.65
N ARG A 217 25.65 -11.52 16.57
CA ARG A 217 25.13 -11.25 15.23
C ARG A 217 24.66 -12.52 14.54
N LEU A 218 24.98 -13.68 15.09
CA LEU A 218 24.53 -14.93 14.50
C LEU A 218 23.06 -15.15 14.83
N PHE A 219 22.63 -14.77 16.02
CA PHE A 219 21.27 -14.98 16.50
C PHE A 219 20.41 -13.74 16.43
N PHE A 220 20.85 -12.69 15.75
CA PHE A 220 20.15 -11.42 15.68
C PHE A 220 19.91 -10.84 17.06
N TRP A 221 20.86 -11.03 17.97
CA TRP A 221 20.68 -10.54 19.32
C TRP A 221 20.88 -9.03 19.43
N TRP A 222 21.49 -8.40 18.41
CA TRP A 222 21.71 -6.96 18.52
C TRP A 222 20.43 -6.17 18.35
N PHE A 223 19.47 -6.69 17.61
CA PHE A 223 18.20 -5.99 17.46
C PHE A 223 17.43 -5.87 18.77
N THR A 224 17.78 -6.66 19.80
CA THR A 224 16.97 -6.74 20.99
C THR A 224 16.76 -5.37 21.64
N LYS A 225 17.76 -4.49 21.55
CA LYS A 225 17.65 -3.19 22.19
C LYS A 225 16.41 -2.44 21.74
N MET A 226 16.03 -2.57 20.48
CA MET A 226 14.75 -2.00 20.07
C MET A 226 13.58 -2.85 20.50
N ALA A 227 13.75 -4.18 20.59
CA ALA A 227 12.65 -5.01 21.05
C ALA A 227 12.24 -4.63 22.47
N ILE A 228 13.20 -4.23 23.29
CA ILE A 228 12.88 -3.65 24.59
C ILE A 228 12.25 -2.28 24.42
N TYR A 229 12.95 -1.38 23.72
CA TYR A 229 12.46 -0.01 23.56
C TYR A 229 11.18 0.06 22.74
N GLY A 230 10.86 -0.97 21.98
CA GLY A 230 9.62 -0.99 21.23
C GLY A 230 8.44 -1.49 22.01
N TYR A 231 8.59 -1.65 23.32
CA TYR A 231 7.54 -2.13 24.21
C TYR A 231 7.28 -1.19 25.37
N ARG A 232 8.31 -0.52 25.87
CA ARG A 232 8.14 0.47 26.93
C ARG A 232 7.71 1.83 26.42
N HIS A 233 7.79 2.08 25.12
CA HIS A 233 7.56 3.40 24.56
C HIS A 233 7.06 3.24 23.14
N PRO A 234 6.57 4.30 22.51
CA PRO A 234 6.31 4.27 21.08
C PRO A 234 7.56 4.68 20.31
N LEU A 235 7.55 4.37 19.02
CA LEU A 235 8.68 4.64 18.15
C LEU A 235 8.36 5.77 17.20
N GLU A 236 9.25 6.75 17.12
CA GLU A 236 9.14 7.84 16.17
C GLU A 236 10.44 7.92 15.38
N GLU A 237 10.40 8.70 14.29
CA GLU A 237 11.47 8.65 13.30
C GLU A 237 12.83 8.97 13.91
N LYS A 238 12.86 9.70 15.03
CA LYS A 238 14.13 10.08 15.62
C LYS A 238 14.90 8.90 16.19
N ASP A 239 14.25 7.75 16.40
CA ASP A 239 14.85 6.62 17.08
C ASP A 239 14.87 5.37 16.21
N LEU A 240 15.22 5.53 14.93
CA LEU A 240 15.45 4.40 14.05
C LEU A 240 16.94 4.26 13.79
N TRP A 241 17.30 3.10 13.22
CA TRP A 241 18.70 2.84 12.91
C TRP A 241 19.18 3.85 11.87
N SER A 242 20.11 4.72 12.25
CA SER A 242 20.76 5.58 11.27
C SER A 242 21.44 4.70 10.24
N LEU A 243 20.96 4.76 9.01
CA LEU A 243 21.21 3.70 8.04
C LEU A 243 22.70 3.57 7.74
N LYS A 244 23.12 2.37 7.37
CA LYS A 244 24.53 2.09 7.17
C LYS A 244 24.99 2.62 5.82
N GLU A 245 26.29 2.94 5.75
CA GLU A 245 26.79 3.79 4.67
C GLU A 245 26.67 3.13 3.31
N GLU A 246 26.74 1.80 3.24
CA GLU A 246 26.82 1.14 1.94
C GLU A 246 25.58 1.40 1.10
N ASP A 247 24.40 1.34 1.71
CA ASP A 247 23.14 1.44 0.98
C ASP A 247 22.31 2.60 1.54
N ARG A 248 22.59 3.80 1.04
CA ARG A 248 21.87 5.00 1.43
C ARG A 248 21.05 5.55 0.28
N SER A 249 20.80 4.75 -0.74
CA SER A 249 19.96 5.08 -1.90
C SER A 249 20.58 6.12 -2.81
N GLN A 250 21.71 6.69 -2.43
CA GLN A 250 22.53 7.45 -3.37
C GLN A 250 23.84 6.75 -3.64
N MET A 251 24.12 5.66 -2.93
CA MET A 251 25.24 4.79 -3.24
C MET A 251 24.81 3.47 -3.83
N VAL A 252 23.50 3.20 -3.89
CA VAL A 252 23.00 2.03 -4.61
C VAL A 252 22.36 2.42 -5.94
N VAL A 253 21.91 3.66 -6.09
CA VAL A 253 21.49 4.14 -7.41
C VAL A 253 22.71 4.30 -8.31
N GLN A 254 23.76 4.92 -7.79
CA GLN A 254 25.00 5.05 -8.54
C GLN A 254 25.51 3.70 -9.01
N GLN A 255 25.44 2.69 -8.13
CA GLN A 255 25.86 1.35 -8.50
C GLN A 255 25.01 0.77 -9.60
N LEU A 256 23.83 1.33 -9.85
CA LEU A 256 23.00 0.88 -10.96
C LEU A 256 23.07 1.81 -12.16
N LEU A 257 23.22 3.12 -11.95
CA LEU A 257 23.44 4.02 -13.07
C LEU A 257 24.74 3.69 -13.79
N GLU A 258 25.80 3.39 -13.06
CA GLU A 258 27.06 3.08 -13.71
C GLU A 258 26.92 1.86 -14.61
N ALA A 259 26.25 0.82 -14.11
CA ALA A 259 26.03 -0.38 -14.91
C ALA A 259 25.15 -0.07 -16.11
N TRP A 260 24.08 0.69 -15.91
CA TRP A 260 23.18 1.00 -17.02
C TRP A 260 23.84 1.84 -18.10
N ARG A 261 24.69 2.80 -17.72
CA ARG A 261 25.44 3.55 -18.71
C ARG A 261 26.39 2.63 -19.45
N LYS A 262 27.20 1.86 -18.72
CA LYS A 262 28.22 1.04 -19.36
C LYS A 262 27.60 -0.07 -20.18
N GLN A 263 26.31 -0.34 -20.00
CA GLN A 263 25.58 -1.33 -20.78
C GLN A 263 24.81 -0.57 -21.85
N GLU A 264 25.51 -0.17 -22.90
CA GLU A 264 24.89 0.50 -24.04
C GLU A 264 25.35 -0.21 -25.30
N LYS A 265 25.06 0.38 -26.46
CA LYS A 265 25.26 -0.25 -27.76
C LYS A 265 26.65 -0.84 -27.88
N GLN A 266 27.68 -0.10 -27.45
CA GLN A 266 29.04 -0.59 -27.31
C GLN A 266 29.53 -1.23 -28.61
N THR A 267 29.54 -0.39 -29.66
CA THR A 267 29.99 -0.86 -30.96
C THR A 267 31.47 -1.25 -30.95
N ALA A 268 32.31 -0.47 -30.26
CA ALA A 268 33.73 -0.74 -30.20
C ALA A 268 34.05 -1.85 -29.20
N LYS A 296 18.53 -1.45 -28.25
CA LYS A 296 19.61 -2.43 -28.07
C LYS A 296 19.90 -2.77 -26.59
N PRO A 297 20.23 -1.79 -25.76
CA PRO A 297 20.58 -2.11 -24.38
C PRO A 297 19.37 -2.56 -23.58
N SER A 298 19.64 -3.39 -22.58
CA SER A 298 18.60 -4.05 -21.80
C SER A 298 18.82 -3.75 -20.32
N PHE A 299 17.72 -3.47 -19.62
CA PHE A 299 17.81 -3.20 -18.19
C PHE A 299 18.25 -4.44 -17.43
N LEU A 300 17.84 -5.61 -17.89
CA LEU A 300 18.07 -6.84 -17.14
C LEU A 300 19.56 -7.10 -16.94
N LYS A 301 20.36 -6.85 -17.98
CA LYS A 301 21.79 -7.10 -17.86
C LYS A 301 22.43 -6.22 -16.79
N ALA A 302 22.11 -4.93 -16.80
CA ALA A 302 22.64 -4.05 -15.77
C ALA A 302 22.13 -4.42 -14.40
N LEU A 303 20.85 -4.77 -14.31
CA LEU A 303 20.26 -5.11 -13.02
C LEU A 303 20.94 -6.35 -12.43
N LEU A 304 21.29 -7.32 -13.29
CA LEU A 304 22.04 -8.47 -12.81
C LEU A 304 23.45 -8.08 -12.42
N ALA A 305 24.15 -7.35 -13.29
CA ALA A 305 25.54 -7.03 -13.03
C ALA A 305 25.72 -6.15 -11.80
N THR A 306 24.67 -5.46 -11.35
CA THR A 306 24.76 -4.66 -10.14
C THR A 306 24.13 -5.31 -8.93
N PHE A 307 23.39 -6.41 -9.10
CA PHE A 307 22.79 -7.16 -8.01
C PHE A 307 23.03 -8.65 -8.21
N GLY A 308 24.26 -9.00 -8.54
CA GLY A 308 24.65 -10.39 -8.64
C GLY A 308 25.60 -10.75 -7.52
N SER A 309 26.33 -9.76 -7.03
CA SER A 309 27.17 -9.98 -5.86
C SER A 309 26.33 -10.30 -4.65
N SER A 310 25.20 -9.61 -4.48
CA SER A 310 24.33 -9.81 -3.33
C SER A 310 23.27 -10.87 -3.58
N PHE A 311 23.44 -11.69 -4.61
CA PHE A 311 22.48 -12.74 -4.91
C PHE A 311 23.12 -14.10 -5.17
N LEU A 312 24.41 -14.16 -5.47
CA LEU A 312 25.16 -15.40 -5.40
C LEU A 312 25.94 -15.52 -4.11
N ILE A 313 25.68 -14.63 -3.15
CA ILE A 313 26.06 -14.83 -1.76
C ILE A 313 24.84 -15.08 -0.89
N SER A 314 23.64 -14.93 -1.43
CA SER A 314 22.40 -15.33 -0.78
C SER A 314 21.81 -16.59 -1.38
N ALA A 315 22.48 -17.18 -2.37
CA ALA A 315 22.10 -18.50 -2.85
C ALA A 315 22.92 -19.60 -2.18
N CYS A 316 24.12 -19.28 -1.73
CA CYS A 316 24.87 -20.20 -0.89
C CYS A 316 24.14 -20.53 0.39
N PHE A 317 23.49 -19.55 1.04
CA PHE A 317 22.70 -19.84 2.23
C PHE A 317 21.51 -20.73 1.94
N LYS A 318 20.80 -20.49 0.83
CA LYS A 318 19.69 -21.36 0.49
C LYS A 318 20.18 -22.77 0.21
N LEU A 319 21.29 -22.90 -0.50
CA LEU A 319 21.84 -24.23 -0.78
C LEU A 319 22.23 -24.93 0.51
N ILE A 320 22.92 -24.23 1.41
CA ILE A 320 23.32 -24.82 2.67
C ILE A 320 22.10 -25.25 3.47
N GLN A 321 21.09 -24.39 3.53
CA GLN A 321 19.90 -24.72 4.30
C GLN A 321 19.19 -25.94 3.73
N ASP A 322 18.90 -25.93 2.43
CA ASP A 322 18.07 -27.03 1.93
C ASP A 322 18.87 -28.30 1.70
N LEU A 323 20.19 -28.26 1.83
CA LEU A 323 20.96 -29.50 1.93
C LEU A 323 21.21 -29.90 3.37
N LEU A 324 20.98 -29.00 4.32
CA LEU A 324 21.03 -29.31 5.74
C LEU A 324 19.69 -29.75 6.28
N SER A 325 18.63 -29.58 5.50
CA SER A 325 17.29 -29.92 5.96
C SER A 325 16.98 -31.39 5.83
N PHE A 326 17.61 -32.08 4.90
CA PHE A 326 17.38 -33.50 4.72
C PHE A 326 18.17 -34.35 5.71
N ILE A 327 18.79 -33.74 6.70
CA ILE A 327 19.43 -34.52 7.76
C ILE A 327 18.37 -35.07 8.71
N ASN A 328 17.43 -34.22 9.12
CA ASN A 328 16.50 -34.61 10.19
C ASN A 328 15.64 -35.82 9.86
N PRO A 329 15.05 -35.97 8.67
CA PRO A 329 14.32 -37.21 8.42
C PRO A 329 15.18 -38.45 8.54
N GLN A 330 16.44 -38.39 8.12
CA GLN A 330 17.30 -39.56 8.23
C GLN A 330 17.73 -39.81 9.66
N LEU A 331 18.04 -38.75 10.41
CA LEU A 331 18.29 -38.93 11.84
C LEU A 331 17.07 -39.53 12.53
N LEU A 332 15.88 -39.14 12.11
CA LEU A 332 14.67 -39.75 12.64
C LEU A 332 14.61 -41.23 12.30
N SER A 333 15.02 -41.59 11.09
CA SER A 333 15.07 -43.02 10.76
C SER A 333 16.03 -43.75 11.67
N ILE A 334 17.18 -43.12 11.96
CA ILE A 334 18.15 -43.74 12.86
C ILE A 334 17.56 -43.90 14.26
N LEU A 335 16.86 -42.88 14.74
CA LEU A 335 16.29 -42.93 16.08
C LEU A 335 15.23 -44.02 16.17
N ILE A 336 14.36 -44.10 15.17
CA ILE A 336 13.32 -45.12 15.17
C ILE A 336 13.94 -46.52 15.13
N ARG A 337 14.97 -46.72 14.31
CA ARG A 337 15.50 -48.06 14.15
C ARG A 337 16.59 -48.41 15.15
N PHE A 338 17.00 -47.48 16.01
CA PHE A 338 17.69 -47.86 17.24
C PHE A 338 16.74 -48.06 18.40
N ILE A 339 15.61 -47.34 18.44
CA ILE A 339 14.74 -47.42 19.59
C ILE A 339 14.10 -48.79 19.71
N SER A 340 14.03 -49.54 18.60
CA SER A 340 13.57 -50.92 18.67
C SER A 340 14.65 -51.85 19.19
N ASN A 341 15.90 -51.58 18.86
CA ASN A 341 16.98 -52.48 19.25
C ASN A 341 17.16 -52.44 20.77
N PRO A 342 17.15 -53.60 21.44
CA PRO A 342 17.40 -53.62 22.88
C PRO A 342 18.85 -53.77 23.26
N MET A 343 19.74 -54.08 22.32
CA MET A 343 21.15 -54.19 22.59
C MET A 343 21.92 -52.90 22.30
N ALA A 344 21.31 -51.96 21.60
CA ALA A 344 21.96 -50.67 21.37
C ALA A 344 22.06 -49.91 22.69
N PRO A 345 23.23 -49.38 23.03
CA PRO A 345 23.36 -48.70 24.31
C PRO A 345 22.48 -47.46 24.35
N SER A 346 22.17 -47.03 25.57
CA SER A 346 21.21 -45.94 25.74
C SER A 346 21.67 -44.69 25.03
N TRP A 347 22.95 -44.35 25.12
CA TRP A 347 23.40 -43.08 24.58
C TRP A 347 23.40 -43.02 23.05
N TRP A 348 23.23 -44.15 22.36
CA TRP A 348 23.08 -44.07 20.91
C TRP A 348 21.79 -43.38 20.51
N GLY A 349 20.84 -43.22 21.42
CA GLY A 349 19.62 -42.52 21.14
C GLY A 349 19.67 -41.10 21.68
N PHE A 350 20.32 -40.95 22.83
CA PHE A 350 20.51 -39.62 23.38
C PHE A 350 21.37 -38.77 22.45
N LEU A 351 22.41 -39.37 21.87
CA LEU A 351 23.24 -38.65 20.91
C LEU A 351 22.45 -38.25 19.68
N VAL A 352 21.60 -39.14 19.17
CA VAL A 352 20.81 -38.81 18.00
C VAL A 352 19.83 -37.68 18.31
N ALA A 353 19.21 -37.70 19.48
CA ALA A 353 18.36 -36.58 19.86
C ALA A 353 19.16 -35.29 19.97
N GLY A 354 20.33 -35.36 20.60
CA GLY A 354 21.14 -34.17 20.77
C GLY A 354 21.52 -33.52 19.45
N LEU A 355 22.01 -34.33 18.51
CA LEU A 355 22.39 -33.78 17.22
C LEU A 355 21.27 -33.82 16.21
N MET A 356 20.05 -34.11 16.65
CA MET A 356 18.86 -33.73 15.92
C MET A 356 18.34 -32.38 16.36
N PHE A 357 18.72 -31.95 17.56
CA PHE A 357 18.54 -30.55 17.92
C PHE A 357 19.62 -29.70 17.27
N LEU A 358 20.90 -30.03 17.53
CA LEU A 358 22.03 -29.22 17.08
C LEU A 358 22.26 -29.38 15.59
N CYS A 359 21.31 -30.00 14.89
CA CYS A 359 21.25 -29.98 13.44
C CYS A 359 19.91 -29.44 12.96
N SER A 360 19.06 -28.97 13.87
CA SER A 360 17.82 -28.29 13.53
C SER A 360 17.75 -26.90 14.11
N MET A 361 18.62 -26.55 15.04
CA MET A 361 18.88 -25.16 15.40
C MET A 361 19.99 -24.60 14.53
N MET A 362 20.33 -25.30 13.46
CA MET A 362 21.27 -24.87 12.46
C MET A 362 20.72 -24.96 11.06
N GLN A 363 19.76 -25.86 10.82
CA GLN A 363 19.00 -25.83 9.58
C GLN A 363 18.12 -24.61 9.52
N SER A 364 17.71 -24.09 10.67
CA SER A 364 16.90 -22.89 10.71
C SER A 364 17.63 -21.73 11.38
N LEU A 365 18.92 -21.62 11.13
CA LEU A 365 19.69 -20.47 11.53
C LEU A 365 20.43 -19.99 10.31
N ILE A 366 20.59 -20.87 9.33
CA ILE A 366 21.14 -20.52 8.02
C ILE A 366 19.97 -20.30 7.09
N LEU A 367 18.77 -20.18 7.67
CA LEU A 367 17.60 -19.76 6.92
C LEU A 367 17.04 -18.46 7.44
N GLN A 368 16.76 -18.34 8.73
CA GLN A 368 16.40 -17.04 9.27
C GLN A 368 17.52 -16.04 9.10
N HIS A 369 18.67 -16.46 8.59
CA HIS A 369 19.77 -15.59 8.24
C HIS A 369 19.95 -15.50 6.75
N TYR A 370 19.28 -16.37 5.99
CA TYR A 370 18.99 -16.17 4.58
C TYR A 370 18.07 -14.98 4.36
N TYR A 371 16.92 -14.97 5.04
CA TYR A 371 15.93 -13.94 4.77
C TYR A 371 16.49 -12.55 5.01
N HIS A 372 17.45 -12.43 5.92
CA HIS A 372 18.13 -11.18 6.13
C HIS A 372 18.92 -10.74 4.91
N TYR A 373 19.27 -11.66 4.02
CA TYR A 373 20.09 -11.31 2.86
C TYR A 373 19.34 -11.36 1.54
N ILE A 374 18.03 -11.61 1.55
CA ILE A 374 17.30 -11.58 0.29
C ILE A 374 16.05 -10.73 0.47
N PHE A 375 15.87 -10.18 1.66
CA PHE A 375 14.94 -9.07 1.79
C PHE A 375 15.66 -7.73 1.71
N VAL A 376 16.90 -7.69 2.18
CA VAL A 376 17.71 -6.48 2.12
C VAL A 376 18.39 -6.42 0.76
N THR A 377 17.97 -7.29 -0.15
CA THR A 377 18.20 -7.05 -1.57
C THR A 377 16.92 -6.80 -2.33
N GLY A 378 15.76 -7.25 -1.82
CA GLY A 378 14.51 -6.77 -2.35
C GLY A 378 14.35 -5.27 -2.14
N VAL A 379 14.78 -4.78 -0.98
CA VAL A 379 14.76 -3.35 -0.74
C VAL A 379 15.72 -2.63 -1.69
N LYS A 380 16.86 -3.26 -2.01
CA LYS A 380 17.79 -2.60 -2.93
C LYS A 380 17.26 -2.61 -4.35
N PHE A 381 16.54 -3.64 -4.77
CA PHE A 381 15.78 -3.54 -6.02
C PHE A 381 14.83 -2.36 -5.97
N ARG A 382 13.98 -2.32 -4.94
CA ARG A 382 12.96 -1.28 -4.86
C ARG A 382 13.56 0.10 -4.77
N THR A 383 14.83 0.21 -4.39
CA THR A 383 15.44 1.53 -4.34
C THR A 383 16.20 1.88 -5.62
N GLY A 384 16.98 0.94 -6.17
CA GLY A 384 17.67 1.22 -7.41
C GLY A 384 16.71 1.53 -8.55
N ILE A 385 15.62 0.76 -8.64
CA ILE A 385 14.66 0.99 -9.72
C ILE A 385 14.06 2.39 -9.60
N MET A 386 13.57 2.73 -8.41
CA MET A 386 12.97 4.03 -8.20
C MET A 386 13.96 5.18 -8.41
N GLY A 387 15.19 5.03 -7.94
CA GLY A 387 16.15 6.08 -8.14
C GLY A 387 16.46 6.30 -9.60
N VAL A 388 16.70 5.23 -10.36
CA VAL A 388 17.04 5.44 -11.77
C VAL A 388 15.84 5.97 -12.54
N ILE A 389 14.63 5.53 -12.20
CA ILE A 389 13.44 6.04 -12.88
C ILE A 389 13.27 7.52 -12.57
N TYR A 390 13.51 7.93 -11.33
CA TYR A 390 13.41 9.34 -10.99
C TYR A 390 14.46 10.15 -11.72
N ARG A 391 15.68 9.63 -11.81
CA ARG A 391 16.72 10.34 -12.55
C ARG A 391 16.32 10.53 -14.00
N LYS A 392 15.70 9.51 -14.60
CA LYS A 392 15.23 9.64 -15.97
C LYS A 392 14.12 10.67 -16.08
N ALA A 393 13.09 10.55 -15.24
CA ALA A 393 11.88 11.36 -15.38
C ALA A 393 12.15 12.84 -15.23
N LEU A 394 13.24 13.22 -14.58
CA LEU A 394 13.58 14.62 -14.49
C LEU A 394 13.86 15.22 -15.86
N VAL A 395 14.58 14.49 -16.72
CA VAL A 395 14.98 14.99 -18.04
C VAL A 395 14.66 13.92 -19.08
N ILE A 396 13.47 13.99 -19.67
CA ILE A 396 13.24 13.22 -20.88
C ILE A 396 12.76 14.11 -22.04
N THR A 397 11.52 14.62 -21.96
CA THR A 397 10.93 15.44 -23.00
C THR A 397 9.53 15.83 -22.56
N ASN A 398 9.03 16.98 -23.04
CA ASN A 398 7.62 17.28 -22.83
C ASN A 398 6.72 16.50 -23.78
N SER A 399 7.21 16.18 -24.97
CA SER A 399 6.42 15.39 -25.91
C SER A 399 6.12 14.01 -25.35
N VAL A 400 7.10 13.38 -24.70
CA VAL A 400 6.89 12.05 -24.15
C VAL A 400 5.92 12.10 -22.99
N LYS A 401 5.99 13.15 -22.17
CA LYS A 401 5.01 13.32 -21.10
C LYS A 401 3.61 13.48 -21.68
N ARG A 402 3.47 14.30 -22.72
CA ARG A 402 2.16 14.53 -23.33
C ARG A 402 1.61 13.23 -23.92
N ALA A 403 2.45 12.47 -24.62
CA ALA A 403 1.99 11.22 -25.22
C ALA A 403 1.53 10.23 -24.16
N SER A 404 2.30 10.12 -23.07
CA SER A 404 1.93 9.24 -21.97
C SER A 404 1.05 9.99 -20.99
N THR A 405 0.81 9.40 -19.83
CA THR A 405 -0.08 9.97 -18.82
C THR A 405 0.71 10.30 -17.57
N VAL A 406 0.54 11.53 -17.07
CA VAL A 406 1.22 11.97 -15.86
C VAL A 406 0.83 11.14 -14.64
N GLY A 407 -0.34 10.51 -14.67
CA GLY A 407 -0.75 9.64 -13.59
C GLY A 407 -0.28 8.21 -13.78
N GLU A 408 0.27 7.93 -14.95
CA GLU A 408 0.83 6.61 -15.23
C GLU A 408 2.31 6.53 -14.90
N ILE A 409 3.05 7.62 -15.08
CA ILE A 409 4.48 7.62 -14.77
C ILE A 409 4.70 7.27 -13.31
N VAL A 410 3.84 7.79 -12.43
CA VAL A 410 3.97 7.52 -11.01
C VAL A 410 3.69 6.06 -10.72
N ASN A 411 2.88 5.42 -11.56
CA ASN A 411 2.60 3.99 -11.39
C ASN A 411 3.84 3.19 -11.72
N LEU A 412 4.90 3.87 -12.17
CA LEU A 412 6.22 3.24 -12.23
C LEU A 412 6.86 3.16 -10.85
N MET A 413 6.15 3.55 -9.80
CA MET A 413 6.46 3.19 -8.43
C MET A 413 5.15 2.92 -7.70
N SER A 414 5.27 2.30 -6.53
CA SER A 414 4.14 1.84 -5.71
C SER A 414 3.47 0.66 -6.39
N VAL A 415 3.87 0.42 -7.64
CA VAL A 415 3.47 -0.76 -8.40
C VAL A 415 4.37 -0.78 -9.60
N ASP A 416 4.50 -1.93 -10.23
CA ASP A 416 5.10 -2.01 -11.56
C ASP A 416 6.60 -1.74 -11.50
N ALA A 417 7.08 -1.27 -10.35
CA ALA A 417 8.50 -1.30 -10.04
C ALA A 417 8.76 -1.56 -8.56
N GLN A 418 7.72 -1.77 -7.77
CA GLN A 418 7.85 -2.23 -6.40
C GLN A 418 7.62 -3.72 -6.29
N ARG A 419 6.91 -4.31 -7.23
CA ARG A 419 6.80 -5.77 -7.26
C ARG A 419 8.14 -6.44 -7.55
N PHE A 420 9.20 -5.66 -7.75
CA PHE A 420 10.54 -6.25 -7.72
C PHE A 420 10.98 -6.50 -6.29
N MET A 421 10.48 -5.73 -5.34
CA MET A 421 10.70 -6.04 -3.93
C MET A 421 9.91 -7.27 -3.51
N ASP A 422 8.76 -7.51 -4.14
CA ASP A 422 7.94 -8.68 -3.85
C ASP A 422 8.38 -9.91 -4.63
N LEU A 423 9.33 -9.77 -5.54
CA LEU A 423 9.82 -10.91 -6.30
C LEU A 423 11.09 -11.51 -5.72
N ALA A 424 11.85 -10.74 -4.93
CA ALA A 424 13.14 -11.21 -4.47
C ALA A 424 13.05 -12.51 -3.66
N PRO A 425 12.18 -12.64 -2.66
CA PRO A 425 12.14 -13.92 -1.93
C PRO A 425 11.73 -15.11 -2.80
N PHE A 426 10.91 -14.91 -3.82
CA PHE A 426 10.50 -16.03 -4.66
C PHE A 426 11.51 -16.36 -5.75
N LEU A 427 12.54 -15.55 -5.93
CA LEU A 427 13.37 -15.70 -7.12
C LEU A 427 14.28 -16.92 -7.00
N ASN A 428 14.88 -17.13 -5.83
CA ASN A 428 15.74 -18.30 -5.65
C ASN A 428 14.96 -19.60 -5.72
N LEU A 429 13.65 -19.54 -5.55
CA LEU A 429 12.84 -20.74 -5.69
C LEU A 429 12.99 -21.34 -7.07
N LEU A 430 13.44 -20.55 -8.05
CA LEU A 430 13.58 -21.03 -9.42
C LEU A 430 14.45 -22.27 -9.49
N TRP A 431 15.56 -22.28 -8.77
CA TRP A 431 16.36 -23.49 -8.69
C TRP A 431 16.17 -24.25 -7.39
N SER A 432 15.73 -23.60 -6.31
CA SER A 432 15.53 -24.36 -5.09
C SER A 432 14.31 -25.26 -5.13
N ALA A 433 13.42 -25.10 -6.09
CA ALA A 433 12.33 -26.06 -6.21
C ALA A 433 12.80 -27.30 -6.95
N PRO A 434 13.53 -27.20 -8.05
CA PRO A 434 14.05 -28.42 -8.69
C PRO A 434 15.26 -29.02 -7.99
N LEU A 435 15.57 -28.60 -6.77
CA LEU A 435 16.53 -29.29 -5.92
C LEU A 435 15.93 -29.76 -4.61
N GLN A 436 14.83 -29.16 -4.17
CA GLN A 436 14.00 -29.71 -3.12
C GLN A 436 13.10 -30.82 -3.60
N ILE A 437 13.05 -31.09 -4.89
CA ILE A 437 12.23 -32.17 -5.43
C ILE A 437 13.08 -33.34 -5.90
N ILE A 438 13.99 -33.12 -6.85
CA ILE A 438 14.76 -34.22 -7.43
C ILE A 438 15.64 -34.82 -6.35
N LEU A 439 15.61 -34.25 -5.16
CA LEU A 439 16.27 -34.78 -3.98
C LEU A 439 15.28 -35.39 -3.00
N ALA A 440 14.19 -34.70 -2.69
CA ALA A 440 13.19 -35.27 -1.80
C ALA A 440 12.37 -36.35 -2.48
N ILE A 441 12.40 -36.45 -3.80
CA ILE A 441 11.89 -37.64 -4.45
C ILE A 441 12.83 -38.81 -4.19
N TYR A 442 14.13 -38.54 -4.18
CA TYR A 442 15.10 -39.63 -4.04
C TYR A 442 14.92 -40.34 -2.72
N PHE A 443 14.93 -39.61 -1.61
CA PHE A 443 14.80 -40.27 -0.32
C PHE A 443 13.46 -40.99 -0.20
N LEU A 444 12.40 -40.37 -0.70
CA LEU A 444 11.09 -41.01 -0.68
C LEU A 444 11.09 -42.29 -1.51
N TRP A 445 11.63 -42.23 -2.72
CA TRP A 445 11.68 -43.44 -3.54
C TRP A 445 12.49 -44.52 -2.84
N GLN A 446 13.62 -44.12 -2.25
CA GLN A 446 14.43 -45.03 -1.45
C GLN A 446 13.63 -45.62 -0.31
N ASN A 447 12.60 -44.92 0.14
CA ASN A 447 11.90 -45.26 1.37
C ASN A 447 10.67 -46.13 1.13
N LEU A 448 9.72 -45.65 0.32
CA LEU A 448 8.50 -46.40 0.04
C LEU A 448 8.48 -47.06 -1.33
N GLY A 449 9.36 -46.69 -2.24
CA GLY A 449 9.36 -47.27 -3.55
C GLY A 449 8.53 -46.45 -4.52
N PRO A 450 8.32 -46.98 -5.73
CA PRO A 450 7.74 -46.17 -6.81
C PRO A 450 6.39 -45.57 -6.45
N SER A 451 5.70 -46.14 -5.47
CA SER A 451 4.42 -45.60 -5.05
C SER A 451 4.50 -44.12 -4.74
N VAL A 452 5.65 -43.67 -4.20
CA VAL A 452 5.77 -42.28 -3.81
C VAL A 452 5.42 -41.36 -4.97
N LEU A 453 5.76 -41.77 -6.19
CA LEU A 453 5.47 -40.92 -7.33
C LEU A 453 4.03 -40.45 -7.31
N ALA A 454 3.10 -41.40 -7.16
CA ALA A 454 1.68 -41.05 -7.15
C ALA A 454 1.42 -39.93 -6.17
N GLY A 455 1.89 -40.10 -4.94
CA GLY A 455 1.72 -39.07 -3.93
C GLY A 455 2.18 -37.74 -4.48
N VAL A 456 3.46 -37.66 -4.82
CA VAL A 456 4.00 -36.40 -5.29
C VAL A 456 3.26 -35.94 -6.54
N ALA A 457 2.90 -36.88 -7.41
CA ALA A 457 2.15 -36.51 -8.61
C ALA A 457 0.91 -35.73 -8.23
N PHE A 458 0.12 -36.28 -7.31
CA PHE A 458 -1.07 -35.58 -6.85
C PHE A 458 -0.72 -34.16 -6.44
N MET A 459 0.30 -34.02 -5.61
CA MET A 459 0.62 -32.70 -5.10
C MET A 459 1.16 -31.80 -6.20
N VAL A 460 1.91 -32.35 -7.16
CA VAL A 460 2.27 -31.56 -8.33
C VAL A 460 1.03 -31.18 -9.11
N LEU A 461 0.10 -32.12 -9.25
CA LEU A 461 -1.17 -31.82 -9.90
C LEU A 461 -1.92 -30.71 -9.18
N LEU A 462 -1.60 -30.45 -7.93
CA LEU A 462 -2.30 -29.41 -7.21
C LEU A 462 -1.69 -28.03 -7.45
N ILE A 463 -0.73 -27.91 -8.37
CA ILE A 463 -0.19 -26.61 -8.74
C ILE A 463 -1.11 -25.90 -9.74
N PRO A 464 -1.57 -26.53 -10.83
CA PRO A 464 -2.54 -25.84 -11.70
C PRO A 464 -3.87 -25.59 -11.00
N LEU A 465 -4.47 -26.63 -10.43
CA LEU A 465 -5.80 -26.46 -9.83
C LEU A 465 -5.76 -25.66 -8.55
N ASN A 466 -4.61 -25.11 -8.22
CA ASN A 466 -4.49 -24.03 -7.26
C ASN A 466 -4.05 -22.74 -7.92
N GLY A 467 -3.95 -22.73 -9.25
CA GLY A 467 -3.74 -21.52 -10.01
C GLY A 467 -4.93 -21.26 -10.89
N ALA A 468 -5.68 -22.31 -11.19
CA ALA A 468 -6.90 -22.14 -11.97
C ALA A 468 -7.92 -21.29 -11.21
N VAL A 469 -8.02 -21.48 -9.89
CA VAL A 469 -8.86 -20.58 -9.12
C VAL A 469 -8.21 -19.21 -9.02
N ALA A 470 -6.88 -19.15 -9.01
CA ALA A 470 -6.19 -17.86 -8.99
C ALA A 470 -6.36 -17.08 -10.29
N VAL A 471 -6.88 -17.70 -11.34
CA VAL A 471 -7.21 -16.98 -12.56
C VAL A 471 -8.72 -16.90 -12.78
N LYS A 472 -9.51 -17.75 -12.13
CA LYS A 472 -10.95 -17.51 -12.08
C LYS A 472 -11.24 -16.35 -11.14
N MET A 473 -10.88 -16.49 -9.87
CA MET A 473 -10.66 -15.32 -9.04
C MET A 473 -9.50 -14.52 -9.62
N ARG A 474 -9.53 -13.21 -9.42
CA ARG A 474 -8.71 -12.19 -10.08
C ARG A 474 -9.23 -11.96 -11.50
N ALA A 475 -10.16 -12.76 -11.99
CA ALA A 475 -11.02 -12.42 -13.11
C ALA A 475 -12.48 -12.53 -12.70
N PHE A 476 -12.74 -12.67 -11.40
CA PHE A 476 -14.07 -12.77 -10.84
C PHE A 476 -14.25 -11.76 -9.73
N GLN A 477 -13.19 -11.05 -9.36
CA GLN A 477 -13.23 -10.04 -8.30
C GLN A 477 -12.66 -8.70 -8.71
N VAL A 478 -11.92 -8.60 -9.82
CA VAL A 478 -11.50 -7.31 -10.33
C VAL A 478 -12.12 -7.02 -11.69
N LYS A 479 -12.32 -8.03 -12.54
CA LYS A 479 -13.07 -7.84 -13.78
C LYS A 479 -14.53 -7.54 -13.51
N GLN A 480 -15.02 -7.82 -12.30
CA GLN A 480 -16.40 -7.55 -11.93
C GLN A 480 -16.49 -6.87 -10.57
N MET A 481 -15.50 -6.03 -10.24
CA MET A 481 -15.61 -5.12 -9.11
C MET A 481 -16.09 -3.74 -9.53
N LYS A 482 -16.41 -3.55 -10.80
CA LYS A 482 -17.00 -2.28 -11.23
C LYS A 482 -18.36 -2.05 -10.59
N LEU A 483 -18.98 -3.09 -10.04
CA LEU A 483 -20.13 -2.88 -9.17
C LEU A 483 -19.74 -2.03 -7.99
N LYS A 484 -18.59 -2.29 -7.39
CA LYS A 484 -18.08 -1.44 -6.31
C LYS A 484 -17.82 -0.03 -6.82
N ASP A 485 -17.29 0.09 -8.04
CA ASP A 485 -17.05 1.41 -8.62
C ASP A 485 -18.33 2.22 -8.72
N SER A 486 -19.37 1.64 -9.31
CA SER A 486 -20.64 2.34 -9.46
C SER A 486 -21.27 2.63 -8.10
N ARG A 487 -21.18 1.68 -7.17
CA ARG A 487 -21.76 1.92 -5.86
C ARG A 487 -21.05 3.04 -5.12
N ILE A 488 -19.72 3.11 -5.22
CA ILE A 488 -19.02 4.20 -4.55
C ILE A 488 -19.29 5.52 -5.26
N LYS A 489 -19.53 5.49 -6.57
CA LYS A 489 -19.95 6.70 -7.26
C LYS A 489 -21.30 7.18 -6.71
N LEU A 490 -22.23 6.25 -6.53
CA LEU A 490 -23.52 6.62 -5.97
C LEU A 490 -23.38 7.12 -4.53
N MET A 491 -22.45 6.53 -3.77
CA MET A 491 -22.17 7.02 -2.43
C MET A 491 -21.68 8.46 -2.45
N SER A 492 -20.74 8.76 -3.34
CA SER A 492 -20.24 10.13 -3.44
C SER A 492 -21.36 11.08 -3.85
N GLU A 493 -22.19 10.66 -4.80
CA GLU A 493 -23.30 11.50 -5.24
C GLU A 493 -24.29 11.76 -4.11
N ILE A 494 -24.58 10.73 -3.31
CA ILE A 494 -25.51 10.90 -2.20
C ILE A 494 -24.90 11.80 -1.14
N LEU A 495 -23.60 11.67 -0.88
CA LEU A 495 -22.99 12.35 0.26
C LEU A 495 -23.08 13.86 0.11
N ASN A 496 -22.43 14.42 -0.91
CA ASN A 496 -22.59 15.84 -1.16
C ASN A 496 -23.93 16.10 -1.81
N GLY A 497 -24.55 17.21 -1.44
CA GLY A 497 -25.92 17.44 -1.83
C GLY A 497 -26.94 16.70 -0.98
N ILE A 498 -26.50 16.10 0.14
CA ILE A 498 -27.42 15.43 1.05
C ILE A 498 -28.53 16.37 1.50
N LYS A 499 -28.30 17.68 1.44
CA LYS A 499 -29.27 18.65 1.93
C LYS A 499 -30.62 18.49 1.24
N VAL A 500 -30.68 18.78 -0.06
CA VAL A 500 -31.95 18.68 -0.77
C VAL A 500 -32.46 17.24 -0.74
N LEU A 501 -31.54 16.27 -0.72
CA LEU A 501 -31.94 14.88 -0.58
C LEU A 501 -32.66 14.61 0.72
N LYS A 502 -32.45 15.45 1.73
CA LYS A 502 -32.97 15.21 3.06
C LYS A 502 -34.13 16.13 3.44
N LEU A 503 -34.20 17.34 2.88
CA LEU A 503 -35.37 18.18 3.10
C LEU A 503 -36.64 17.51 2.58
N TYR A 504 -36.61 17.03 1.35
CA TYR A 504 -37.65 16.12 0.92
C TYR A 504 -37.27 14.70 1.34
N ALA A 505 -38.23 13.80 1.26
CA ALA A 505 -38.05 12.42 1.72
C ALA A 505 -37.52 11.52 0.62
N TRP A 506 -36.70 12.06 -0.29
CA TRP A 506 -36.11 11.24 -1.34
C TRP A 506 -35.14 10.19 -0.80
N GLU A 507 -34.67 10.35 0.43
CA GLU A 507 -33.52 9.56 0.89
C GLU A 507 -33.78 8.05 0.92
N PRO A 508 -34.90 7.53 1.44
CA PRO A 508 -35.01 6.06 1.52
C PRO A 508 -35.10 5.39 0.16
N SER A 509 -35.52 6.10 -0.88
CA SER A 509 -35.41 5.53 -2.23
C SER A 509 -33.95 5.34 -2.61
N PHE A 510 -33.10 6.29 -2.27
CA PHE A 510 -31.67 6.12 -2.51
C PHE A 510 -31.10 5.01 -1.63
N LEU A 511 -31.61 4.88 -0.41
CA LEU A 511 -31.22 3.78 0.45
C LEU A 511 -31.55 2.44 -0.20
N LYS A 512 -32.76 2.34 -0.79
CA LYS A 512 -33.14 1.13 -1.50
C LYS A 512 -32.23 0.90 -2.71
N GLN A 513 -31.90 1.96 -3.44
CA GLN A 513 -31.04 1.81 -4.61
C GLN A 513 -29.67 1.28 -4.22
N VAL A 514 -29.07 1.87 -3.20
CA VAL A 514 -27.73 1.43 -2.80
C VAL A 514 -27.78 0.06 -2.15
N GLU A 515 -28.86 -0.28 -1.45
CA GLU A 515 -28.96 -1.62 -0.92
C GLU A 515 -29.08 -2.65 -2.04
N GLY A 516 -29.82 -2.32 -3.10
CA GLY A 516 -29.91 -3.23 -4.23
C GLY A 516 -28.58 -3.43 -4.92
N ILE A 517 -27.86 -2.33 -5.16
CA ILE A 517 -26.57 -2.47 -5.83
C ILE A 517 -25.58 -3.19 -4.92
N ARG A 518 -25.67 -2.98 -3.60
CA ARG A 518 -24.82 -3.70 -2.66
C ARG A 518 -25.11 -5.20 -2.69
N GLN A 519 -26.39 -5.58 -2.67
CA GLN A 519 -26.71 -7.00 -2.70
C GLN A 519 -26.32 -7.63 -4.03
N GLY A 520 -26.39 -6.87 -5.12
CA GLY A 520 -25.83 -7.36 -6.36
C GLY A 520 -24.34 -7.55 -6.27
N GLU A 521 -23.66 -6.67 -5.55
CA GLU A 521 -22.22 -6.76 -5.39
C GLU A 521 -21.81 -7.86 -4.43
N LEU A 522 -22.72 -8.34 -3.58
CA LEU A 522 -22.38 -9.39 -2.64
C LEU A 522 -22.66 -10.77 -3.20
N GLN A 523 -23.77 -10.93 -3.94
CA GLN A 523 -24.02 -12.21 -4.59
C GLN A 523 -22.89 -12.58 -5.54
N LEU A 524 -22.26 -11.57 -6.16
CA LEU A 524 -21.05 -11.77 -6.92
C LEU A 524 -19.82 -11.93 -6.02
N LEU A 525 -19.98 -11.74 -4.71
CA LEU A 525 -18.91 -11.99 -3.76
C LEU A 525 -19.05 -13.31 -3.02
N ARG A 526 -20.24 -13.92 -3.04
CA ARG A 526 -20.38 -15.27 -2.52
C ARG A 526 -19.39 -16.16 -3.24
N THR A 527 -19.59 -16.32 -4.53
CA THR A 527 -18.71 -17.17 -5.30
C THR A 527 -17.39 -16.55 -5.55
N ALA A 528 -17.08 -15.42 -4.89
CA ALA A 528 -15.74 -14.87 -4.89
C ALA A 528 -14.97 -15.22 -3.63
N ALA A 529 -15.60 -15.93 -2.71
CA ALA A 529 -14.92 -16.42 -1.52
C ALA A 529 -15.02 -17.92 -1.33
N TYR A 530 -16.04 -18.56 -1.91
CA TYR A 530 -16.06 -20.03 -1.92
C TYR A 530 -14.86 -20.57 -2.66
N LEU A 531 -14.53 -19.97 -3.81
CA LEU A 531 -13.32 -20.34 -4.53
C LEU A 531 -12.06 -19.84 -3.85
N HIS A 532 -12.17 -19.27 -2.65
CA HIS A 532 -11.02 -19.07 -1.80
C HIS A 532 -10.88 -20.13 -0.73
N THR A 533 -11.93 -20.93 -0.48
CA THR A 533 -11.80 -22.03 0.46
C THR A 533 -11.10 -23.19 -0.23
N THR A 534 -10.43 -22.91 -1.33
CA THR A 534 -9.47 -23.82 -1.93
C THR A 534 -8.04 -23.44 -1.59
N THR A 535 -7.84 -22.38 -0.80
CA THR A 535 -6.53 -22.17 -0.18
C THR A 535 -6.54 -22.57 1.28
N THR A 536 -7.67 -23.03 1.79
CA THR A 536 -7.74 -23.77 3.05
C THR A 536 -7.87 -25.26 2.82
N PHE A 537 -7.76 -25.70 1.57
CA PHE A 537 -7.70 -27.09 1.21
C PHE A 537 -6.30 -27.52 0.84
N THR A 538 -5.40 -26.58 0.63
CA THR A 538 -4.00 -26.89 0.39
C THR A 538 -3.21 -26.99 1.68
N TRP A 539 -3.58 -26.25 2.71
CA TRP A 539 -2.81 -26.18 3.93
C TRP A 539 -3.45 -26.86 5.12
N MET A 540 -4.63 -27.47 4.95
CA MET A 540 -5.24 -28.21 6.04
C MET A 540 -5.77 -29.57 5.64
N CYS A 541 -5.93 -29.85 4.36
CA CYS A 541 -6.48 -31.13 3.92
C CYS A 541 -5.62 -31.86 2.91
N SER A 542 -4.64 -31.21 2.31
CA SER A 542 -3.82 -31.92 1.33
C SER A 542 -2.81 -32.86 1.97
N PRO A 543 -2.19 -32.53 3.12
CA PRO A 543 -1.27 -33.50 3.72
C PRO A 543 -1.87 -34.88 3.90
N PHE A 544 -3.07 -34.96 4.45
CA PHE A 544 -3.68 -36.26 4.64
C PHE A 544 -3.98 -36.92 3.30
N LEU A 545 -4.46 -36.17 2.32
CA LEU A 545 -4.75 -36.77 1.02
C LEU A 545 -3.49 -37.37 0.40
N VAL A 546 -2.40 -36.63 0.41
CA VAL A 546 -1.20 -37.14 -0.25
C VAL A 546 -0.64 -38.33 0.50
N THR A 547 -0.66 -38.29 1.84
CA THR A 547 -0.18 -39.46 2.58
C THR A 547 -1.06 -40.67 2.32
N LEU A 548 -2.38 -40.48 2.28
CA LEU A 548 -3.29 -41.59 2.03
C LEU A 548 -3.05 -42.19 0.67
N ILE A 549 -2.91 -41.37 -0.37
CA ILE A 549 -2.78 -41.93 -1.71
C ILE A 549 -1.43 -42.63 -1.84
N THR A 550 -0.39 -42.09 -1.20
CA THR A 550 0.90 -42.77 -1.20
C THR A 550 0.78 -44.15 -0.57
N LEU A 551 0.21 -44.22 0.64
CA LEU A 551 0.09 -45.52 1.30
C LEU A 551 -0.84 -46.45 0.54
N TRP A 552 -1.86 -45.91 -0.12
CA TRP A 552 -2.78 -46.73 -0.88
C TRP A 552 -2.06 -47.42 -2.03
N VAL A 553 -1.35 -46.64 -2.84
CA VAL A 553 -0.61 -47.27 -3.94
C VAL A 553 0.43 -48.22 -3.40
N TYR A 554 1.05 -47.87 -2.27
CA TYR A 554 2.07 -48.75 -1.68
C TYR A 554 1.48 -50.11 -1.31
N VAL A 555 0.29 -50.12 -0.71
CA VAL A 555 -0.32 -51.36 -0.30
C VAL A 555 -0.80 -52.16 -1.52
N TYR A 556 -1.39 -51.48 -2.51
CA TYR A 556 -2.07 -52.20 -3.58
C TYR A 556 -1.09 -52.83 -4.57
N VAL A 557 0.08 -52.22 -4.80
CA VAL A 557 0.94 -52.67 -5.89
C VAL A 557 1.39 -54.11 -5.68
N ASP A 558 1.80 -54.45 -4.47
CA ASP A 558 2.27 -55.81 -4.19
C ASP A 558 2.09 -56.13 -2.71
N PRO A 559 1.24 -57.08 -2.36
CA PRO A 559 0.86 -57.25 -0.95
C PRO A 559 1.92 -57.89 -0.07
N ASN A 560 3.15 -57.98 -0.56
CA ASN A 560 4.22 -58.58 0.23
C ASN A 560 5.05 -57.57 1.00
N ASN A 561 4.75 -56.28 0.91
CA ASN A 561 5.54 -55.24 1.55
C ASN A 561 4.77 -54.68 2.75
N VAL A 562 5.27 -54.97 3.95
CA VAL A 562 4.66 -54.48 5.18
C VAL A 562 4.94 -52.99 5.28
N LEU A 563 4.24 -52.33 6.20
CA LEU A 563 4.48 -50.93 6.49
C LEU A 563 4.94 -50.81 7.94
N ASP A 564 6.17 -50.36 8.14
CA ASP A 564 6.75 -50.20 9.46
C ASP A 564 7.04 -48.73 9.73
N ALA A 565 7.39 -48.43 10.98
CA ALA A 565 7.44 -47.05 11.43
C ALA A 565 8.45 -46.24 10.64
N GLU A 566 9.66 -46.78 10.45
CA GLU A 566 10.72 -46.00 9.83
C GLU A 566 10.48 -45.77 8.34
N LYS A 567 9.47 -46.40 7.75
CA LYS A 567 9.07 -46.06 6.39
C LYS A 567 7.96 -45.01 6.39
N ALA A 568 6.84 -45.33 7.02
CA ALA A 568 5.67 -44.46 6.94
C ALA A 568 5.96 -43.10 7.57
N PHE A 569 6.57 -43.09 8.75
CA PHE A 569 6.69 -41.81 9.43
C PHE A 569 7.86 -40.98 8.92
N VAL A 570 8.93 -41.60 8.44
CA VAL A 570 9.95 -40.83 7.73
C VAL A 570 9.37 -40.23 6.46
N SER A 571 8.58 -41.01 5.72
CA SER A 571 8.01 -40.47 4.49
C SER A 571 7.04 -39.32 4.77
N VAL A 572 6.23 -39.43 5.83
CA VAL A 572 5.29 -38.36 6.11
C VAL A 572 5.95 -37.18 6.81
N SER A 573 7.18 -37.36 7.31
CA SER A 573 7.97 -36.21 7.74
C SER A 573 8.79 -35.62 6.63
N LEU A 574 8.94 -36.32 5.52
CA LEU A 574 9.68 -35.82 4.37
C LEU A 574 8.77 -35.10 3.37
N PHE A 575 7.54 -35.60 3.21
CA PHE A 575 6.54 -34.85 2.46
C PHE A 575 6.39 -33.45 2.99
N ASN A 576 6.49 -33.29 4.31
CA ASN A 576 6.51 -31.97 4.90
C ASN A 576 7.60 -31.11 4.28
N ILE A 577 8.84 -31.62 4.27
CA ILE A 577 9.96 -30.83 3.77
C ILE A 577 9.75 -30.47 2.31
N LEU A 578 9.16 -31.38 1.54
CA LEU A 578 8.97 -31.09 0.12
C LEU A 578 7.80 -30.14 -0.14
N ARG A 579 6.86 -29.99 0.80
CA ARG A 579 5.61 -29.31 0.46
C ARG A 579 5.62 -27.83 0.78
N LEU A 580 6.63 -27.30 1.45
CA LEU A 580 6.58 -25.84 1.57
C LEU A 580 7.06 -25.18 0.28
N PRO A 581 8.22 -25.55 -0.28
CA PRO A 581 8.56 -25.02 -1.60
C PRO A 581 7.88 -25.78 -2.72
N LEU A 582 6.61 -26.11 -2.54
CA LEU A 582 5.78 -26.57 -3.63
C LEU A 582 4.37 -26.00 -3.54
N ASN A 583 4.15 -24.98 -2.72
CA ASN A 583 2.88 -24.30 -2.67
C ASN A 583 3.11 -22.81 -2.89
N MET A 584 4.30 -22.34 -2.51
CA MET A 584 4.75 -21.01 -2.89
C MET A 584 5.33 -20.98 -4.29
N LEU A 585 5.22 -22.07 -5.03
CA LEU A 585 5.71 -22.09 -6.40
C LEU A 585 4.71 -21.44 -7.36
N PRO A 586 3.39 -21.68 -7.23
CA PRO A 586 2.44 -20.88 -8.03
C PRO A 586 2.58 -19.39 -7.81
N GLN A 587 2.84 -18.96 -6.56
CA GLN A 587 3.17 -17.57 -6.32
C GLN A 587 4.35 -17.14 -7.18
N LEU A 588 5.33 -18.02 -7.34
CA LEU A 588 6.46 -17.69 -8.20
C LEU A 588 6.02 -17.45 -9.62
N ILE A 589 5.16 -18.33 -10.15
CA ILE A 589 4.69 -18.14 -11.52
C ILE A 589 3.99 -16.80 -11.64
N SER A 590 3.11 -16.49 -10.69
CA SER A 590 2.35 -15.25 -10.77
C SER A 590 3.26 -14.02 -10.71
N ASN A 591 4.12 -13.95 -9.69
CA ASN A 591 4.96 -12.76 -9.54
C ASN A 591 5.94 -12.62 -10.69
N LEU A 592 6.55 -13.72 -11.12
CA LEU A 592 7.48 -13.63 -12.23
C LEU A 592 6.79 -13.26 -13.53
N THR A 593 5.58 -13.76 -13.79
CA THR A 593 4.92 -13.43 -15.05
C THR A 593 4.26 -12.07 -15.03
N GLN A 594 4.06 -11.46 -13.85
CA GLN A 594 3.63 -10.07 -13.84
C GLN A 594 4.77 -9.11 -13.56
N ALA A 595 5.99 -9.60 -13.35
CA ALA A 595 7.16 -8.75 -13.35
C ALA A 595 7.90 -8.78 -14.68
N SER A 596 7.70 -9.82 -15.49
CA SER A 596 8.25 -9.82 -16.84
C SER A 596 7.60 -8.76 -17.71
N VAL A 597 6.48 -8.20 -17.31
CA VAL A 597 5.91 -7.06 -18.02
C VAL A 597 6.36 -5.74 -17.40
N SER A 598 6.58 -5.72 -16.08
CA SER A 598 7.10 -4.51 -15.44
C SER A 598 8.49 -4.18 -15.96
N LEU A 599 9.32 -5.20 -16.17
CA LEU A 599 10.64 -4.95 -16.71
C LEU A 599 10.55 -4.37 -18.12
N LYS A 600 9.62 -4.89 -18.92
CA LYS A 600 9.41 -4.33 -20.26
C LYS A 600 8.98 -2.88 -20.19
N ARG A 601 8.11 -2.56 -19.24
CA ARG A 601 7.65 -1.17 -19.12
C ARG A 601 8.79 -0.25 -18.70
N ILE A 602 9.65 -0.70 -17.79
CA ILE A 602 10.77 0.13 -17.37
C ILE A 602 11.78 0.30 -18.50
N GLN A 603 12.00 -0.74 -19.30
CA GLN A 603 12.65 -0.53 -20.61
C GLN A 603 11.99 0.56 -21.42
N GLN A 604 10.66 0.53 -21.53
CA GLN A 604 9.99 1.51 -22.36
C GLN A 604 10.24 2.93 -21.84
N PHE A 605 10.22 3.11 -20.53
CA PHE A 605 10.45 4.44 -19.97
C PHE A 605 11.90 4.87 -20.12
N LEU A 606 12.85 4.00 -19.74
CA LEU A 606 14.25 4.39 -19.77
C LEU A 606 14.80 4.58 -21.16
N SER A 607 14.21 3.94 -22.17
CA SER A 607 14.66 4.14 -23.54
C SER A 607 13.90 5.27 -24.22
N GLN A 608 13.85 6.43 -23.55
CA GLN A 608 13.18 7.60 -24.09
C GLN A 608 14.21 8.71 -24.30
N GLU A 609 13.98 9.50 -25.35
CA GLU A 609 14.97 10.47 -25.77
C GLU A 609 15.06 11.63 -24.78
N GLU A 610 16.29 11.98 -24.42
CA GLU A 610 16.53 13.13 -23.55
C GLU A 610 16.28 14.42 -24.33
N LEU A 611 16.58 15.56 -23.70
CA LEU A 611 16.19 16.84 -24.27
C LEU A 611 17.32 17.86 -24.26
N ASP A 612 18.57 17.40 -24.29
CA ASP A 612 19.72 18.32 -24.28
C ASP A 612 20.63 18.02 -25.47
N PRO A 613 20.23 18.43 -26.67
CA PRO A 613 21.20 18.51 -27.76
C PRO A 613 21.93 19.85 -27.74
N GLN A 614 22.36 20.26 -26.54
CA GLN A 614 22.85 21.61 -26.28
C GLN A 614 21.98 22.64 -27.00
N SER A 615 20.69 22.61 -26.67
CA SER A 615 19.72 23.49 -27.31
C SER A 615 20.08 24.95 -27.14
N VAL A 616 20.71 25.31 -26.02
CA VAL A 616 21.16 26.67 -25.76
C VAL A 616 22.58 26.62 -25.25
N GLU A 617 23.39 27.58 -25.67
CA GLU A 617 24.76 27.71 -25.17
C GLU A 617 24.82 28.95 -24.29
N ARG A 618 25.46 28.82 -23.12
CA ARG A 618 25.47 29.87 -22.12
C ARG A 618 26.89 30.33 -21.82
N LYS A 619 27.77 30.29 -22.82
CA LYS A 619 29.15 30.71 -22.66
C LYS A 619 29.49 32.00 -23.40
N THR A 620 28.86 32.24 -24.55
CA THR A 620 29.17 33.39 -25.38
C THR A 620 27.89 34.18 -25.66
N ILE A 621 28.07 35.46 -25.97
CA ILE A 621 26.94 36.35 -26.27
C ILE A 621 27.48 37.56 -27.02
N SER A 622 26.60 38.21 -27.77
CA SER A 622 26.95 39.49 -28.37
C SER A 622 27.06 40.56 -27.28
N PRO A 623 27.84 41.60 -27.50
CA PRO A 623 28.05 42.60 -26.44
C PRO A 623 26.75 43.26 -26.02
N GLY A 624 26.61 43.46 -24.71
CA GLY A 624 25.48 44.17 -24.15
C GLY A 624 24.13 43.48 -24.30
N TYR A 625 24.10 42.24 -24.75
CA TYR A 625 22.85 41.52 -24.97
C TYR A 625 22.76 40.34 -24.01
N ALA A 626 21.53 39.92 -23.74
CA ALA A 626 21.27 38.79 -22.86
C ALA A 626 20.64 37.61 -23.59
N ILE A 627 19.64 37.87 -24.43
CA ILE A 627 18.93 36.82 -25.16
C ILE A 627 19.05 37.10 -26.65
N THR A 628 19.46 36.09 -27.40
CA THR A 628 19.49 36.19 -28.86
C THR A 628 19.22 34.81 -29.46
N ILE A 629 18.45 34.80 -30.53
CA ILE A 629 18.17 33.58 -31.30
C ILE A 629 18.42 33.89 -32.75
N HIS A 630 19.02 32.94 -33.47
CA HIS A 630 19.47 33.15 -34.84
C HIS A 630 18.64 32.28 -35.79
N SER A 631 17.48 32.79 -36.19
CA SER A 631 16.65 32.18 -37.23
C SER A 631 16.28 30.74 -36.90
N GLY A 632 16.01 30.48 -35.62
CA GLY A 632 15.71 29.13 -35.19
C GLY A 632 14.31 28.67 -35.56
N THR A 633 14.12 27.36 -35.50
CA THR A 633 12.83 26.72 -35.73
C THR A 633 12.59 25.68 -34.65
N PHE A 634 11.35 25.60 -34.16
CA PHE A 634 11.02 24.75 -33.03
C PHE A 634 9.74 23.98 -33.31
N THR A 635 9.61 22.83 -32.66
CA THR A 635 8.45 21.97 -32.81
C THR A 635 8.20 21.21 -31.53
N TRP A 636 6.92 21.01 -31.21
CA TRP A 636 6.56 20.27 -30.00
C TRP A 636 6.79 18.78 -30.13
N ALA A 637 7.02 18.28 -31.34
CA ALA A 637 7.33 16.87 -31.55
C ALA A 637 8.26 16.76 -32.75
N GLN A 638 9.18 15.79 -32.68
CA GLN A 638 10.26 15.71 -33.65
C GLN A 638 9.77 15.50 -35.09
N ASP A 639 8.54 15.05 -35.26
CA ASP A 639 7.99 14.81 -36.59
C ASP A 639 7.00 15.88 -37.03
N LEU A 640 6.26 16.46 -36.10
CA LEU A 640 5.19 17.40 -36.44
C LEU A 640 5.79 18.66 -37.08
N PRO A 641 5.02 19.37 -37.89
CA PRO A 641 5.53 20.58 -38.55
C PRO A 641 6.00 21.60 -37.52
N PRO A 642 7.10 22.28 -37.81
CA PRO A 642 7.64 23.26 -36.85
C PRO A 642 6.65 24.40 -36.61
N THR A 643 6.36 24.65 -35.33
CA THR A 643 5.49 25.75 -34.98
C THR A 643 6.14 27.10 -35.27
N LEU A 644 7.46 27.18 -35.10
CA LEU A 644 8.20 28.42 -35.29
C LEU A 644 9.11 28.31 -36.51
N HIS A 645 9.12 29.35 -37.33
CA HIS A 645 9.86 29.36 -38.59
C HIS A 645 10.83 30.53 -38.61
N SER A 646 12.13 30.23 -38.47
CA SER A 646 13.22 31.19 -38.63
C SER A 646 12.95 32.48 -37.86
N LEU A 647 12.87 32.35 -36.54
CA LEU A 647 12.55 33.46 -35.66
C LEU A 647 13.84 34.12 -35.19
N ASP A 648 13.88 35.45 -35.24
CA ASP A 648 15.09 36.22 -34.94
C ASP A 648 14.74 37.36 -33.99
N ILE A 649 15.34 37.34 -32.79
CA ILE A 649 15.19 38.42 -31.82
C ILE A 649 16.55 38.71 -31.21
N GLN A 650 16.84 39.99 -31.03
CA GLN A 650 18.05 40.46 -30.34
C GLN A 650 17.61 41.32 -29.16
N VAL A 651 17.77 40.79 -27.96
CA VAL A 651 17.33 41.46 -26.73
C VAL A 651 18.53 42.12 -26.07
N PRO A 652 18.48 43.41 -25.76
CA PRO A 652 19.55 44.02 -24.97
C PRO A 652 19.42 43.64 -23.50
N LYS A 653 20.50 43.86 -22.76
CA LYS A 653 20.49 43.54 -21.34
C LYS A 653 19.48 44.42 -20.60
N GLY A 654 18.70 43.78 -19.72
CA GLY A 654 17.80 44.51 -18.86
C GLY A 654 16.60 45.12 -19.55
N ALA A 655 16.32 44.73 -20.79
CA ALA A 655 15.22 45.31 -21.55
C ALA A 655 14.00 44.40 -21.45
N LEU A 656 12.89 44.97 -20.98
CA LEU A 656 11.64 44.23 -20.93
C LEU A 656 11.06 44.14 -22.33
N VAL A 657 10.60 42.94 -22.69
CA VAL A 657 10.05 42.68 -24.01
C VAL A 657 8.69 42.01 -23.85
N ALA A 658 7.70 42.52 -24.56
CA ALA A 658 6.37 41.94 -24.56
C ALA A 658 6.13 41.22 -25.88
N VAL A 659 5.26 40.20 -25.83
CA VAL A 659 4.95 39.37 -27.00
C VAL A 659 3.44 39.42 -27.21
N VAL A 660 3.02 39.66 -28.45
CA VAL A 660 1.63 39.92 -28.77
C VAL A 660 1.16 38.95 -29.86
N GLY A 661 -0.14 39.00 -30.14
CA GLY A 661 -0.74 38.20 -31.18
C GLY A 661 -2.16 37.81 -30.84
N PRO A 662 -2.82 37.06 -31.72
CA PRO A 662 -4.13 36.49 -31.38
C PRO A 662 -3.99 35.17 -30.64
N VAL A 663 -5.10 34.58 -30.22
CA VAL A 663 -5.05 33.32 -29.47
C VAL A 663 -4.89 32.19 -30.50
N GLY A 664 -3.67 31.69 -30.64
CA GLY A 664 -3.39 30.65 -31.61
C GLY A 664 -2.37 31.06 -32.66
N CYS A 665 -1.47 31.97 -32.30
CA CYS A 665 -0.39 32.40 -33.19
C CYS A 665 0.96 31.80 -32.85
N GLY A 666 1.18 31.41 -31.59
CA GLY A 666 2.44 30.80 -31.21
C GLY A 666 3.17 31.51 -30.10
N LYS A 667 2.43 32.24 -29.25
CA LYS A 667 3.05 32.95 -28.14
C LYS A 667 3.72 32.00 -27.17
N SER A 668 2.93 31.13 -26.54
CA SER A 668 3.42 30.32 -25.43
C SER A 668 4.54 29.38 -25.86
N SER A 669 4.67 29.11 -27.15
CA SER A 669 5.74 28.26 -27.65
C SER A 669 7.03 29.04 -27.89
N LEU A 670 7.06 30.34 -27.59
CA LEU A 670 8.31 31.08 -27.64
C LEU A 670 9.14 30.87 -26.38
N VAL A 671 8.56 31.16 -25.21
CA VAL A 671 9.29 31.03 -23.96
C VAL A 671 9.68 29.58 -23.73
N SER A 672 8.79 28.64 -24.05
CA SER A 672 9.11 27.24 -23.87
C SER A 672 10.29 26.83 -24.74
N ALA A 673 10.52 27.53 -25.84
CA ALA A 673 11.67 27.22 -26.68
C ALA A 673 12.97 27.75 -26.07
N LEU A 674 12.90 28.89 -25.38
CA LEU A 674 14.11 29.50 -24.85
C LEU A 674 14.76 28.61 -23.80
N LEU A 675 13.96 28.03 -22.91
CA LEU A 675 14.51 27.19 -21.85
C LEU A 675 15.20 25.95 -22.40
N GLY A 676 14.79 25.49 -23.57
CA GLY A 676 15.38 24.30 -24.14
C GLY A 676 14.46 23.09 -24.04
N GLU A 677 13.17 23.31 -24.29
CA GLU A 677 12.19 22.23 -24.32
C GLU A 677 11.53 22.10 -25.68
N MET A 678 12.14 22.70 -26.71
CA MET A 678 11.60 22.72 -28.06
C MET A 678 12.76 22.44 -28.99
N GLU A 679 12.87 21.20 -29.46
CA GLU A 679 14.02 20.78 -30.26
C GLU A 679 14.22 21.68 -31.47
N LYS A 680 15.33 22.40 -31.50
CA LYS A 680 15.61 23.31 -32.59
C LYS A 680 16.09 22.51 -33.79
N LEU A 681 15.38 22.66 -34.92
CA LEU A 681 15.85 22.04 -36.15
C LEU A 681 17.01 22.82 -36.75
N GLU A 682 16.94 24.13 -36.71
CA GLU A 682 18.00 25.00 -37.19
C GLU A 682 18.17 26.16 -36.23
N GLY A 683 19.32 26.82 -36.32
CA GLY A 683 19.59 28.01 -35.54
C GLY A 683 20.36 27.71 -34.27
N LYS A 684 20.78 28.80 -33.62
CA LYS A 684 21.54 28.73 -32.38
C LYS A 684 20.96 29.73 -31.40
N VAL A 685 20.48 29.24 -30.26
CA VAL A 685 19.85 30.05 -29.24
C VAL A 685 20.84 30.28 -28.12
N HIS A 686 20.94 31.54 -27.66
CA HIS A 686 21.95 31.92 -26.68
C HIS A 686 21.29 32.60 -25.49
N MET A 687 21.94 32.46 -24.33
CA MET A 687 21.61 33.21 -23.12
C MET A 687 22.90 33.57 -22.40
N LYS A 688 22.76 34.27 -21.28
CA LYS A 688 23.88 34.49 -20.36
C LYS A 688 23.31 34.82 -19.00
N GLY A 689 23.42 33.89 -18.06
CA GLY A 689 22.97 34.08 -16.70
C GLY A 689 21.79 33.19 -16.35
N SER A 690 21.48 33.20 -15.06
CA SER A 690 20.37 32.40 -14.55
C SER A 690 19.04 32.99 -15.04
N VAL A 691 18.01 32.15 -15.03
CA VAL A 691 16.69 32.53 -15.52
C VAL A 691 15.64 32.08 -14.52
N ALA A 692 14.43 32.61 -14.67
CA ALA A 692 13.30 32.26 -13.84
C ALA A 692 12.07 32.10 -14.73
N TYR A 693 11.35 31.00 -14.55
CA TYR A 693 10.30 30.59 -15.46
C TYR A 693 8.98 30.49 -14.71
N VAL A 694 7.94 31.13 -15.25
CA VAL A 694 6.62 31.11 -14.63
C VAL A 694 5.63 30.47 -15.60
N PRO A 695 5.38 29.17 -15.50
CA PRO A 695 4.49 28.51 -16.47
C PRO A 695 3.06 29.01 -16.35
N GLN A 696 2.35 28.95 -17.48
CA GLN A 696 0.96 29.37 -17.49
C GLN A 696 0.12 28.54 -16.53
N GLN A 697 0.29 27.22 -16.57
CA GLN A 697 -0.32 26.34 -15.58
C GLN A 697 0.64 26.28 -14.41
N ALA A 698 0.52 27.26 -13.52
CA ALA A 698 1.50 27.50 -12.48
C ALA A 698 1.72 26.26 -11.63
N TRP A 699 2.97 26.02 -11.26
CA TRP A 699 3.39 24.81 -10.59
C TRP A 699 3.57 25.08 -9.10
N ILE A 700 2.87 24.32 -8.27
CA ILE A 700 2.90 24.47 -6.82
C ILE A 700 3.56 23.24 -6.22
N GLN A 701 4.60 23.46 -5.41
CA GLN A 701 5.33 22.39 -4.78
C GLN A 701 4.52 21.79 -3.64
N ASN A 702 4.59 20.47 -3.49
CA ASN A 702 3.82 19.80 -2.44
C ASN A 702 4.52 19.89 -1.10
N CYS A 703 4.89 21.11 -0.70
CA CYS A 703 5.56 21.36 0.57
C CYS A 703 5.04 22.67 1.13
N THR A 704 5.73 23.17 2.15
CA THR A 704 5.29 24.38 2.83
C THR A 704 5.57 25.61 1.96
N LEU A 705 4.90 26.71 2.32
CA LEU A 705 5.05 27.94 1.56
C LEU A 705 6.46 28.50 1.65
N GLN A 706 7.11 28.36 2.81
CA GLN A 706 8.48 28.83 2.94
C GLN A 706 9.40 28.12 1.95
N GLU A 707 9.26 26.81 1.83
CA GLU A 707 10.02 26.08 0.82
C GLU A 707 9.56 26.45 -0.58
N ASN A 708 8.24 26.57 -0.77
CA ASN A 708 7.69 26.83 -2.09
C ASN A 708 7.90 28.26 -2.56
N VAL A 709 8.56 29.10 -1.77
CA VAL A 709 8.94 30.44 -2.17
C VAL A 709 10.45 30.62 -2.13
N LEU A 710 11.09 30.17 -1.05
CA LEU A 710 12.55 30.24 -0.98
C LEU A 710 13.18 29.42 -2.09
N PHE A 711 12.67 28.20 -2.31
CA PHE A 711 13.08 27.32 -3.39
C PHE A 711 14.60 27.14 -3.42
N GLY A 712 15.10 26.54 -2.35
CA GLY A 712 16.51 26.21 -2.26
C GLY A 712 17.44 27.40 -2.22
N LYS A 713 17.11 28.40 -1.41
CA LYS A 713 17.98 29.55 -1.26
C LYS A 713 18.22 29.86 0.21
N ALA A 714 18.84 31.00 0.50
CA ALA A 714 19.04 31.45 1.88
C ALA A 714 17.90 32.38 2.27
N LEU A 715 17.25 32.06 3.38
CA LEU A 715 16.05 32.80 3.80
C LEU A 715 16.47 34.08 4.50
N ASN A 716 16.29 35.21 3.83
CA ASN A 716 16.56 36.52 4.41
C ASN A 716 15.23 37.20 4.70
N PRO A 717 14.89 37.44 5.97
CA PRO A 717 13.55 37.96 6.28
C PRO A 717 13.26 39.31 5.66
N LYS A 718 14.26 40.17 5.52
CA LYS A 718 14.04 41.48 4.91
C LYS A 718 13.61 41.33 3.46
N ARG A 719 14.43 40.66 2.64
CA ARG A 719 14.10 40.48 1.24
C ARG A 719 12.84 39.64 1.09
N TYR A 720 12.73 38.55 1.86
CA TYR A 720 11.58 37.67 1.75
C TYR A 720 10.27 38.43 1.94
N GLN A 721 10.17 39.15 3.05
CA GLN A 721 8.94 39.87 3.37
C GLN A 721 8.62 40.93 2.31
N GLN A 722 9.65 41.63 1.84
CA GLN A 722 9.39 42.68 0.86
C GLN A 722 8.94 42.09 -0.47
N THR A 723 9.47 40.95 -0.88
CA THR A 723 8.94 40.28 -2.06
C THR A 723 7.49 39.85 -1.85
N LEU A 724 7.18 39.27 -0.69
CA LEU A 724 5.80 38.85 -0.44
C LEU A 724 4.84 40.02 -0.49
N GLU A 725 5.23 41.18 0.06
CA GLU A 725 4.32 42.31 0.03
C GLU A 725 4.26 42.96 -1.36
N ALA A 726 5.37 42.95 -2.10
CA ALA A 726 5.35 43.48 -3.46
C ALA A 726 4.46 42.65 -4.36
N CYS A 727 4.50 41.32 -4.21
CA CYS A 727 3.59 40.46 -4.96
C CYS A 727 2.15 40.57 -4.47
N ALA A 728 1.92 41.27 -3.35
CA ALA A 728 0.60 41.45 -2.77
C ALA A 728 -0.01 40.09 -2.41
N LEU A 729 0.69 39.38 -1.53
CA LEU A 729 0.24 38.10 -1.04
C LEU A 729 0.03 38.09 0.47
N LEU A 730 0.41 39.16 1.17
CA LEU A 730 0.15 39.26 2.60
C LEU A 730 -1.34 39.16 2.92
N ALA A 731 -2.20 39.54 1.98
CA ALA A 731 -3.63 39.41 2.20
C ALA A 731 -4.01 37.94 2.40
N ASP A 732 -3.44 37.05 1.58
CA ASP A 732 -3.64 35.63 1.80
C ASP A 732 -3.02 35.17 3.10
N LEU A 733 -1.86 35.72 3.46
CA LEU A 733 -1.17 35.30 4.68
C LEU A 733 -2.01 35.59 5.92
N GLU A 734 -2.63 36.77 5.98
CA GLU A 734 -3.55 37.06 7.07
C GLU A 734 -4.78 36.15 7.03
N MET A 735 -5.18 35.71 5.85
CA MET A 735 -6.26 34.74 5.74
C MET A 735 -5.77 33.35 6.11
N LEU A 736 -4.49 33.06 5.86
CA LEU A 736 -3.98 31.70 6.02
C LEU A 736 -4.11 31.25 7.47
N PRO A 737 -4.59 30.03 7.71
CA PRO A 737 -4.82 29.58 9.10
C PRO A 737 -3.56 29.43 9.92
N GLY A 738 -2.40 29.27 9.30
CA GLY A 738 -1.20 28.99 10.08
C GLY A 738 -0.03 29.90 9.80
N GLY A 739 -0.24 30.91 8.96
CA GLY A 739 0.84 31.81 8.60
C GLY A 739 1.52 31.40 7.31
N ASP A 740 2.81 31.69 7.19
CA ASP A 740 3.58 31.38 5.99
C ASP A 740 4.18 29.97 6.04
N GLN A 741 3.62 29.08 6.86
CA GLN A 741 4.04 27.69 6.92
C GLN A 741 2.93 26.74 6.50
N THR A 742 1.85 27.26 5.92
CA THR A 742 0.72 26.43 5.57
C THR A 742 1.08 25.43 4.48
N GLU A 743 0.52 24.23 4.58
CA GLU A 743 0.74 23.20 3.56
C GLU A 743 0.06 23.60 2.25
N ILE A 744 0.69 23.24 1.14
CA ILE A 744 0.21 23.60 -0.19
C ILE A 744 0.02 22.32 -1.00
N GLY A 745 -0.68 22.41 -2.14
CA GLY A 745 -0.83 21.25 -3.00
C GLY A 745 -1.84 20.26 -2.42
N GLU A 746 -1.79 19.04 -2.95
CA GLU A 746 -2.70 18.00 -2.51
C GLU A 746 -2.44 17.64 -1.04
N LYS A 747 -1.22 17.85 -0.56
CA LYS A 747 -0.92 17.64 0.84
C LYS A 747 -1.51 18.73 1.73
N GLY A 748 -1.86 19.88 1.14
CA GLY A 748 -2.43 20.97 1.92
C GLY A 748 -3.70 21.51 1.34
N ILE A 749 -4.01 22.77 1.64
CA ILE A 749 -5.22 23.41 1.13
C ILE A 749 -5.09 23.60 -0.37
N ASN A 750 -6.10 23.16 -1.11
CA ASN A 750 -6.11 23.31 -2.56
C ASN A 750 -6.27 24.80 -2.88
N LEU A 751 -5.19 25.44 -3.27
CA LEU A 751 -5.23 26.86 -3.61
C LEU A 751 -5.84 27.05 -4.99
N SER A 752 -6.78 27.99 -5.10
CA SER A 752 -7.43 28.25 -6.37
C SER A 752 -6.42 28.82 -7.37
N GLY A 753 -6.90 29.04 -8.59
CA GLY A 753 -6.01 29.50 -9.65
C GLY A 753 -5.36 30.83 -9.36
N GLY A 754 -6.08 31.74 -8.70
CA GLY A 754 -5.56 33.09 -8.51
C GLY A 754 -4.30 33.15 -7.67
N GLN A 755 -4.26 32.40 -6.57
CA GLN A 755 -3.12 32.46 -5.67
C GLN A 755 -1.89 31.74 -6.19
N ARG A 756 -2.06 30.74 -7.04
CA ARG A 756 -0.92 29.95 -7.51
C ARG A 756 0.02 30.79 -8.35
N GLN A 757 -0.51 31.62 -9.25
CA GLN A 757 0.37 32.50 -10.01
C GLN A 757 1.07 33.52 -9.12
N ARG A 758 0.40 33.97 -8.06
CA ARG A 758 1.04 34.88 -7.13
C ARG A 758 2.27 34.26 -6.50
N VAL A 759 2.14 33.04 -5.97
CA VAL A 759 3.27 32.40 -5.32
C VAL A 759 4.35 32.05 -6.34
N SER A 760 3.95 31.64 -7.55
CA SER A 760 4.94 31.34 -8.57
C SER A 760 5.76 32.56 -8.93
N LEU A 761 5.09 33.70 -9.12
CA LEU A 761 5.79 34.94 -9.44
C LEU A 761 6.66 35.38 -8.28
N ALA A 762 6.19 35.20 -7.05
CA ALA A 762 6.98 35.56 -5.88
C ALA A 762 8.26 34.72 -5.82
N ARG A 763 8.13 33.41 -6.07
CA ARG A 763 9.31 32.56 -6.09
C ARG A 763 10.28 33.01 -7.17
N ALA A 764 9.75 33.32 -8.36
CA ALA A 764 10.61 33.76 -9.45
C ALA A 764 11.38 35.02 -9.08
N VAL A 765 10.69 36.01 -8.51
CA VAL A 765 11.33 37.28 -8.24
C VAL A 765 12.29 37.18 -7.06
N TYR A 766 11.98 36.35 -6.06
CA TYR A 766 12.94 36.17 -4.98
C TYR A 766 14.15 35.41 -5.46
N SER A 767 13.98 34.53 -6.45
CA SER A 767 15.13 33.86 -7.04
C SER A 767 16.04 34.81 -7.80
N ASP A 768 15.59 36.05 -8.02
CA ASP A 768 16.35 37.18 -8.56
C ASP A 768 17.39 36.78 -9.60
N ALA A 769 16.98 35.95 -10.56
CA ALA A 769 17.87 35.53 -11.62
C ALA A 769 18.12 36.67 -12.60
N ASP A 770 19.04 36.44 -13.54
CA ASP A 770 19.43 37.48 -14.47
C ASP A 770 18.32 37.76 -15.48
N ILE A 771 17.76 36.72 -16.08
CA ILE A 771 16.86 36.86 -17.22
C ILE A 771 15.53 36.21 -16.86
N PHE A 772 14.54 37.04 -16.51
CA PHE A 772 13.21 36.52 -16.20
C PHE A 772 12.46 36.25 -17.49
N LEU A 773 12.00 35.02 -17.65
CA LEU A 773 11.17 34.63 -18.80
C LEU A 773 9.76 34.41 -18.26
N LEU A 774 8.98 35.48 -18.18
CA LEU A 774 7.62 35.40 -17.68
C LEU A 774 6.71 34.78 -18.73
N ASP A 775 5.54 34.35 -18.28
CA ASP A 775 4.54 33.79 -19.21
C ASP A 775 3.15 34.10 -18.64
N ASP A 776 2.58 35.25 -19.05
CA ASP A 776 1.27 35.77 -18.69
C ASP A 776 0.84 35.39 -17.27
N PRO A 777 1.65 35.65 -16.25
CA PRO A 777 1.26 35.26 -14.89
C PRO A 777 0.04 36.00 -14.37
N LEU A 778 -0.29 37.15 -14.96
CA LEU A 778 -1.43 37.97 -14.56
C LEU A 778 -2.73 37.53 -15.21
N SER A 779 -2.79 36.29 -15.72
CA SER A 779 -3.94 35.85 -16.51
C SER A 779 -5.14 35.52 -15.64
N ALA A 780 -4.91 34.98 -14.44
CA ALA A 780 -6.02 34.52 -13.62
C ALA A 780 -6.05 35.22 -12.26
N VAL A 781 -5.90 36.54 -12.26
CA VAL A 781 -5.89 37.33 -11.04
C VAL A 781 -6.77 38.55 -11.26
N ASP A 782 -7.16 39.18 -10.14
CA ASP A 782 -7.95 40.41 -10.21
C ASP A 782 -7.17 41.50 -10.92
N SER A 783 -7.89 42.36 -11.64
CA SER A 783 -7.26 43.33 -12.51
C SER A 783 -6.47 44.37 -11.71
N HIS A 784 -7.10 44.98 -10.70
CA HIS A 784 -6.47 46.11 -10.02
C HIS A 784 -5.18 45.69 -9.32
N VAL A 785 -5.19 44.56 -8.62
CA VAL A 785 -3.96 44.08 -8.00
C VAL A 785 -2.95 43.71 -9.05
N ALA A 786 -3.41 43.18 -10.19
CA ALA A 786 -2.49 42.86 -11.28
C ALA A 786 -1.74 44.09 -11.75
N LYS A 787 -2.40 45.25 -11.75
CA LYS A 787 -1.73 46.49 -12.11
C LYS A 787 -0.58 46.77 -11.14
N HIS A 788 -0.83 46.61 -9.83
CA HIS A 788 0.25 46.76 -8.85
C HIS A 788 1.32 45.71 -9.07
N ILE A 789 0.91 44.49 -9.43
CA ILE A 789 1.88 43.42 -9.68
C ILE A 789 2.82 43.80 -10.79
N PHE A 790 2.29 44.35 -11.89
CA PHE A 790 3.15 44.87 -12.94
C PHE A 790 3.88 46.12 -12.48
N ASP A 791 3.19 46.98 -11.71
CA ASP A 791 3.81 48.23 -11.28
C ASP A 791 4.95 47.96 -10.30
N HIS A 792 4.71 47.17 -9.26
CA HIS A 792 5.69 47.02 -8.21
C HIS A 792 6.77 46.00 -8.53
N VAL A 793 6.58 45.16 -9.55
CA VAL A 793 7.52 44.07 -9.80
C VAL A 793 8.06 44.14 -11.22
N ILE A 794 7.17 44.03 -12.20
CA ILE A 794 7.60 43.85 -13.58
C ILE A 794 8.00 45.18 -14.21
N GLY A 795 7.21 46.23 -13.97
CA GLY A 795 7.42 47.51 -14.60
C GLY A 795 8.72 48.17 -14.19
N PRO A 796 9.13 49.20 -14.93
CA PRO A 796 10.38 49.90 -14.60
C PRO A 796 10.39 50.51 -13.22
N GLU A 797 9.24 50.98 -12.73
CA GLU A 797 9.16 51.45 -11.36
C GLU A 797 9.43 50.33 -10.37
N GLY A 798 9.16 49.09 -10.75
CA GLY A 798 9.27 47.97 -9.85
C GLY A 798 10.71 47.62 -9.53
N VAL A 799 10.85 46.54 -8.76
CA VAL A 799 12.16 46.08 -8.31
C VAL A 799 13.04 45.62 -9.48
N LEU A 800 12.44 45.16 -10.57
CA LEU A 800 13.16 44.45 -11.62
C LEU A 800 13.57 45.35 -12.77
N ALA A 801 13.93 46.61 -12.48
CA ALA A 801 14.34 47.52 -13.54
C ALA A 801 15.58 47.02 -14.28
N GLY A 802 16.56 46.52 -13.53
CA GLY A 802 17.80 46.06 -14.12
C GLY A 802 17.80 44.61 -14.58
N LYS A 803 16.67 43.93 -14.53
CA LYS A 803 16.59 42.51 -14.89
C LYS A 803 16.02 42.36 -16.29
N THR A 804 16.64 41.48 -17.08
CA THR A 804 16.18 41.23 -18.44
C THR A 804 14.90 40.42 -18.42
N ARG A 805 13.76 41.10 -18.45
CA ARG A 805 12.47 40.45 -18.41
C ARG A 805 11.98 40.21 -19.83
N VAL A 806 11.41 39.03 -20.07
CA VAL A 806 10.74 38.71 -21.32
C VAL A 806 9.32 38.30 -20.97
N LEU A 807 8.35 39.07 -21.46
CA LEU A 807 6.94 38.86 -21.11
C LEU A 807 6.16 38.40 -22.33
N VAL A 808 5.35 37.39 -22.14
CA VAL A 808 4.40 36.93 -23.14
C VAL A 808 3.02 36.87 -22.50
N THR A 809 2.08 37.61 -23.07
CA THR A 809 0.75 37.71 -22.48
C THR A 809 -0.23 38.21 -23.54
N HIS A 810 -1.51 38.02 -23.25
CA HIS A 810 -2.59 38.48 -24.10
C HIS A 810 -3.09 39.87 -23.72
N GLY A 811 -2.43 40.52 -22.77
CA GLY A 811 -2.88 41.83 -22.32
C GLY A 811 -2.60 42.93 -23.34
N ILE A 812 -3.24 44.07 -23.09
CA ILE A 812 -3.13 45.23 -23.97
C ILE A 812 -2.62 46.46 -23.22
N SER A 813 -3.15 46.71 -22.02
CA SER A 813 -2.81 47.92 -21.28
C SER A 813 -1.35 47.96 -20.85
N PHE A 814 -0.71 46.80 -20.69
CA PHE A 814 0.67 46.78 -20.25
C PHE A 814 1.66 47.17 -21.34
N LEU A 815 1.20 47.27 -22.59
CA LEU A 815 2.11 47.49 -23.71
C LEU A 815 2.88 48.82 -23.63
N PRO A 816 2.24 49.97 -23.41
CA PRO A 816 3.00 51.24 -23.51
C PRO A 816 4.17 51.33 -22.54
N GLN A 817 4.04 50.76 -21.35
CA GLN A 817 5.10 50.82 -20.36
C GLN A 817 6.26 49.88 -20.65
N THR A 818 6.12 49.01 -21.65
CA THR A 818 7.18 48.09 -22.04
C THR A 818 8.28 48.84 -22.78
N ASP A 819 9.37 48.12 -23.05
CA ASP A 819 10.49 48.68 -23.82
C ASP A 819 10.42 48.24 -25.28
N PHE A 820 10.44 46.95 -25.53
CA PHE A 820 10.32 46.40 -26.88
C PHE A 820 9.10 45.49 -26.96
N ILE A 821 8.61 45.31 -28.18
CA ILE A 821 7.48 44.42 -28.45
C ILE A 821 7.81 43.61 -29.71
N ILE A 822 7.51 42.32 -29.66
CA ILE A 822 7.68 41.40 -30.78
C ILE A 822 6.31 40.90 -31.19
N VAL A 823 6.01 40.99 -32.48
CA VAL A 823 4.70 40.58 -33.00
C VAL A 823 4.84 39.21 -33.62
N LEU A 824 4.03 38.26 -33.17
CA LEU A 824 4.10 36.88 -33.61
C LEU A 824 2.95 36.59 -34.57
N ALA A 825 3.29 35.98 -35.71
CA ALA A 825 2.31 35.51 -36.68
C ALA A 825 2.76 34.14 -37.18
N ASP A 826 1.88 33.14 -37.06
CA ASP A 826 2.08 31.76 -37.49
C ASP A 826 3.50 31.25 -37.26
N GLY A 827 4.08 31.61 -36.12
CA GLY A 827 5.44 31.21 -35.83
C GLY A 827 6.51 32.03 -36.51
N GLN A 828 6.19 33.24 -36.96
CA GLN A 828 7.15 34.11 -37.63
C GLN A 828 7.01 35.52 -37.10
N VAL A 829 8.15 36.16 -36.83
CA VAL A 829 8.15 37.54 -36.37
C VAL A 829 7.79 38.46 -37.53
N SER A 830 6.97 39.47 -37.26
CA SER A 830 6.60 40.46 -38.25
C SER A 830 7.14 41.84 -37.92
N GLU A 831 6.84 42.36 -36.72
CA GLU A 831 7.23 43.70 -36.34
C GLU A 831 7.87 43.69 -34.96
N MET A 832 8.88 44.53 -34.79
CA MET A 832 9.63 44.65 -33.54
C MET A 832 9.81 46.12 -33.22
N GLY A 833 9.64 46.46 -31.95
CA GLY A 833 9.91 47.80 -31.49
C GLY A 833 9.04 48.29 -30.35
N PRO A 834 9.31 49.49 -29.87
CA PRO A 834 8.50 50.06 -28.78
C PRO A 834 7.08 50.35 -29.23
N TYR A 835 6.16 50.27 -28.27
CA TYR A 835 4.74 50.45 -28.57
C TYR A 835 4.41 51.84 -29.12
N PRO A 836 4.89 52.95 -28.54
CA PRO A 836 4.61 54.25 -29.16
C PRO A 836 5.13 54.36 -30.59
N ALA A 837 6.27 53.74 -30.88
CA ALA A 837 6.74 53.69 -32.27
C ALA A 837 5.92 52.71 -33.09
N LEU A 838 5.59 51.56 -32.51
CA LEU A 838 4.77 50.58 -33.24
C LEU A 838 3.35 51.07 -33.44
N LEU A 839 2.86 51.96 -32.57
CA LEU A 839 1.51 52.48 -32.74
C LEU A 839 1.36 53.28 -34.02
N GLN A 840 2.47 53.72 -34.62
CA GLN A 840 2.38 54.43 -35.90
C GLN A 840 1.91 53.51 -37.02
N ARG A 841 2.24 52.22 -36.93
CA ARG A 841 1.91 51.30 -38.00
C ARG A 841 0.40 51.11 -38.13
N ASN A 842 -0.27 50.80 -37.02
CA ASN A 842 -1.71 50.55 -36.99
C ASN A 842 -2.11 49.47 -38.00
N GLY A 843 -1.29 48.43 -38.09
CA GLY A 843 -1.56 47.33 -39.00
C GLY A 843 -2.43 46.27 -38.38
N SER A 844 -2.09 45.00 -38.62
CA SER A 844 -2.85 43.89 -38.02
C SER A 844 -2.71 43.87 -36.51
N PHE A 845 -1.65 44.46 -35.96
CA PHE A 845 -1.54 44.59 -34.51
C PHE A 845 -2.66 45.47 -33.95
N ALA A 846 -3.07 46.50 -34.69
CA ALA A 846 -4.21 47.30 -34.26
C ALA A 846 -5.49 46.48 -34.20
N ASN A 847 -5.58 45.43 -35.02
CA ASN A 847 -6.75 44.54 -34.95
C ASN A 847 -6.70 43.66 -33.71
N PHE A 848 -5.50 43.39 -33.19
CA PHE A 848 -5.38 42.63 -31.94
C PHE A 848 -6.03 43.37 -30.78
N LEU A 849 -6.08 44.70 -30.86
CA LEU A 849 -6.63 45.50 -29.77
C LEU A 849 -8.11 45.20 -29.56
N CYS A 850 -8.86 45.08 -30.64
CA CYS A 850 -10.30 44.82 -30.55
C CYS A 850 -10.66 43.51 -31.24
N ALA A 949 -6.54 1.90 25.93
CA ALA A 949 -5.53 2.85 25.47
C ALA A 949 -5.84 3.32 24.05
N ALA A 950 -5.57 4.61 23.79
CA ALA A 950 -5.79 5.15 22.46
C ALA A 950 -4.89 4.49 21.43
N ILE A 951 -3.63 4.24 21.78
CA ILE A 951 -2.67 3.57 20.92
C ILE A 951 -2.31 2.25 21.57
N GLY A 952 -2.64 1.15 20.90
CA GLY A 952 -2.33 -0.17 21.44
C GLY A 952 -3.15 -1.23 20.76
N THR A 953 -3.20 -2.40 21.40
CA THR A 953 -3.99 -3.50 20.87
C THR A 953 -5.48 -3.20 21.01
N VAL A 954 -6.26 -3.74 20.06
CA VAL A 954 -7.69 -3.53 20.09
C VAL A 954 -8.31 -4.24 21.28
N GLU A 955 -9.44 -3.72 21.76
CA GLU A 955 -10.12 -4.36 22.87
C GLU A 955 -10.66 -5.72 22.45
N LEU A 956 -10.82 -6.61 23.43
CA LEU A 956 -11.34 -7.93 23.12
C LEU A 956 -12.77 -7.85 22.61
N SER A 957 -13.56 -6.92 23.16
CA SER A 957 -14.99 -6.90 22.88
C SER A 957 -15.27 -6.77 21.38
N VAL A 958 -14.43 -6.06 20.64
CA VAL A 958 -14.69 -5.87 19.21
C VAL A 958 -14.75 -7.21 18.50
N PHE A 959 -13.90 -8.16 18.91
CA PHE A 959 -13.97 -9.50 18.35
C PHE A 959 -15.38 -10.06 18.51
N TRP A 960 -15.90 -10.02 19.74
CA TRP A 960 -17.27 -10.45 19.98
C TRP A 960 -18.22 -9.75 19.04
N ASP A 961 -18.01 -8.45 18.82
CA ASP A 961 -18.86 -7.68 17.93
C ASP A 961 -18.92 -8.34 16.56
N TYR A 962 -17.76 -8.68 16.00
CA TYR A 962 -17.76 -9.32 14.69
C TYR A 962 -18.55 -10.62 14.73
N ALA A 963 -18.41 -11.39 15.81
CA ALA A 963 -19.18 -12.61 15.92
C ALA A 963 -20.67 -12.32 15.95
N LYS A 964 -21.07 -11.27 16.67
CA LYS A 964 -22.47 -10.90 16.67
C LYS A 964 -22.94 -10.46 15.30
N ALA A 965 -22.01 -10.10 14.42
CA ALA A 965 -22.34 -9.73 13.05
C ALA A 965 -22.33 -10.91 12.10
N VAL A 966 -21.89 -12.09 12.54
CA VAL A 966 -21.94 -13.27 11.69
C VAL A 966 -23.17 -14.11 11.98
N GLY A 967 -23.81 -13.93 13.12
CA GLY A 967 -25.05 -14.63 13.41
C GLY A 967 -25.06 -15.27 14.78
N LEU A 968 -23.90 -15.72 15.22
CA LEU A 968 -23.69 -16.30 16.54
C LEU A 968 -24.31 -17.69 16.65
N CYS A 969 -25.09 -18.06 15.64
CA CYS A 969 -25.41 -19.46 15.39
C CYS A 969 -24.46 -20.07 14.38
N THR A 970 -23.64 -19.23 13.74
CA THR A 970 -22.57 -19.67 12.86
C THR A 970 -21.23 -19.70 13.55
N THR A 971 -21.01 -18.82 14.53
CA THR A 971 -19.74 -18.82 15.26
C THR A 971 -19.54 -20.13 16.00
N LEU A 972 -20.56 -20.61 16.71
CA LEU A 972 -20.47 -21.93 17.30
C LEU A 972 -20.35 -22.99 16.23
N ALA A 973 -21.12 -22.87 15.16
CA ALA A 973 -21.09 -23.89 14.10
C ALA A 973 -19.78 -23.92 13.35
N ILE A 974 -18.90 -22.94 13.54
CA ILE A 974 -17.60 -22.95 12.91
C ILE A 974 -16.50 -23.32 13.90
N CYS A 975 -16.53 -22.78 15.13
CA CYS A 975 -15.54 -23.15 16.12
C CYS A 975 -15.69 -24.61 16.52
N LEU A 976 -16.92 -25.03 16.84
CA LEU A 976 -17.18 -26.43 17.14
C LEU A 976 -16.77 -27.33 15.98
N LEU A 977 -16.95 -26.84 14.77
CA LEU A 977 -16.71 -27.69 13.61
C LEU A 977 -15.22 -27.85 13.33
N TYR A 978 -14.42 -26.80 13.53
CA TYR A 978 -12.97 -27.00 13.58
C TYR A 978 -12.53 -27.89 14.73
N VAL A 979 -13.16 -27.79 15.90
CA VAL A 979 -12.77 -28.73 16.96
C VAL A 979 -13.01 -30.16 16.51
N GLY A 980 -14.15 -30.40 15.86
CA GLY A 980 -14.40 -31.72 15.31
C GLY A 980 -13.36 -32.14 14.29
N GLN A 981 -12.96 -31.23 13.41
CA GLN A 981 -11.99 -31.62 12.40
C GLN A 981 -10.64 -31.93 13.02
N SER A 982 -10.23 -31.17 14.04
CA SER A 982 -8.96 -31.42 14.68
C SER A 982 -8.97 -32.77 15.39
N ALA A 983 -10.08 -33.10 16.06
CA ALA A 983 -10.19 -34.42 16.65
C ALA A 983 -10.12 -35.51 15.59
N ALA A 984 -10.73 -35.28 14.43
CA ALA A 984 -10.63 -36.26 13.35
C ALA A 984 -9.21 -36.42 12.86
N ALA A 985 -8.47 -35.32 12.75
CA ALA A 985 -7.09 -35.40 12.27
C ALA A 985 -6.20 -36.15 13.25
N ILE A 986 -6.31 -35.84 14.54
CA ILE A 986 -5.54 -36.58 15.51
C ILE A 986 -5.96 -38.04 15.54
N GLY A 987 -7.24 -38.32 15.33
CA GLY A 987 -7.67 -39.72 15.23
C GLY A 987 -7.04 -40.42 14.05
N ALA A 988 -6.97 -39.75 12.91
CA ALA A 988 -6.35 -40.35 11.74
C ALA A 988 -4.88 -40.66 12.00
N ASN A 989 -4.16 -39.72 12.61
CA ASN A 989 -2.74 -39.96 12.84
C ASN A 989 -2.51 -41.03 13.89
N VAL A 990 -3.32 -41.06 14.95
CA VAL A 990 -3.18 -42.11 15.94
C VAL A 990 -3.51 -43.46 15.32
N TRP A 991 -4.48 -43.51 14.42
CA TRP A 991 -4.77 -44.76 13.75
C TRP A 991 -3.61 -45.19 12.86
N LEU A 992 -2.97 -44.24 12.19
CA LEU A 992 -1.80 -44.59 11.40
C LEU A 992 -0.70 -45.16 12.28
N SER A 993 -0.51 -44.58 13.47
CA SER A 993 0.49 -45.11 14.39
C SER A 993 0.14 -46.52 14.83
N ALA A 994 -1.13 -46.74 15.19
CA ALA A 994 -1.55 -48.06 15.63
C ALA A 994 -1.58 -49.06 14.50
N TRP A 995 -1.50 -48.59 13.26
CA TRP A 995 -1.32 -49.49 12.13
C TRP A 995 0.14 -49.84 11.92
N THR A 996 1.01 -48.82 11.96
CA THR A 996 2.40 -49.05 11.63
C THR A 996 3.09 -49.89 12.70
N ASN A 997 2.76 -49.68 13.97
CA ASN A 997 3.37 -50.55 14.97
C ASN A 997 2.61 -51.86 15.14
N ASP A 998 1.44 -52.00 14.55
CA ASP A 998 0.77 -53.29 14.50
C ASP A 998 1.39 -54.19 13.44
N ALA A 999 1.78 -53.63 12.31
CA ALA A 999 2.27 -54.45 11.21
C ALA A 999 3.56 -55.18 11.54
N MET A 1000 4.31 -54.73 12.55
CA MET A 1000 5.58 -55.38 12.86
C MET A 1000 5.41 -56.70 13.62
N ALA A 1001 4.36 -56.81 14.43
CA ALA A 1001 4.11 -58.02 15.22
C ALA A 1001 3.20 -59.02 14.52
N ASP A 1002 2.05 -58.55 14.03
CA ASP A 1002 1.07 -59.43 13.39
C ASP A 1002 1.66 -60.21 12.24
N SER A 1003 1.65 -61.53 12.34
CA SER A 1003 2.12 -62.37 11.24
C SER A 1003 1.19 -62.27 10.03
N ARG A 1004 -0.09 -62.01 10.26
CA ARG A 1004 -1.06 -61.88 9.19
C ARG A 1004 -1.14 -60.43 8.72
N GLN A 1005 -0.88 -60.22 7.43
CA GLN A 1005 -1.06 -58.90 6.82
C GLN A 1005 -2.45 -58.72 6.23
N ASN A 1006 -3.27 -59.77 6.22
CA ASN A 1006 -4.60 -59.70 5.60
C ASN A 1006 -5.45 -58.60 6.22
N ASN A 1007 -5.17 -58.23 7.47
CA ASN A 1007 -5.96 -57.21 8.15
C ASN A 1007 -5.75 -55.83 7.56
N THR A 1008 -4.71 -55.63 6.74
CA THR A 1008 -4.35 -54.28 6.31
C THR A 1008 -5.51 -53.60 5.58
N SER A 1009 -6.24 -54.35 4.76
CA SER A 1009 -7.30 -53.74 3.97
C SER A 1009 -8.39 -53.11 4.83
N LEU A 1010 -8.45 -53.47 6.12
CA LEU A 1010 -9.34 -52.73 7.01
C LEU A 1010 -8.73 -51.40 7.41
N ARG A 1011 -7.52 -51.42 7.96
CA ARG A 1011 -6.96 -50.19 8.53
C ARG A 1011 -6.90 -49.09 7.49
N LEU A 1012 -6.29 -49.38 6.33
CA LEU A 1012 -6.30 -48.45 5.22
C LEU A 1012 -7.69 -47.86 5.04
N GLY A 1013 -8.68 -48.73 4.84
CA GLY A 1013 -10.05 -48.30 4.70
C GLY A 1013 -10.45 -47.30 5.75
N VAL A 1014 -10.37 -47.68 7.02
CA VAL A 1014 -10.88 -46.77 8.04
C VAL A 1014 -10.04 -45.51 8.09
N TYR A 1015 -8.75 -45.63 7.79
CA TYR A 1015 -7.91 -44.43 7.72
C TYR A 1015 -8.53 -43.42 6.77
N ALA A 1016 -8.93 -43.89 5.58
CA ALA A 1016 -9.64 -43.01 4.67
C ALA A 1016 -10.88 -42.44 5.32
N ALA A 1017 -11.72 -43.29 5.87
CA ALA A 1017 -12.95 -42.76 6.43
C ALA A 1017 -12.74 -42.06 7.72
N LEU A 1018 -11.49 -41.88 8.13
CA LEU A 1018 -11.19 -41.07 9.30
C LEU A 1018 -10.37 -39.83 8.96
N GLY A 1019 -9.92 -39.71 7.71
CA GLY A 1019 -9.25 -38.50 7.30
C GLY A 1019 -10.04 -37.78 6.22
N ILE A 1020 -10.76 -38.55 5.40
CA ILE A 1020 -11.70 -37.94 4.45
C ILE A 1020 -12.70 -37.08 5.21
N LEU A 1021 -13.18 -37.58 6.35
CA LEU A 1021 -13.97 -36.76 7.25
C LEU A 1021 -13.26 -35.46 7.58
N GLN A 1022 -11.97 -35.54 7.89
CA GLN A 1022 -11.20 -34.35 8.23
C GLN A 1022 -11.11 -33.38 7.06
N GLY A 1023 -11.43 -33.82 5.86
CA GLY A 1023 -11.60 -32.88 4.77
C GLY A 1023 -13.02 -32.38 4.73
N PHE A 1024 -13.97 -33.30 4.75
CA PHE A 1024 -15.39 -32.95 4.67
C PHE A 1024 -15.83 -32.15 5.89
N LEU A 1025 -15.03 -32.09 6.93
CA LEU A 1025 -15.39 -31.33 8.12
C LEU A 1025 -14.56 -30.06 8.23
N VAL A 1026 -13.79 -29.73 7.20
CA VAL A 1026 -13.08 -28.46 7.10
C VAL A 1026 -13.62 -27.62 5.95
N MET A 1027 -13.75 -28.21 4.76
CA MET A 1027 -14.42 -27.53 3.67
C MET A 1027 -15.82 -27.11 4.09
N LEU A 1028 -16.62 -28.06 4.57
CA LEU A 1028 -17.94 -27.74 5.10
C LEU A 1028 -17.87 -26.74 6.25
N ALA A 1029 -16.69 -26.49 6.80
CA ALA A 1029 -16.49 -25.39 7.72
C ALA A 1029 -16.09 -24.11 7.00
N ALA A 1030 -15.09 -24.18 6.13
CA ALA A 1030 -14.56 -22.97 5.54
C ALA A 1030 -15.63 -22.23 4.73
N MET A 1031 -16.43 -22.96 3.95
CA MET A 1031 -17.56 -22.32 3.28
C MET A 1031 -18.44 -21.61 4.30
N ALA A 1032 -18.84 -22.32 5.34
CA ALA A 1032 -19.69 -21.70 6.36
C ALA A 1032 -18.95 -20.72 7.19
N MET A 1033 -17.73 -20.39 6.82
CA MET A 1033 -17.07 -19.19 7.33
C MET A 1033 -17.09 -18.07 6.29
N ALA A 1034 -16.73 -18.39 5.05
CA ALA A 1034 -16.81 -17.38 4.00
C ALA A 1034 -18.26 -16.94 3.79
N ALA A 1035 -19.18 -17.89 3.72
CA ALA A 1035 -20.59 -17.57 3.64
C ALA A 1035 -21.12 -16.96 4.92
N GLY A 1036 -20.26 -16.73 5.91
CA GLY A 1036 -20.63 -15.92 7.04
C GLY A 1036 -19.96 -14.57 6.92
N GLY A 1037 -18.72 -14.58 6.40
CA GLY A 1037 -17.98 -13.34 6.30
C GLY A 1037 -18.71 -12.29 5.50
N ILE A 1038 -19.21 -12.68 4.32
CA ILE A 1038 -20.00 -11.74 3.52
C ILE A 1038 -21.23 -11.29 4.31
N GLN A 1039 -21.88 -12.23 4.99
CA GLN A 1039 -22.98 -11.86 5.86
C GLN A 1039 -22.51 -10.87 6.92
N ALA A 1040 -21.33 -11.13 7.49
CA ALA A 1040 -20.76 -10.21 8.47
C ALA A 1040 -20.57 -8.83 7.86
N ALA A 1041 -20.23 -8.77 6.58
CA ALA A 1041 -20.18 -7.47 5.92
C ALA A 1041 -21.56 -6.86 5.83
N ARG A 1042 -22.53 -7.64 5.31
CA ARG A 1042 -23.80 -7.10 4.87
C ARG A 1042 -24.45 -6.30 5.99
N VAL A 1043 -24.85 -6.98 7.06
CA VAL A 1043 -25.50 -6.31 8.17
C VAL A 1043 -24.63 -5.15 8.63
N LEU A 1044 -23.33 -5.41 8.82
CA LEU A 1044 -22.46 -4.38 9.36
C LEU A 1044 -22.48 -3.16 8.46
N HIS A 1045 -22.35 -3.37 7.15
CA HIS A 1045 -22.39 -2.24 6.23
C HIS A 1045 -23.71 -1.49 6.35
N GLN A 1046 -24.82 -2.23 6.41
CA GLN A 1046 -26.10 -1.60 6.61
C GLN A 1046 -26.09 -0.76 7.86
N ALA A 1047 -25.62 -1.34 8.97
CA ALA A 1047 -25.63 -0.62 10.24
C ALA A 1047 -24.84 0.67 10.18
N LEU A 1048 -23.91 0.77 9.24
CA LEU A 1048 -23.22 2.04 9.04
C LEU A 1048 -24.05 2.97 8.18
N LEU A 1049 -24.47 2.50 7.01
CA LEU A 1049 -25.14 3.37 6.05
C LEU A 1049 -26.41 3.94 6.65
N HIS A 1050 -27.28 3.07 7.16
CA HIS A 1050 -28.55 3.50 7.74
C HIS A 1050 -28.36 4.46 8.90
N ASN A 1051 -27.14 4.69 9.35
CA ASN A 1051 -26.90 5.72 10.35
C ASN A 1051 -26.34 7.00 9.77
N LYS A 1052 -25.48 6.92 8.75
CA LYS A 1052 -24.91 8.13 8.19
C LYS A 1052 -25.96 8.97 7.48
N ILE A 1053 -26.97 8.33 6.88
CA ILE A 1053 -28.08 9.08 6.30
C ILE A 1053 -28.83 9.81 7.38
N ARG A 1054 -28.94 9.20 8.57
CA ARG A 1054 -29.68 9.78 9.67
C ARG A 1054 -28.84 10.70 10.54
N SER A 1055 -27.77 11.24 10.02
CA SER A 1055 -27.04 12.10 10.93
C SER A 1055 -27.37 13.56 10.68
N PRO A 1056 -27.28 14.41 11.71
CA PRO A 1056 -27.59 15.83 11.53
C PRO A 1056 -26.66 16.49 10.53
N GLN A 1057 -27.19 17.53 9.88
CA GLN A 1057 -26.43 18.24 8.84
C GLN A 1057 -25.11 18.77 9.37
N SER A 1058 -25.06 19.11 10.67
CA SER A 1058 -23.81 19.56 11.27
C SER A 1058 -22.72 18.50 11.17
N PHE A 1059 -23.10 17.22 11.17
CA PHE A 1059 -22.12 16.15 10.98
C PHE A 1059 -21.44 16.27 9.63
N PHE A 1060 -22.21 16.56 8.58
CA PHE A 1060 -21.62 16.76 7.25
C PHE A 1060 -20.96 18.12 7.11
N ASP A 1061 -21.31 19.08 7.96
CA ASP A 1061 -20.69 20.40 7.88
C ASP A 1061 -19.30 20.40 8.50
N THR A 1062 -19.19 19.88 9.73
CA THR A 1062 -17.88 19.82 10.39
C THR A 1062 -16.93 18.84 9.71
N THR A 1063 -17.45 17.97 8.84
CA THR A 1063 -16.63 17.03 8.09
C THR A 1063 -16.48 17.48 6.65
N PRO A 1064 -15.34 17.21 6.03
CA PRO A 1064 -15.11 17.69 4.65
C PRO A 1064 -15.60 16.72 3.59
N SER A 1065 -16.44 15.76 3.99
CA SER A 1065 -16.95 14.70 3.12
C SER A 1065 -15.84 13.81 2.58
N GLY A 1066 -14.71 13.75 3.27
CA GLY A 1066 -13.64 12.85 2.90
C GLY A 1066 -13.51 11.67 3.85
N ARG A 1067 -13.68 11.93 5.15
CA ARG A 1067 -13.65 10.84 6.11
C ARG A 1067 -14.86 9.93 5.96
N ILE A 1068 -16.02 10.52 5.68
CA ILE A 1068 -17.27 9.78 5.53
C ILE A 1068 -17.31 9.09 4.17
N LEU A 1069 -16.25 9.28 3.37
CA LEU A 1069 -16.03 8.47 2.19
C LEU A 1069 -14.84 7.55 2.32
N ASN A 1070 -14.00 7.74 3.34
CA ASN A 1070 -13.00 6.73 3.67
C ASN A 1070 -13.68 5.40 3.98
N CYS A 1071 -14.63 5.42 4.90
CA CYS A 1071 -15.58 4.32 4.99
C CYS A 1071 -16.47 4.33 3.77
N PHE A 1072 -17.01 3.16 3.42
CA PHE A 1072 -17.61 2.82 2.14
C PHE A 1072 -16.57 2.67 1.05
N SER A 1073 -15.29 2.94 1.35
CA SER A 1073 -14.22 2.76 0.38
C SER A 1073 -13.20 1.74 0.86
N LYS A 1074 -12.62 1.94 2.06
CA LYS A 1074 -11.59 1.05 2.58
C LYS A 1074 -12.03 0.34 3.85
N ASP A 1075 -12.47 1.08 4.86
CA ASP A 1075 -12.84 0.44 6.11
C ASP A 1075 -14.04 -0.48 5.96
N ILE A 1076 -14.85 -0.29 4.92
CA ILE A 1076 -15.87 -1.28 4.62
C ILE A 1076 -15.32 -2.34 3.68
N TYR A 1077 -14.20 -2.06 3.00
CA TYR A 1077 -13.54 -3.05 2.16
C TYR A 1077 -12.84 -4.13 2.98
N VAL A 1078 -12.21 -3.73 4.08
CA VAL A 1078 -11.44 -4.67 4.89
C VAL A 1078 -12.37 -5.73 5.46
N VAL A 1079 -13.48 -5.32 6.06
CA VAL A 1079 -14.49 -6.27 6.51
C VAL A 1079 -15.19 -6.93 5.36
N ASP A 1080 -14.98 -6.45 4.13
CA ASP A 1080 -15.70 -6.99 2.99
C ASP A 1080 -15.01 -8.24 2.45
N GLU A 1081 -13.74 -8.11 2.06
CA GLU A 1081 -13.05 -9.29 1.55
C GLU A 1081 -11.59 -9.34 1.99
N VAL A 1082 -11.25 -8.73 3.11
CA VAL A 1082 -9.87 -8.79 3.60
C VAL A 1082 -9.84 -9.41 4.99
N LEU A 1083 -10.92 -9.25 5.74
CA LEU A 1083 -10.94 -9.78 7.10
C LEU A 1083 -11.38 -11.24 7.15
N ALA A 1084 -12.36 -11.63 6.33
CA ALA A 1084 -12.83 -13.01 6.37
C ALA A 1084 -11.76 -14.01 5.98
N PRO A 1085 -11.02 -13.85 4.87
CA PRO A 1085 -9.95 -14.82 4.59
C PRO A 1085 -8.87 -14.86 5.65
N VAL A 1086 -8.48 -13.71 6.20
CA VAL A 1086 -7.44 -13.71 7.22
C VAL A 1086 -7.91 -14.44 8.47
N ILE A 1087 -9.14 -14.19 8.90
CA ILE A 1087 -9.60 -14.88 10.10
C ILE A 1087 -9.78 -16.36 9.82
N LEU A 1088 -10.17 -16.73 8.60
CA LEU A 1088 -10.27 -18.14 8.26
C LEU A 1088 -8.92 -18.82 8.34
N MET A 1089 -7.88 -18.18 7.81
CA MET A 1089 -6.58 -18.83 7.85
C MET A 1089 -5.97 -18.78 9.24
N LEU A 1090 -6.28 -17.77 10.05
CA LEU A 1090 -5.88 -17.81 11.45
C LEU A 1090 -6.50 -18.99 12.15
N LEU A 1091 -7.80 -19.22 11.91
CA LEU A 1091 -8.50 -20.28 12.59
C LEU A 1091 -8.10 -21.65 12.04
N ASN A 1092 -7.58 -21.71 10.81
CA ASN A 1092 -6.91 -22.93 10.35
C ASN A 1092 -5.58 -23.13 11.08
N SER A 1093 -4.78 -22.08 11.18
CA SER A 1093 -3.44 -22.23 11.74
C SER A 1093 -3.49 -22.59 13.21
N PHE A 1094 -4.39 -21.96 13.97
CA PHE A 1094 -4.48 -22.26 15.38
C PHE A 1094 -4.85 -23.72 15.60
N PHE A 1095 -5.78 -24.24 14.82
CA PHE A 1095 -6.18 -25.63 15.06
C PHE A 1095 -5.16 -26.60 14.48
N ASN A 1096 -4.41 -26.21 13.46
CA ASN A 1096 -3.26 -27.02 13.05
C ASN A 1096 -2.27 -27.15 14.20
N ALA A 1097 -1.94 -26.03 14.83
CA ALA A 1097 -1.02 -26.08 15.97
C ALA A 1097 -1.58 -26.91 17.10
N ILE A 1098 -2.88 -26.78 17.38
CA ILE A 1098 -3.47 -27.57 18.46
C ILE A 1098 -3.38 -29.06 18.15
N SER A 1099 -3.70 -29.45 16.92
CA SER A 1099 -3.63 -30.86 16.58
C SER A 1099 -2.20 -31.38 16.71
N THR A 1100 -1.23 -30.61 16.24
CA THR A 1100 0.16 -31.03 16.35
C THR A 1100 0.58 -31.18 17.81
N LEU A 1101 0.26 -30.19 18.64
CA LEU A 1101 0.69 -30.22 20.03
C LEU A 1101 0.03 -31.37 20.77
N VAL A 1102 -1.26 -31.63 20.52
CA VAL A 1102 -1.93 -32.70 21.22
C VAL A 1102 -1.46 -34.07 20.73
N VAL A 1103 -1.12 -34.22 19.45
CA VAL A 1103 -0.61 -35.51 19.01
C VAL A 1103 0.76 -35.77 19.63
N ILE A 1104 1.60 -34.74 19.72
CA ILE A 1104 2.90 -34.91 20.38
C ILE A 1104 2.71 -35.30 21.84
N MET A 1105 1.81 -34.61 22.53
CA MET A 1105 1.57 -34.93 23.93
C MET A 1105 1.07 -36.35 24.09
N ALA A 1106 0.11 -36.75 23.26
CA ALA A 1106 -0.50 -38.07 23.42
C ALA A 1106 0.49 -39.18 23.12
N SER A 1107 1.34 -39.00 22.12
CA SER A 1107 2.23 -40.09 21.74
C SER A 1107 3.31 -40.35 22.78
N THR A 1108 3.78 -39.30 23.46
CA THR A 1108 4.83 -39.42 24.49
C THR A 1108 4.30 -38.77 25.76
N PRO A 1109 3.58 -39.51 26.59
CA PRO A 1109 2.69 -38.88 27.59
C PRO A 1109 3.37 -37.92 28.55
N LEU A 1110 4.59 -38.21 28.98
CA LEU A 1110 5.22 -37.38 30.01
C LEU A 1110 5.80 -36.10 29.45
N PHE A 1111 5.63 -35.82 28.16
CA PHE A 1111 6.12 -34.61 27.52
C PHE A 1111 5.41 -33.36 28.01
N THR A 1112 4.29 -33.51 28.71
CA THR A 1112 3.51 -32.37 29.19
C THR A 1112 4.28 -31.48 30.15
N VAL A 1113 5.33 -31.99 30.80
CA VAL A 1113 6.03 -31.22 31.81
C VAL A 1113 6.56 -29.91 31.24
N VAL A 1114 7.12 -29.96 30.02
CA VAL A 1114 7.77 -28.80 29.43
C VAL A 1114 6.81 -27.95 28.62
N ILE A 1115 5.57 -28.37 28.44
CA ILE A 1115 4.68 -27.64 27.55
C ILE A 1115 4.31 -26.27 28.09
N LEU A 1116 4.49 -26.04 29.38
CA LEU A 1116 4.21 -24.71 29.91
C LEU A 1116 5.36 -23.74 29.63
N PRO A 1117 6.61 -24.04 30.03
CA PRO A 1117 7.68 -23.05 29.81
C PRO A 1117 7.89 -22.70 28.35
N LEU A 1118 7.73 -23.66 27.44
CA LEU A 1118 7.78 -23.33 26.03
C LEU A 1118 6.66 -22.36 25.68
N ALA A 1119 5.47 -22.58 26.24
CA ALA A 1119 4.36 -21.67 25.97
C ALA A 1119 4.66 -20.26 26.46
N VAL A 1120 5.24 -20.14 27.66
CA VAL A 1120 5.47 -18.81 28.19
C VAL A 1120 6.56 -18.11 27.39
N LEU A 1121 7.61 -18.83 27.00
CA LEU A 1121 8.65 -18.21 26.18
C LEU A 1121 8.10 -17.76 24.84
N TYR A 1122 7.29 -18.61 24.20
CA TYR A 1122 6.75 -18.27 22.90
C TYR A 1122 5.81 -17.09 22.98
N THR A 1123 4.98 -17.03 24.03
CA THR A 1123 4.09 -15.89 24.21
C THR A 1123 4.86 -14.62 24.50
N LEU A 1124 5.95 -14.71 25.28
CA LEU A 1124 6.79 -13.55 25.53
C LEU A 1124 7.34 -12.99 24.22
N VAL A 1125 7.94 -13.85 23.40
CA VAL A 1125 8.50 -13.39 22.15
C VAL A 1125 7.41 -12.84 21.24
N GLN A 1126 6.25 -13.49 21.21
CA GLN A 1126 5.16 -13.02 20.37
C GLN A 1126 4.70 -11.64 20.80
N ARG A 1127 4.60 -11.39 22.10
CA ARG A 1127 4.14 -10.09 22.56
C ARG A 1127 5.17 -9.01 22.26
N PHE A 1128 6.45 -9.30 22.46
CA PHE A 1128 7.48 -8.31 22.15
C PHE A 1128 7.47 -7.97 20.66
N TYR A 1129 7.34 -8.98 19.81
CA TYR A 1129 7.17 -8.73 18.38
C TYR A 1129 5.95 -7.88 18.11
N ALA A 1130 4.80 -8.27 18.65
CA ALA A 1130 3.57 -7.56 18.34
C ALA A 1130 3.60 -6.12 18.84
N ALA A 1131 4.51 -5.80 19.75
CA ALA A 1131 4.71 -4.39 20.08
C ALA A 1131 5.63 -3.71 19.06
N THR A 1132 6.87 -4.19 18.96
CA THR A 1132 7.88 -3.44 18.21
C THR A 1132 7.61 -3.45 16.72
N SER A 1133 7.27 -4.61 16.16
CA SER A 1133 7.01 -4.66 14.72
C SER A 1133 5.71 -3.96 14.36
N ARG A 1134 4.75 -3.91 15.29
CA ARG A 1134 3.57 -3.08 15.03
C ARG A 1134 3.95 -1.61 14.92
N GLN A 1135 4.79 -1.14 15.86
CA GLN A 1135 5.28 0.23 15.76
C GLN A 1135 5.97 0.48 14.43
N LEU A 1136 6.86 -0.42 14.03
CA LEU A 1136 7.61 -0.21 12.80
C LEU A 1136 6.72 -0.28 11.57
N LYS A 1137 5.75 -1.19 11.56
CA LYS A 1137 4.82 -1.26 10.45
C LYS A 1137 4.04 0.04 10.30
N ARG A 1138 3.54 0.58 11.42
CA ARG A 1138 2.88 1.88 11.37
C ARG A 1138 3.82 2.96 10.86
N LEU A 1139 5.05 2.97 11.37
CA LEU A 1139 5.95 4.08 11.10
C LEU A 1139 6.46 4.05 9.67
N GLU A 1140 6.49 2.87 9.05
CA GLU A 1140 6.91 2.75 7.66
C GLU A 1140 5.76 2.94 6.70
N SER A 1141 4.57 2.43 7.04
CA SER A 1141 3.42 2.57 6.16
C SER A 1141 3.03 4.03 5.94
N VAL A 1142 3.44 4.93 6.84
CA VAL A 1142 3.08 6.33 6.71
C VAL A 1142 4.21 7.18 6.14
N SER A 1143 5.42 6.65 6.07
CA SER A 1143 6.57 7.39 5.54
C SER A 1143 6.90 7.03 4.10
N ARG A 1144 6.16 6.11 3.49
CA ARG A 1144 6.45 5.73 2.12
C ARG A 1144 5.76 6.62 1.10
N SER A 1145 4.54 7.05 1.38
CA SER A 1145 3.77 7.89 0.46
C SER A 1145 4.42 9.23 0.17
N PRO A 1146 5.24 9.81 1.06
CA PRO A 1146 5.98 11.00 0.65
C PRO A 1146 6.89 10.79 -0.55
N ILE A 1147 7.32 9.56 -0.83
CA ILE A 1147 8.09 9.33 -2.04
C ILE A 1147 7.24 9.60 -3.28
N TYR A 1148 6.05 9.00 -3.33
CA TYR A 1148 5.17 9.21 -4.48
C TYR A 1148 4.60 10.62 -4.49
N SER A 1149 4.59 11.29 -3.34
CA SER A 1149 4.19 12.69 -3.30
C SER A 1149 5.27 13.59 -3.86
N HIS A 1150 6.54 13.26 -3.59
CA HIS A 1150 7.64 14.01 -4.20
C HIS A 1150 7.76 13.69 -5.67
N PHE A 1151 7.46 12.46 -6.07
CA PHE A 1151 7.20 12.18 -7.46
C PHE A 1151 5.77 12.63 -7.74
N SER A 1152 5.32 12.51 -8.99
CA SER A 1152 4.05 13.10 -9.41
C SER A 1152 4.09 14.61 -9.26
N GLU A 1153 5.24 15.12 -8.87
CA GLU A 1153 5.47 16.53 -8.63
C GLU A 1153 6.69 17.03 -9.37
N THR A 1154 7.72 16.20 -9.48
CA THR A 1154 8.80 16.47 -10.42
C THR A 1154 8.35 16.20 -11.85
N VAL A 1155 7.42 15.27 -12.05
CA VAL A 1155 6.95 14.97 -13.40
C VAL A 1155 6.24 16.18 -14.00
N THR A 1156 5.28 16.74 -13.25
CA THR A 1156 4.60 17.94 -13.73
C THR A 1156 5.54 19.13 -13.77
N GLY A 1157 6.41 19.26 -12.78
CA GLY A 1157 7.30 20.39 -12.65
C GLY A 1157 8.64 20.25 -13.33
N ALA A 1158 8.84 19.21 -14.13
CA ALA A 1158 10.12 19.05 -14.81
C ALA A 1158 10.47 20.27 -15.65
N SER A 1159 9.45 21.01 -16.10
CA SER A 1159 9.71 22.22 -16.87
C SER A 1159 10.31 23.31 -15.99
N VAL A 1160 9.79 23.47 -14.78
CA VAL A 1160 10.28 24.51 -13.90
C VAL A 1160 11.40 24.03 -12.98
N ILE A 1161 11.51 22.72 -12.76
CA ILE A 1161 12.69 22.20 -12.05
C ILE A 1161 13.95 22.62 -12.79
N ARG A 1162 13.99 22.38 -14.10
CA ARG A 1162 15.04 22.94 -14.92
C ARG A 1162 14.75 24.43 -15.15
N ALA A 1163 15.75 25.12 -15.70
CA ALA A 1163 15.74 26.56 -15.89
C ALA A 1163 15.92 27.26 -14.55
N TYR A 1164 15.88 26.49 -13.48
CA TYR A 1164 16.44 26.88 -12.19
C TYR A 1164 17.70 26.10 -11.88
N ASN A 1165 18.22 25.37 -12.86
CA ASN A 1165 19.35 24.43 -12.75
C ASN A 1165 19.30 23.73 -11.40
N ARG A 1166 18.11 23.35 -10.98
CA ARG A 1166 17.90 22.71 -9.68
C ARG A 1166 17.69 21.22 -9.79
N SER A 1167 17.95 20.64 -10.96
CA SER A 1167 17.68 19.22 -11.17
C SER A 1167 18.50 18.36 -10.22
N ARG A 1168 19.80 18.64 -10.11
CA ARG A 1168 20.63 17.90 -9.18
C ARG A 1168 20.18 18.13 -7.74
N ASP A 1169 19.89 19.37 -7.40
CA ASP A 1169 19.40 19.69 -6.06
C ASP A 1169 18.05 19.05 -5.78
N PHE A 1170 17.31 18.68 -6.81
CA PHE A 1170 15.94 18.21 -6.65
C PHE A 1170 15.84 16.70 -6.74
N GLU A 1171 16.96 16.00 -6.94
CA GLU A 1171 16.98 14.55 -6.84
C GLU A 1171 17.60 14.07 -5.54
N ILE A 1172 18.45 14.87 -4.92
CA ILE A 1172 18.91 14.58 -3.55
C ILE A 1172 17.71 14.51 -2.62
N ILE A 1173 16.69 15.34 -2.86
CA ILE A 1173 15.49 15.29 -2.04
C ILE A 1173 14.79 13.94 -2.20
N SER A 1174 14.71 13.43 -3.43
CA SER A 1174 14.11 12.12 -3.62
C SER A 1174 14.95 11.05 -2.93
N ASP A 1175 16.28 11.19 -2.98
CA ASP A 1175 17.13 10.24 -2.27
C ASP A 1175 16.84 10.25 -0.78
N THR A 1176 16.68 11.44 -0.19
CA THR A 1176 16.43 11.47 1.25
C THR A 1176 15.02 11.01 1.59
N LYS A 1177 14.06 11.21 0.69
CA LYS A 1177 12.71 10.75 0.99
C LYS A 1177 12.57 9.24 0.84
N VAL A 1178 13.37 8.60 0.00
CA VAL A 1178 13.38 7.14 0.01
C VAL A 1178 14.31 6.61 1.10
N ASP A 1179 15.28 7.41 1.54
CA ASP A 1179 16.12 7.01 2.66
C ASP A 1179 15.31 6.97 3.95
N ALA A 1180 14.42 7.93 4.14
CA ALA A 1180 13.57 7.94 5.33
C ALA A 1180 12.51 6.85 5.30
N ASN A 1181 12.45 6.07 4.23
CA ASN A 1181 11.64 4.86 4.20
C ASN A 1181 12.49 3.61 4.32
N GLN A 1182 13.69 3.62 3.75
CA GLN A 1182 14.61 2.51 3.99
C GLN A 1182 14.94 2.37 5.47
N ARG A 1183 15.17 3.49 6.15
CA ARG A 1183 15.58 3.43 7.55
C ARG A 1183 14.43 3.04 8.45
N SER A 1184 13.31 2.62 7.89
CA SER A 1184 12.24 2.00 8.66
C SER A 1184 11.67 0.78 7.97
N CYS A 1185 12.18 0.41 6.81
CA CYS A 1185 11.93 -0.90 6.24
C CYS A 1185 13.04 -1.89 6.51
N TYR A 1186 14.22 -1.43 6.93
CA TYR A 1186 15.28 -2.33 7.35
C TYR A 1186 14.99 -2.92 8.73
N PRO A 1187 14.85 -2.10 9.79
CA PRO A 1187 14.67 -2.68 11.12
C PRO A 1187 13.40 -3.47 11.23
N TYR A 1188 12.42 -3.26 10.36
CA TYR A 1188 11.24 -4.13 10.37
C TYR A 1188 11.61 -5.53 9.90
N ILE A 1189 12.43 -5.63 8.85
CA ILE A 1189 12.90 -6.94 8.38
C ILE A 1189 13.67 -7.63 9.48
N ILE A 1190 14.60 -6.91 10.12
CA ILE A 1190 15.37 -7.54 11.18
C ILE A 1190 14.53 -7.88 12.40
N SER A 1191 13.50 -7.11 12.71
CA SER A 1191 12.58 -7.47 13.79
C SER A 1191 11.84 -8.75 13.47
N ASN A 1192 11.36 -8.88 12.23
CA ASN A 1192 10.72 -10.11 11.81
C ASN A 1192 11.67 -11.29 12.00
N ARG A 1193 12.94 -11.10 11.64
CA ARG A 1193 13.91 -12.18 11.81
C ARG A 1193 14.15 -12.50 13.28
N TRP A 1194 14.25 -11.49 14.13
CA TRP A 1194 14.51 -11.74 15.55
C TRP A 1194 13.35 -12.48 16.19
N LEU A 1195 12.11 -12.10 15.85
CA LEU A 1195 10.97 -12.91 16.22
C LEU A 1195 11.13 -14.34 15.75
N SER A 1196 11.40 -14.53 14.47
CA SER A 1196 11.39 -15.88 13.91
C SER A 1196 12.51 -16.73 14.50
N ILE A 1197 13.57 -16.11 15.01
CA ILE A 1197 14.54 -16.85 15.80
C ILE A 1197 13.95 -17.22 17.15
N GLY A 1198 13.28 -16.27 17.80
CA GLY A 1198 12.69 -16.55 19.09
C GLY A 1198 11.64 -17.64 19.06
N VAL A 1199 10.86 -17.71 17.97
CA VAL A 1199 9.85 -18.73 17.78
C VAL A 1199 10.46 -19.98 17.16
N GLU A 1200 11.75 -19.98 16.91
CA GLU A 1200 12.40 -21.15 16.35
C GLU A 1200 13.15 -21.96 17.40
N PHE A 1201 13.78 -21.30 18.36
CA PHE A 1201 14.33 -22.03 19.49
C PHE A 1201 13.23 -22.75 20.26
N VAL A 1202 12.01 -22.21 20.28
CA VAL A 1202 10.91 -22.83 21.01
C VAL A 1202 10.16 -23.74 20.04
N GLY A 1203 10.78 -24.04 18.92
CA GLY A 1203 10.26 -24.99 17.98
C GLY A 1203 11.28 -26.04 17.66
N ASN A 1204 12.46 -25.88 18.25
CA ASN A 1204 13.51 -26.89 18.19
C ASN A 1204 13.86 -27.46 19.56
N CYS A 1205 13.71 -26.68 20.63
CA CYS A 1205 13.78 -27.22 21.97
C CYS A 1205 12.59 -28.09 22.28
N VAL A 1206 11.69 -28.27 21.31
CA VAL A 1206 10.64 -29.26 21.42
C VAL A 1206 10.89 -30.48 20.52
N VAL A 1207 11.62 -30.34 19.41
CA VAL A 1207 12.13 -31.52 18.72
C VAL A 1207 13.11 -32.25 19.62
N LEU A 1208 13.98 -31.50 20.29
CA LEU A 1208 14.89 -32.11 21.25
C LEU A 1208 14.13 -32.90 22.29
N PHE A 1209 13.07 -32.32 22.85
CA PHE A 1209 12.36 -33.01 23.92
C PHE A 1209 11.48 -34.14 23.40
N ALA A 1210 10.94 -34.04 22.21
CA ALA A 1210 10.18 -35.16 21.65
C ALA A 1210 11.08 -36.36 21.44
N ALA A 1211 12.25 -36.14 20.81
CA ALA A 1211 13.17 -37.26 20.62
C ALA A 1211 13.70 -37.78 21.94
N LEU A 1212 13.98 -36.89 22.88
CA LEU A 1212 14.58 -37.30 24.14
C LEU A 1212 13.59 -38.07 25.01
N PHE A 1213 12.33 -37.63 25.07
CA PHE A 1213 11.33 -38.39 25.80
C PHE A 1213 10.88 -39.61 25.03
N ALA A 1214 11.17 -39.67 23.72
CA ALA A 1214 11.01 -40.93 23.02
C ALA A 1214 12.06 -41.94 23.45
N VAL A 1215 13.31 -41.50 23.57
CA VAL A 1215 14.38 -42.44 23.89
C VAL A 1215 14.43 -42.76 25.38
N ILE A 1216 13.89 -41.89 26.24
CA ILE A 1216 13.93 -42.14 27.67
C ILE A 1216 12.89 -43.15 28.11
N GLY A 1217 11.92 -43.47 27.26
CA GLY A 1217 10.92 -44.46 27.58
C GLY A 1217 10.90 -45.60 26.59
N ARG A 1218 12.09 -45.99 26.13
CA ARG A 1218 12.19 -47.00 25.09
C ARG A 1218 11.60 -48.33 25.53
N SER A 1219 11.85 -48.73 26.78
CA SER A 1219 11.35 -50.02 27.25
C SER A 1219 9.84 -50.07 27.30
N SER A 1220 9.16 -48.92 27.35
CA SER A 1220 7.71 -48.91 27.51
C SER A 1220 6.99 -49.12 26.19
N LEU A 1221 7.20 -48.23 25.24
CA LEU A 1221 6.38 -48.15 24.04
C LEU A 1221 6.96 -48.97 22.91
N ASN A 1222 6.40 -48.82 21.71
CA ASN A 1222 6.79 -49.51 20.50
C ASN A 1222 7.01 -48.47 19.40
N PRO A 1223 7.77 -48.81 18.36
CA PRO A 1223 8.28 -47.75 17.46
C PRO A 1223 7.20 -46.95 16.77
N GLY A 1224 5.97 -47.45 16.68
CA GLY A 1224 4.95 -46.70 15.99
C GLY A 1224 4.59 -45.39 16.65
N LEU A 1225 5.03 -45.15 17.89
CA LEU A 1225 4.66 -43.94 18.60
C LEU A 1225 5.75 -42.88 18.55
N VAL A 1226 7.03 -43.26 18.65
CA VAL A 1226 8.08 -42.25 18.54
C VAL A 1226 8.13 -41.69 17.12
N GLY A 1227 7.79 -42.49 16.13
CA GLY A 1227 7.77 -41.99 14.76
C GLY A 1227 6.77 -40.85 14.60
N LEU A 1228 5.55 -41.05 15.10
CA LEU A 1228 4.55 -40.00 15.06
C LEU A 1228 5.01 -38.78 15.84
N SER A 1229 5.50 -39.00 17.06
CA SER A 1229 5.90 -37.89 17.90
C SER A 1229 6.97 -37.03 17.26
N VAL A 1230 8.06 -37.64 16.78
CA VAL A 1230 9.13 -36.86 16.19
C VAL A 1230 8.73 -36.28 14.84
N SER A 1231 8.03 -37.06 14.01
CA SER A 1231 7.67 -36.57 12.69
C SER A 1231 6.69 -35.42 12.76
N TYR A 1232 5.87 -35.33 13.81
CA TYR A 1232 4.99 -34.19 13.98
C TYR A 1232 5.55 -33.16 14.94
N SER A 1233 6.71 -33.43 15.54
CA SER A 1233 7.44 -32.37 16.19
C SER A 1233 8.36 -31.63 15.24
N LEU A 1234 8.64 -32.23 14.08
CA LEU A 1234 9.49 -31.53 13.10
C LEU A 1234 8.76 -30.34 12.47
N GLN A 1235 7.42 -30.37 12.41
CA GLN A 1235 6.67 -29.22 11.92
C GLN A 1235 5.84 -28.57 13.01
N VAL A 1236 6.41 -28.44 14.20
CA VAL A 1236 5.86 -27.58 15.23
C VAL A 1236 6.55 -26.23 15.22
N THR A 1237 7.47 -26.01 14.28
CA THR A 1237 8.02 -24.68 14.03
C THR A 1237 7.57 -24.13 12.69
N PHE A 1238 6.69 -24.83 11.97
CA PHE A 1238 6.00 -24.27 10.82
C PHE A 1238 4.57 -23.87 11.13
N ALA A 1239 3.86 -24.68 11.90
CA ALA A 1239 2.57 -24.28 12.43
C ALA A 1239 2.69 -23.41 13.64
N LEU A 1240 3.87 -22.87 13.90
CA LEU A 1240 4.09 -21.92 14.98
C LEU A 1240 4.56 -20.58 14.47
N ASN A 1241 4.95 -20.48 13.21
CA ASN A 1241 5.08 -19.21 12.50
C ASN A 1241 3.79 -18.86 11.76
N TRP A 1242 3.13 -19.88 11.21
CA TRP A 1242 1.85 -19.68 10.57
C TRP A 1242 0.83 -19.10 11.54
N MET A 1243 0.89 -19.51 12.81
CA MET A 1243 -0.05 -19.01 13.79
C MET A 1243 0.31 -17.62 14.27
N ILE A 1244 1.53 -17.16 14.03
CA ILE A 1244 1.88 -15.77 14.30
C ILE A 1244 1.72 -14.90 13.05
N ARG A 1245 2.00 -15.51 11.89
CA ARG A 1245 1.86 -14.80 10.59
C ARG A 1245 0.43 -14.27 10.46
N MET A 1246 -0.57 -15.08 10.84
CA MET A 1246 -1.96 -14.68 10.77
C MET A 1246 -2.38 -13.85 11.98
N MET A 1247 -1.88 -14.18 13.17
CA MET A 1247 -2.28 -13.44 14.36
C MET A 1247 -1.75 -12.01 14.36
N SER A 1248 -0.92 -11.65 13.39
CA SER A 1248 -0.53 -10.27 13.14
C SER A 1248 -1.04 -9.75 11.81
N ASP A 1249 -1.66 -10.60 10.98
CA ASP A 1249 -2.45 -10.14 9.85
C ASP A 1249 -3.90 -9.92 10.23
N LEU A 1250 -4.28 -10.22 11.48
CA LEU A 1250 -5.61 -9.97 11.98
C LEU A 1250 -5.64 -8.88 13.03
N GLU A 1251 -4.52 -8.60 13.69
CA GLU A 1251 -4.47 -7.49 14.63
C GLU A 1251 -4.39 -6.15 13.92
N SER A 1252 -3.88 -6.10 12.70
CA SER A 1252 -3.82 -4.87 11.93
C SER A 1252 -4.98 -4.74 10.96
N ASN A 1253 -5.93 -5.67 10.98
CA ASN A 1253 -7.09 -5.62 10.12
C ASN A 1253 -8.41 -5.55 10.87
N ILE A 1254 -8.49 -6.05 12.09
CA ILE A 1254 -9.74 -6.03 12.83
C ILE A 1254 -9.85 -4.69 13.55
N VAL A 1255 -8.91 -3.79 13.29
CA VAL A 1255 -9.15 -2.39 13.62
C VAL A 1255 -10.31 -1.87 12.79
N ALA A 1256 -10.47 -2.38 11.57
CA ALA A 1256 -11.51 -1.88 10.68
C ALA A 1256 -12.90 -2.13 11.25
N VAL A 1257 -13.13 -3.30 11.83
CA VAL A 1257 -14.43 -3.56 12.44
C VAL A 1257 -14.70 -2.57 13.55
N GLU A 1258 -13.68 -2.26 14.34
CA GLU A 1258 -13.88 -1.30 15.43
C GLU A 1258 -14.31 0.06 14.89
N ARG A 1259 -13.65 0.54 13.83
CA ARG A 1259 -14.01 1.83 13.26
C ARG A 1259 -15.41 1.81 12.65
N VAL A 1260 -15.72 0.75 11.90
CA VAL A 1260 -17.02 0.68 11.24
C VAL A 1260 -18.14 0.64 12.28
N LYS A 1261 -17.96 -0.15 13.33
CA LYS A 1261 -18.98 -0.20 14.37
C LYS A 1261 -19.02 1.09 15.17
N GLU A 1262 -17.90 1.80 15.27
CA GLU A 1262 -17.88 3.07 15.99
C GLU A 1262 -18.70 4.12 15.28
N TYR A 1263 -18.67 4.15 13.94
CA TYR A 1263 -19.50 5.09 13.20
C TYR A 1263 -20.96 4.67 13.24
N SER A 1264 -21.54 4.71 14.44
CA SER A 1264 -22.95 4.45 14.63
C SER A 1264 -23.35 5.14 15.93
N LYS A 1265 -24.65 5.11 16.23
CA LYS A 1265 -25.24 5.78 17.38
C LYS A 1265 -24.62 7.17 17.59
N THR A 1266 -24.58 7.93 16.50
CA THR A 1266 -23.93 9.23 16.45
C THR A 1266 -24.92 10.38 16.59
N GLU A 1267 -25.91 10.22 17.48
CA GLU A 1267 -26.92 11.25 17.76
C GLU A 1267 -27.74 11.56 16.50
N THR A 1268 -28.46 10.53 16.03
CA THR A 1268 -29.34 10.71 14.88
C THR A 1268 -30.44 11.72 15.17
N GLU A 1269 -30.97 11.71 16.38
CA GLU A 1269 -31.94 12.69 16.91
C GLU A 1269 -33.07 13.00 15.92
N ALA A 1270 -33.41 12.07 15.02
CA ALA A 1270 -34.41 12.33 13.99
C ALA A 1270 -35.14 11.04 13.64
N PRO A 1271 -36.30 10.80 14.23
CA PRO A 1271 -37.12 9.63 13.84
C PRO A 1271 -37.84 9.93 12.53
N TRP A 1272 -37.59 9.09 11.51
CA TRP A 1272 -38.24 9.26 10.22
C TRP A 1272 -39.76 9.20 10.36
N VAL A 1273 -40.26 8.17 11.03
CA VAL A 1273 -41.69 7.93 11.18
C VAL A 1273 -41.97 7.61 12.63
N VAL A 1274 -43.22 7.79 13.04
CA VAL A 1274 -43.63 7.57 14.41
C VAL A 1274 -44.53 6.34 14.48
N GLU A 1275 -44.89 5.96 15.71
CA GLU A 1275 -45.68 4.75 15.92
C GLU A 1275 -47.12 4.95 15.46
N GLY A 1276 -47.82 5.90 16.06
CA GLY A 1276 -49.18 6.22 15.67
C GLY A 1276 -49.47 7.70 15.76
N SER A 1277 -48.43 8.50 15.98
CA SER A 1277 -48.54 9.93 16.18
C SER A 1277 -48.62 10.72 14.88
N ARG A 1278 -49.00 10.07 13.78
CA ARG A 1278 -49.09 10.76 12.51
C ARG A 1278 -50.16 11.85 12.59
N PRO A 1279 -49.95 13.00 11.95
CA PRO A 1279 -51.00 14.00 11.87
C PRO A 1279 -52.15 13.50 11.01
N PRO A 1280 -53.35 14.04 11.19
CA PRO A 1280 -54.50 13.53 10.43
C PRO A 1280 -54.28 13.66 8.92
N GLU A 1281 -54.76 12.66 8.20
CA GLU A 1281 -54.55 12.60 6.76
C GLU A 1281 -55.27 13.75 6.06
N GLY A 1282 -54.76 14.12 4.89
CA GLY A 1282 -55.26 15.30 4.21
C GLY A 1282 -54.94 16.54 5.03
N TRP A 1283 -53.71 16.60 5.51
CA TRP A 1283 -53.26 17.58 6.50
C TRP A 1283 -52.91 18.95 5.90
N PRO A 1284 -52.19 19.03 4.78
CA PRO A 1284 -51.78 20.34 4.24
C PRO A 1284 -52.92 21.31 3.99
N PRO A 1285 -54.08 20.89 3.45
CA PRO A 1285 -55.06 21.89 2.97
C PRO A 1285 -55.50 22.92 3.99
N ARG A 1286 -55.35 22.66 5.30
CA ARG A 1286 -55.58 23.73 6.27
C ARG A 1286 -54.52 24.82 6.14
N GLY A 1287 -53.24 24.42 6.13
CA GLY A 1287 -52.15 25.32 5.77
C GLY A 1287 -52.00 26.57 6.61
N GLU A 1288 -52.03 26.43 7.94
CA GLU A 1288 -51.84 27.54 8.85
C GLU A 1288 -50.50 27.39 9.56
N VAL A 1289 -49.72 28.47 9.58
CA VAL A 1289 -48.42 28.51 10.24
C VAL A 1289 -48.52 29.45 11.44
N GLU A 1290 -48.06 28.99 12.60
CA GLU A 1290 -48.15 29.75 13.82
C GLU A 1290 -46.97 29.44 14.73
N PHE A 1291 -46.47 30.47 15.42
CA PHE A 1291 -45.28 30.33 16.24
C PHE A 1291 -45.58 30.73 17.68
N ARG A 1292 -44.81 30.15 18.61
CA ARG A 1292 -44.94 30.44 20.04
C ARG A 1292 -43.54 30.55 20.64
N ASN A 1293 -42.98 31.77 20.63
CA ASN A 1293 -41.72 32.06 21.33
C ASN A 1293 -40.60 31.13 20.88
N TYR A 1294 -40.34 31.13 19.57
CA TYR A 1294 -39.40 30.19 18.98
C TYR A 1294 -37.98 30.75 19.00
N SER A 1295 -37.02 29.88 19.31
CA SER A 1295 -35.60 30.22 19.28
C SER A 1295 -34.81 28.94 19.00
N VAL A 1296 -33.71 29.07 18.27
CA VAL A 1296 -32.97 27.91 17.80
C VAL A 1296 -31.54 28.33 17.46
N ARG A 1297 -30.62 27.37 17.49
CA ARG A 1297 -29.22 27.60 17.15
C ARG A 1297 -28.67 26.34 16.49
N TYR A 1298 -27.60 26.51 15.73
CA TYR A 1298 -26.99 25.40 14.99
C TYR A 1298 -26.46 24.32 15.92
N ARG A 1299 -25.45 24.65 16.71
CA ARG A 1299 -24.79 23.70 17.57
C ARG A 1299 -25.06 24.02 19.04
N PRO A 1300 -24.96 23.04 19.93
CA PRO A 1300 -25.00 23.35 21.37
C PRO A 1300 -23.87 24.29 21.74
N GLY A 1301 -24.16 25.23 22.63
CA GLY A 1301 -23.18 26.23 22.99
C GLY A 1301 -22.82 27.14 21.84
N LEU A 1302 -23.81 27.62 21.09
CA LEU A 1302 -23.59 28.48 19.93
C LEU A 1302 -24.48 29.70 20.05
N ASP A 1303 -24.02 30.81 19.49
CA ASP A 1303 -24.77 32.06 19.59
C ASP A 1303 -26.11 31.94 18.87
N LEU A 1304 -27.18 32.35 19.55
CA LEU A 1304 -28.52 32.17 19.02
C LEU A 1304 -28.69 32.90 17.70
N VAL A 1305 -29.24 32.20 16.71
CA VAL A 1305 -29.50 32.78 15.40
C VAL A 1305 -30.96 33.22 15.36
N LEU A 1306 -31.80 32.57 16.18
CA LEU A 1306 -33.22 32.87 16.24
C LEU A 1306 -33.62 33.08 17.70
N ARG A 1307 -34.46 34.08 17.93
CA ARG A 1307 -34.91 34.40 19.28
C ARG A 1307 -36.39 34.74 19.27
N ASP A 1308 -37.10 34.23 20.27
CA ASP A 1308 -38.51 34.52 20.60
C ASP A 1308 -39.39 34.78 19.39
N LEU A 1309 -39.32 33.91 18.38
CA LEU A 1309 -40.17 34.06 17.21
C LEU A 1309 -41.62 33.81 17.57
N SER A 1310 -42.50 34.76 17.24
CA SER A 1310 -43.95 34.62 17.41
C SER A 1310 -44.59 35.20 16.15
N LEU A 1311 -44.79 34.35 15.15
CA LEU A 1311 -45.33 34.77 13.87
C LEU A 1311 -46.43 33.80 13.44
N HIS A 1312 -47.41 34.32 12.71
CA HIS A 1312 -48.54 33.50 12.27
C HIS A 1312 -49.03 33.99 10.92
N VAL A 1313 -49.16 33.06 9.97
CA VAL A 1313 -49.80 33.31 8.69
C VAL A 1313 -50.92 32.29 8.53
N HIS A 1314 -52.07 32.76 8.05
CA HIS A 1314 -53.28 31.96 8.09
C HIS A 1314 -53.31 30.96 6.93
N GLY A 1315 -54.46 30.31 6.76
CA GLY A 1315 -54.58 29.22 5.80
C GLY A 1315 -54.73 29.75 4.38
N GLY A 1316 -53.85 29.28 3.50
CA GLY A 1316 -53.89 29.67 2.10
C GLY A 1316 -53.30 31.02 1.78
N GLU A 1317 -52.77 31.72 2.77
CA GLU A 1317 -52.24 33.05 2.54
C GLU A 1317 -50.83 32.97 1.96
N LYS A 1318 -50.38 34.09 1.41
CA LYS A 1318 -49.04 34.21 0.85
C LYS A 1318 -48.21 35.16 1.69
N VAL A 1319 -46.95 34.81 1.89
CA VAL A 1319 -46.08 35.57 2.79
C VAL A 1319 -44.63 35.33 2.39
N GLY A 1320 -43.79 36.35 2.62
CA GLY A 1320 -42.38 36.23 2.39
C GLY A 1320 -41.60 36.71 3.60
N ILE A 1321 -40.30 36.41 3.59
CA ILE A 1321 -39.39 36.80 4.67
C ILE A 1321 -38.23 37.56 4.06
N VAL A 1322 -37.91 38.72 4.64
CA VAL A 1322 -36.77 39.51 4.23
C VAL A 1322 -35.87 39.76 5.44
N GLY A 1323 -34.57 39.73 5.21
CA GLY A 1323 -33.61 39.93 6.28
C GLY A 1323 -32.43 40.77 5.89
N ARG A 1324 -32.00 41.65 6.79
CA ARG A 1324 -30.82 42.45 6.53
C ARG A 1324 -29.57 41.57 6.49
N THR A 1325 -28.51 42.12 5.89
CA THR A 1325 -27.24 41.40 5.80
C THR A 1325 -26.74 41.05 7.19
N GLY A 1326 -26.68 39.75 7.50
CA GLY A 1326 -26.28 39.29 8.81
C GLY A 1326 -27.41 38.91 9.73
N ALA A 1327 -28.67 39.06 9.30
CA ALA A 1327 -29.79 38.68 10.14
C ALA A 1327 -29.84 37.16 10.35
N GLY A 1328 -29.44 36.40 9.33
CA GLY A 1328 -29.49 34.95 9.41
C GLY A 1328 -30.84 34.42 8.95
N LYS A 1329 -31.32 34.92 7.83
CA LYS A 1329 -32.65 34.55 7.35
C LYS A 1329 -32.68 33.14 6.78
N SER A 1330 -31.53 32.63 6.31
CA SER A 1330 -31.50 31.32 5.67
C SER A 1330 -31.94 30.22 6.62
N SER A 1331 -31.45 30.27 7.86
CA SER A 1331 -31.72 29.19 8.82
C SER A 1331 -33.21 28.95 8.97
N MET A 1332 -34.02 30.00 8.81
CA MET A 1332 -35.47 29.89 8.93
C MET A 1332 -35.99 28.73 8.10
N THR A 1333 -35.54 28.63 6.86
CA THR A 1333 -36.00 27.55 5.99
C THR A 1333 -35.81 26.20 6.67
N LEU A 1334 -34.60 25.91 7.13
CA LEU A 1334 -34.33 24.63 7.74
C LEU A 1334 -35.16 24.42 8.99
N CYS A 1335 -35.45 25.51 9.72
CA CYS A 1335 -36.28 25.39 10.92
C CYS A 1335 -37.65 24.82 10.62
N LEU A 1336 -38.16 25.06 9.40
CA LEU A 1336 -39.46 24.50 9.06
C LEU A 1336 -39.42 22.99 8.95
N PHE A 1337 -38.28 22.44 8.52
CA PHE A 1337 -38.16 21.01 8.28
C PHE A 1337 -37.51 20.26 9.43
N ARG A 1338 -37.38 20.92 10.59
CA ARG A 1338 -36.79 20.32 11.78
C ARG A 1338 -35.35 19.86 11.53
N ILE A 1339 -34.66 20.51 10.60
CA ILE A 1339 -33.24 20.21 10.41
C ILE A 1339 -32.46 20.60 11.65
N LEU A 1340 -32.75 21.76 12.21
CA LEU A 1340 -32.24 22.17 13.51
C LEU A 1340 -33.36 22.00 14.52
N GLU A 1341 -33.10 21.21 15.57
CA GLU A 1341 -34.14 20.92 16.54
C GLU A 1341 -34.51 22.17 17.31
N ALA A 1342 -35.81 22.31 17.60
CA ALA A 1342 -36.33 23.48 18.28
C ALA A 1342 -35.70 23.65 19.66
N ALA A 1343 -34.89 24.68 19.83
CA ALA A 1343 -34.22 24.90 21.11
C ALA A 1343 -35.23 25.37 22.16
N LYS A 1344 -35.86 26.52 21.92
CA LYS A 1344 -36.87 27.05 22.84
C LYS A 1344 -37.99 27.63 21.99
N GLY A 1345 -39.13 26.93 21.98
CA GLY A 1345 -40.26 27.35 21.17
C GLY A 1345 -40.73 26.27 20.23
N GLU A 1346 -42.05 26.09 20.12
CA GLU A 1346 -42.64 25.06 19.28
C GLU A 1346 -43.23 25.70 18.04
N ILE A 1347 -42.76 25.28 16.87
CA ILE A 1347 -43.31 25.74 15.60
C ILE A 1347 -44.55 24.90 15.31
N ARG A 1348 -45.72 25.49 15.51
CA ARG A 1348 -46.98 24.79 15.29
C ARG A 1348 -47.49 25.09 13.89
N ILE A 1349 -47.93 24.05 13.19
CA ILE A 1349 -48.52 24.19 11.87
C ILE A 1349 -49.91 23.59 11.93
N ASP A 1350 -50.90 24.35 11.47
CA ASP A 1350 -52.30 23.90 11.42
C ASP A 1350 -52.81 23.49 12.81
N GLY A 1351 -52.26 24.10 13.85
CA GLY A 1351 -52.63 23.76 15.21
C GLY A 1351 -51.99 22.51 15.76
N LEU A 1352 -50.98 21.97 15.10
CA LEU A 1352 -50.29 20.77 15.56
C LEU A 1352 -48.81 21.03 15.70
N ASN A 1353 -48.21 20.47 16.76
CA ASN A 1353 -46.78 20.61 16.98
C ASN A 1353 -46.02 19.70 16.03
N VAL A 1354 -44.99 20.26 15.38
CA VAL A 1354 -44.20 19.48 14.44
C VAL A 1354 -43.06 18.72 15.10
N ALA A 1355 -42.79 18.98 16.38
CA ALA A 1355 -41.73 18.26 17.08
C ALA A 1355 -42.14 16.84 17.46
N ASP A 1356 -43.41 16.49 17.29
CA ASP A 1356 -43.91 15.16 17.62
C ASP A 1356 -44.43 14.44 16.39
N ILE A 1357 -43.88 14.76 15.21
CA ILE A 1357 -44.33 14.23 13.94
C ILE A 1357 -43.16 13.57 13.24
N GLY A 1358 -43.39 12.40 12.67
CA GLY A 1358 -42.38 11.73 11.86
C GLY A 1358 -41.96 12.58 10.68
N LEU A 1359 -40.64 12.73 10.50
CA LEU A 1359 -40.14 13.60 9.45
C LEU A 1359 -40.59 13.13 8.07
N HIS A 1360 -40.52 11.81 7.84
CA HIS A 1360 -40.90 11.28 6.53
C HIS A 1360 -42.36 11.57 6.20
N ASP A 1361 -43.19 11.74 7.22
CA ASP A 1361 -44.55 12.22 7.01
C ASP A 1361 -44.61 13.74 7.06
N LEU A 1362 -43.80 14.35 7.94
CA LEU A 1362 -43.80 15.79 8.07
C LEU A 1362 -43.24 16.47 6.82
N ARG A 1363 -42.08 16.01 6.36
CA ARG A 1363 -41.42 16.68 5.25
C ARG A 1363 -42.09 16.39 3.92
N SER A 1364 -42.77 15.25 3.79
CA SER A 1364 -43.42 14.91 2.53
C SER A 1364 -44.52 15.90 2.18
N GLN A 1365 -45.30 16.32 3.17
CA GLN A 1365 -46.44 17.20 2.92
C GLN A 1365 -46.01 18.59 2.45
N LEU A 1366 -44.88 19.10 2.93
CA LEU A 1366 -44.41 20.40 2.48
C LEU A 1366 -43.74 20.30 1.12
N THR A 1367 -43.38 21.45 0.56
CA THR A 1367 -42.82 21.55 -0.77
C THR A 1367 -41.74 22.62 -0.78
N ILE A 1368 -40.51 22.22 -1.09
CA ILE A 1368 -39.35 23.08 -0.95
C ILE A 1368 -38.65 23.23 -2.30
N ILE A 1369 -38.10 24.41 -2.53
CA ILE A 1369 -37.22 24.65 -3.67
C ILE A 1369 -35.89 25.15 -3.11
N PRO A 1370 -34.86 24.32 -3.07
CA PRO A 1370 -33.65 24.68 -2.32
C PRO A 1370 -32.88 25.82 -2.96
N GLN A 1371 -32.02 26.45 -2.15
CA GLN A 1371 -31.21 27.56 -2.62
C GLN A 1371 -30.27 27.11 -3.74
N ASP A 1372 -29.63 25.96 -3.57
CA ASP A 1372 -28.75 25.42 -4.60
C ASP A 1372 -29.33 24.10 -5.09
N PRO A 1373 -30.39 24.13 -5.90
CA PRO A 1373 -30.99 22.88 -6.37
C PRO A 1373 -30.01 22.10 -7.23
N ILE A 1374 -30.02 20.77 -7.07
CA ILE A 1374 -29.09 19.90 -7.75
C ILE A 1374 -29.84 18.72 -8.33
N LEU A 1375 -29.37 18.24 -9.48
CA LEU A 1375 -29.84 17.00 -10.07
C LEU A 1375 -28.98 15.84 -9.60
N PHE A 1376 -29.49 14.63 -9.84
CA PHE A 1376 -28.78 13.41 -9.50
C PHE A 1376 -28.68 12.52 -10.72
N SER A 1377 -27.49 11.93 -10.92
CA SER A 1377 -27.23 11.13 -12.11
C SER A 1377 -28.22 9.98 -12.21
N GLY A 1378 -28.71 9.74 -13.42
CA GLY A 1378 -29.72 8.75 -13.71
C GLY A 1378 -30.74 9.32 -14.66
N THR A 1379 -31.91 8.67 -14.71
CA THR A 1379 -32.95 9.09 -15.63
C THR A 1379 -33.62 10.35 -15.14
N LEU A 1380 -34.65 10.78 -15.85
CA LEU A 1380 -35.53 11.82 -15.34
C LEU A 1380 -36.68 11.25 -14.52
N ARG A 1381 -37.11 10.03 -14.81
CA ARG A 1381 -38.11 9.38 -13.98
C ARG A 1381 -37.67 9.33 -12.53
N MET A 1382 -36.42 8.94 -12.30
CA MET A 1382 -35.88 8.97 -10.94
C MET A 1382 -35.72 10.40 -10.45
N ASN A 1383 -35.24 11.30 -11.30
CA ASN A 1383 -34.97 12.66 -10.87
C ASN A 1383 -36.22 13.47 -10.62
N LEU A 1384 -37.42 12.91 -10.72
CA LEU A 1384 -38.62 13.66 -10.39
C LEU A 1384 -39.54 12.86 -9.47
N ASP A 1385 -39.45 11.54 -9.54
CA ASP A 1385 -40.34 10.71 -8.72
C ASP A 1385 -39.72 9.35 -8.45
N PRO A 1386 -38.75 9.26 -7.54
CA PRO A 1386 -38.21 7.95 -7.18
C PRO A 1386 -39.25 7.02 -6.59
N PHE A 1387 -40.22 7.56 -5.87
CA PHE A 1387 -41.26 6.73 -5.27
C PHE A 1387 -42.35 6.32 -6.25
N GLY A 1388 -42.38 6.92 -7.45
CA GLY A 1388 -43.40 6.60 -8.42
C GLY A 1388 -44.80 6.91 -7.93
N SER A 1389 -44.97 8.10 -7.34
CA SER A 1389 -46.21 8.45 -6.65
C SER A 1389 -47.18 9.26 -7.49
N TYR A 1390 -46.83 9.61 -8.73
CA TYR A 1390 -47.65 10.51 -9.53
C TYR A 1390 -47.84 9.97 -10.94
N SER A 1391 -48.95 10.34 -11.54
CA SER A 1391 -49.27 9.92 -12.90
C SER A 1391 -48.36 10.61 -13.90
N GLU A 1392 -47.95 9.86 -14.94
CA GLU A 1392 -47.00 10.38 -15.91
C GLU A 1392 -47.56 11.55 -16.70
N GLU A 1393 -48.87 11.56 -16.96
CA GLU A 1393 -49.47 12.67 -17.71
C GLU A 1393 -49.28 13.99 -16.97
N ASP A 1394 -49.59 14.01 -15.67
CA ASP A 1394 -49.36 15.21 -14.88
C ASP A 1394 -47.87 15.49 -14.75
N ILE A 1395 -47.04 14.44 -14.67
CA ILE A 1395 -45.60 14.63 -14.74
C ILE A 1395 -45.22 15.34 -16.03
N TRP A 1396 -45.72 14.84 -17.15
CA TRP A 1396 -45.48 15.50 -18.43
C TRP A 1396 -46.15 16.86 -18.47
N TRP A 1397 -47.36 16.97 -17.92
CA TRP A 1397 -48.01 18.27 -17.81
C TRP A 1397 -47.15 19.24 -17.01
N ALA A 1398 -46.68 18.81 -15.84
CA ALA A 1398 -45.76 19.64 -15.07
C ALA A 1398 -44.48 19.88 -15.85
N LEU A 1399 -43.97 18.86 -16.54
CA LEU A 1399 -42.81 19.04 -17.39
C LEU A 1399 -43.09 20.03 -18.52
N GLU A 1400 -44.30 19.99 -19.07
CA GLU A 1400 -44.69 20.98 -20.07
C GLU A 1400 -44.69 22.38 -19.47
N LEU A 1401 -45.29 22.54 -18.30
CA LEU A 1401 -45.30 23.85 -17.65
C LEU A 1401 -43.90 24.27 -17.22
N SER A 1402 -43.00 23.31 -17.02
CA SER A 1402 -41.65 23.58 -16.57
C SER A 1402 -40.77 24.18 -17.65
N HIS A 1403 -41.35 24.59 -18.77
CA HIS A 1403 -40.60 25.17 -19.89
C HIS A 1403 -39.55 24.19 -20.39
N LEU A 1404 -39.86 22.90 -20.29
CA LEU A 1404 -38.94 21.83 -20.66
C LEU A 1404 -39.54 20.83 -21.64
N HIS A 1405 -40.79 21.04 -22.09
CA HIS A 1405 -41.43 20.07 -22.96
C HIS A 1405 -40.67 19.91 -24.27
N THR A 1406 -40.16 21.01 -24.81
CA THR A 1406 -39.38 20.92 -26.05
C THR A 1406 -38.12 20.10 -25.85
N PHE A 1407 -37.50 20.20 -24.67
CA PHE A 1407 -36.28 19.46 -24.41
C PHE A 1407 -36.55 17.98 -24.22
N VAL A 1408 -37.60 17.63 -23.45
CA VAL A 1408 -37.87 16.22 -23.19
C VAL A 1408 -38.39 15.53 -24.45
N SER A 1409 -39.24 16.20 -25.22
CA SER A 1409 -39.77 15.59 -26.43
C SER A 1409 -38.69 15.38 -27.48
N SER A 1410 -37.67 16.22 -27.51
CA SER A 1410 -36.58 16.08 -28.47
C SER A 1410 -35.69 14.88 -28.19
N GLN A 1411 -35.82 14.26 -27.02
CA GLN A 1411 -35.00 13.11 -26.67
C GLN A 1411 -35.87 11.86 -26.63
N PRO A 1412 -35.59 10.84 -27.44
CA PRO A 1412 -36.36 9.58 -27.34
C PRO A 1412 -36.25 8.94 -25.97
N ALA A 1413 -35.10 9.07 -25.31
CA ALA A 1413 -34.99 8.63 -23.92
C ALA A 1413 -35.94 9.42 -23.02
N GLY A 1414 -35.92 10.75 -23.16
CA GLY A 1414 -36.89 11.59 -22.48
C GLY A 1414 -36.89 11.42 -20.98
N LEU A 1415 -37.91 10.74 -20.47
CA LEU A 1415 -37.93 10.38 -19.06
C LEU A 1415 -36.71 9.55 -18.68
N ASP A 1416 -36.12 8.84 -19.65
CA ASP A 1416 -34.94 8.01 -19.42
C ASP A 1416 -33.65 8.68 -19.89
N PHE A 1417 -33.68 10.00 -20.06
CA PHE A 1417 -32.46 10.74 -20.38
C PHE A 1417 -31.45 10.62 -19.26
N GLN A 1418 -30.36 9.90 -19.50
CA GLN A 1418 -29.35 9.64 -18.47
C GLN A 1418 -28.61 10.93 -18.16
N CYS A 1419 -28.90 11.51 -16.99
CA CYS A 1419 -28.25 12.73 -16.58
C CYS A 1419 -26.84 12.47 -16.09
N SER A 1420 -25.97 13.46 -16.30
CA SER A 1420 -24.60 13.38 -15.80
C SER A 1420 -24.58 13.64 -14.30
N GLU A 1421 -23.39 13.73 -13.72
CA GLU A 1421 -23.26 13.98 -12.29
C GLU A 1421 -23.75 15.39 -11.98
N GLY A 1422 -24.90 15.50 -11.32
CA GLY A 1422 -25.51 16.78 -11.06
C GLY A 1422 -26.23 17.38 -12.24
N GLY A 1423 -26.51 16.59 -13.27
CA GLY A 1423 -27.12 17.13 -14.47
C GLY A 1423 -26.23 18.09 -15.22
N GLU A 1424 -24.92 17.82 -15.23
CA GLU A 1424 -23.97 18.72 -15.90
C GLU A 1424 -24.23 18.79 -17.40
N ASN A 1425 -24.83 17.76 -17.98
CA ASN A 1425 -25.23 17.81 -19.39
C ASN A 1425 -26.31 18.84 -19.66
N LEU A 1426 -26.98 19.33 -18.62
CA LEU A 1426 -27.94 20.42 -18.73
C LEU A 1426 -27.30 21.72 -18.23
N SER A 1427 -27.81 22.84 -18.71
CA SER A 1427 -27.33 24.13 -18.23
C SER A 1427 -27.91 24.40 -16.85
N VAL A 1428 -27.34 25.41 -16.18
CA VAL A 1428 -27.77 25.74 -14.83
C VAL A 1428 -29.25 26.10 -14.82
N GLY A 1429 -29.66 27.01 -15.71
CA GLY A 1429 -31.05 27.41 -15.77
C GLY A 1429 -31.97 26.24 -15.98
N GLN A 1430 -31.61 25.34 -16.88
CA GLN A 1430 -32.42 24.14 -17.08
C GLN A 1430 -32.50 23.32 -15.80
N ARG A 1431 -31.45 23.35 -14.96
CA ARG A 1431 -31.55 22.65 -13.68
C ARG A 1431 -32.56 23.31 -12.74
N GLN A 1432 -32.59 24.65 -12.68
CA GLN A 1432 -33.67 25.24 -11.88
C GLN A 1432 -35.05 24.97 -12.48
N LEU A 1433 -35.17 24.89 -13.80
CA LEU A 1433 -36.45 24.49 -14.39
C LEU A 1433 -36.83 23.06 -14.00
N VAL A 1434 -35.87 22.15 -14.00
CA VAL A 1434 -36.15 20.77 -13.61
C VAL A 1434 -36.60 20.71 -12.15
N CYS A 1435 -35.94 21.48 -11.28
CA CYS A 1435 -36.35 21.46 -9.87
C CYS A 1435 -37.67 22.19 -9.66
N LEU A 1436 -37.95 23.19 -10.50
CA LEU A 1436 -39.28 23.81 -10.49
C LEU A 1436 -40.35 22.79 -10.81
N ALA A 1437 -40.07 21.92 -11.79
CA ALA A 1437 -40.96 20.79 -12.04
C ALA A 1437 -41.03 19.89 -10.82
N ARG A 1438 -39.89 19.64 -10.18
CA ARG A 1438 -39.85 18.79 -8.98
C ARG A 1438 -40.87 19.27 -7.96
N ALA A 1439 -40.88 20.57 -7.69
CA ALA A 1439 -41.88 21.11 -6.78
C ALA A 1439 -43.27 21.04 -7.37
N LEU A 1440 -43.39 21.14 -8.70
CA LEU A 1440 -44.71 21.19 -9.32
C LEU A 1440 -45.50 19.92 -9.11
N LEU A 1441 -44.84 18.76 -9.16
CA LEU A 1441 -45.55 17.49 -9.05
C LEU A 1441 -46.31 17.38 -7.73
N ARG A 1442 -45.72 17.89 -6.65
CA ARG A 1442 -46.26 17.58 -5.32
C ARG A 1442 -47.59 18.27 -5.09
N LYS A 1443 -47.69 19.55 -5.41
CA LYS A 1443 -48.95 20.29 -5.45
C LYS A 1443 -49.73 20.15 -4.15
N SER A 1444 -49.13 20.64 -3.07
CA SER A 1444 -49.76 20.68 -1.77
C SER A 1444 -50.17 22.11 -1.44
N ARG A 1445 -50.83 22.28 -0.30
CA ARG A 1445 -51.28 23.59 0.12
C ARG A 1445 -50.16 24.47 0.67
N ILE A 1446 -49.04 23.87 1.08
CA ILE A 1446 -47.94 24.60 1.70
C ILE A 1446 -46.78 24.64 0.72
N LEU A 1447 -46.36 25.85 0.36
CA LEU A 1447 -45.19 26.07 -0.48
C LEU A 1447 -44.21 26.97 0.26
N VAL A 1448 -42.92 26.64 0.16
CA VAL A 1448 -41.87 27.44 0.76
C VAL A 1448 -40.70 27.53 -0.22
N LEU A 1449 -40.14 28.72 -0.34
CA LEU A 1449 -39.09 29.01 -1.32
C LEU A 1449 -37.78 29.31 -0.61
N ASP A 1450 -36.69 28.76 -1.14
CA ASP A 1450 -35.35 29.00 -0.63
C ASP A 1450 -34.53 29.66 -1.74
N GLU A 1451 -34.31 30.97 -1.60
CA GLU A 1451 -33.42 31.74 -2.46
C GLU A 1451 -33.84 31.62 -3.93
N ALA A 1452 -35.02 32.18 -4.21
CA ALA A 1452 -35.49 32.28 -5.59
C ALA A 1452 -34.64 33.22 -6.43
N THR A 1453 -33.81 34.05 -5.81
CA THR A 1453 -32.92 34.99 -6.51
C THR A 1453 -31.52 34.91 -5.92
N ALA A 1454 -31.00 33.70 -5.75
CA ALA A 1454 -29.69 33.53 -5.13
C ALA A 1454 -28.56 33.97 -6.06
N ALA A 1455 -28.42 33.28 -7.20
CA ALA A 1455 -27.38 33.64 -8.16
C ALA A 1455 -27.83 33.47 -9.60
N ILE A 1456 -29.12 33.20 -9.85
CA ILE A 1456 -29.58 32.93 -11.20
C ILE A 1456 -29.71 34.23 -11.99
N ASP A 1457 -29.74 34.09 -13.31
CA ASP A 1457 -29.86 35.24 -14.19
C ASP A 1457 -31.27 35.82 -14.13
N LEU A 1458 -31.40 37.05 -14.60
CA LEU A 1458 -32.70 37.74 -14.55
C LEU A 1458 -33.69 37.10 -15.52
N GLU A 1459 -33.20 36.49 -16.59
CA GLU A 1459 -34.10 35.87 -17.56
C GLU A 1459 -34.88 34.71 -16.92
N THR A 1460 -34.18 33.78 -16.28
CA THR A 1460 -34.85 32.64 -15.68
C THR A 1460 -35.59 33.06 -14.41
N ASP A 1461 -35.14 34.12 -13.75
CA ASP A 1461 -35.84 34.63 -12.58
C ASP A 1461 -37.25 35.07 -12.94
N ASN A 1462 -37.40 35.74 -14.09
CA ASN A 1462 -38.73 36.13 -14.54
C ASN A 1462 -39.60 34.90 -14.78
N LEU A 1463 -39.04 33.86 -15.41
CA LEU A 1463 -39.81 32.66 -15.69
C LEU A 1463 -40.25 31.98 -14.41
N ILE A 1464 -39.35 31.86 -13.43
CA ILE A 1464 -39.71 31.17 -12.19
C ILE A 1464 -40.73 31.99 -11.41
N GLN A 1465 -40.60 33.32 -11.40
CA GLN A 1465 -41.58 34.14 -10.71
C GLN A 1465 -42.96 34.03 -11.37
N ALA A 1466 -42.99 34.03 -12.71
CA ALA A 1466 -44.27 33.88 -13.41
C ALA A 1466 -44.90 32.54 -13.11
N THR A 1467 -44.09 31.47 -13.11
CA THR A 1467 -44.62 30.14 -12.79
C THR A 1467 -45.15 30.09 -11.36
N ILE A 1468 -44.45 30.75 -10.43
CA ILE A 1468 -44.96 30.84 -9.06
C ILE A 1468 -46.31 31.55 -9.04
N ARG A 1469 -46.42 32.64 -9.81
CA ARG A 1469 -47.67 33.41 -9.80
C ARG A 1469 -48.84 32.61 -10.36
N THR A 1470 -48.62 31.89 -11.46
CA THR A 1470 -49.76 31.36 -12.22
C THR A 1470 -50.49 30.25 -11.48
N GLN A 1471 -49.76 29.25 -10.96
CA GLN A 1471 -50.44 28.08 -10.39
C GLN A 1471 -50.65 28.15 -8.89
N PHE A 1472 -49.75 28.79 -8.14
CA PHE A 1472 -49.74 28.68 -6.69
C PHE A 1472 -50.55 29.77 -6.00
N ASP A 1473 -51.62 30.25 -6.64
CA ASP A 1473 -52.44 31.29 -6.04
C ASP A 1473 -53.10 30.80 -4.76
N THR A 1474 -53.69 29.62 -4.79
CA THR A 1474 -54.44 29.12 -3.64
C THR A 1474 -53.53 28.67 -2.51
N CYS A 1475 -52.46 27.95 -2.83
CA CYS A 1475 -51.63 27.30 -1.82
C CYS A 1475 -50.82 28.33 -1.03
N THR A 1476 -50.57 28.00 0.23
CA THR A 1476 -49.77 28.86 1.09
C THR A 1476 -48.34 28.94 0.56
N VAL A 1477 -47.76 30.14 0.59
CA VAL A 1477 -46.45 30.39 0.00
C VAL A 1477 -45.57 31.08 1.01
N LEU A 1478 -44.33 30.59 1.15
CA LEU A 1478 -43.28 31.24 1.91
C LEU A 1478 -42.11 31.51 0.97
N THR A 1479 -41.32 32.54 1.28
CA THR A 1479 -40.31 32.97 0.33
C THR A 1479 -39.13 33.60 1.05
N ILE A 1480 -37.93 33.26 0.58
CA ILE A 1480 -36.68 33.90 0.96
C ILE A 1480 -35.88 34.17 -0.30
N ALA A 1481 -35.30 35.36 -0.41
CA ALA A 1481 -34.60 35.76 -1.62
C ALA A 1481 -33.64 36.90 -1.34
N HIS A 1482 -32.74 37.15 -2.29
CA HIS A 1482 -31.87 38.32 -2.27
C HIS A 1482 -32.48 39.53 -2.95
N ARG A 1483 -33.64 39.40 -3.60
CA ARG A 1483 -34.23 40.51 -4.34
C ARG A 1483 -35.71 40.55 -4.00
N LEU A 1484 -36.21 41.76 -3.77
CA LEU A 1484 -37.58 41.99 -3.31
C LEU A 1484 -38.60 41.97 -4.44
N ASN A 1485 -38.19 41.67 -5.67
CA ASN A 1485 -39.12 41.70 -6.79
C ASN A 1485 -40.25 40.69 -6.58
N THR A 1486 -39.91 39.48 -6.13
CA THR A 1486 -40.92 38.46 -5.86
C THR A 1486 -41.56 38.62 -4.48
N ILE A 1487 -41.05 39.54 -3.67
CA ILE A 1487 -41.53 39.73 -2.31
C ILE A 1487 -42.46 40.94 -2.19
N MET A 1488 -42.20 42.02 -2.93
CA MET A 1488 -42.98 43.24 -2.77
C MET A 1488 -44.45 43.04 -3.10
N ASP A 1489 -44.77 42.04 -3.91
CA ASP A 1489 -46.14 41.79 -4.34
C ASP A 1489 -46.91 40.90 -3.36
N TYR A 1490 -46.32 40.51 -2.24
CA TYR A 1490 -46.98 39.60 -1.32
C TYR A 1490 -48.10 40.31 -0.55
N THR A 1491 -49.05 39.50 -0.08
CA THR A 1491 -50.10 40.04 0.78
C THR A 1491 -49.53 40.54 2.10
N ARG A 1492 -48.59 39.80 2.68
CA ARG A 1492 -47.97 40.17 3.95
C ARG A 1492 -46.52 39.72 3.92
N VAL A 1493 -45.65 40.52 4.53
CA VAL A 1493 -44.22 40.26 4.55
C VAL A 1493 -43.70 40.42 5.97
N LEU A 1494 -42.86 39.49 6.41
CA LEU A 1494 -42.18 39.59 7.68
C LEU A 1494 -40.73 39.99 7.44
N VAL A 1495 -40.24 40.92 8.26
CA VAL A 1495 -38.88 41.42 8.17
C VAL A 1495 -38.09 40.89 9.35
N LEU A 1496 -37.09 40.06 9.07
CA LEU A 1496 -36.25 39.46 10.09
C LEU A 1496 -34.97 40.26 10.23
N ASP A 1497 -34.62 40.61 11.46
CA ASP A 1497 -33.37 41.32 11.74
C ASP A 1497 -32.72 40.72 12.97
N LYS A 1498 -31.45 40.34 12.83
CA LYS A 1498 -30.62 39.78 13.91
C LYS A 1498 -31.34 38.69 14.70
N GLY A 1499 -32.26 38.00 14.05
CA GLY A 1499 -32.94 36.86 14.67
C GLY A 1499 -34.21 37.18 15.41
N VAL A 1500 -34.79 38.36 15.22
CA VAL A 1500 -36.02 38.75 15.90
C VAL A 1500 -37.03 39.25 14.88
N VAL A 1501 -38.30 39.19 15.26
CA VAL A 1501 -39.38 39.70 14.41
C VAL A 1501 -39.46 41.21 14.60
N ALA A 1502 -39.42 41.94 13.50
CA ALA A 1502 -39.52 43.40 13.52
C ALA A 1502 -40.77 43.91 12.82
N GLU A 1503 -40.95 43.54 11.55
CA GLU A 1503 -42.04 44.08 10.74
C GLU A 1503 -42.74 42.91 10.05
N PHE A 1504 -43.93 42.56 10.51
CA PHE A 1504 -44.74 41.49 9.93
C PHE A 1504 -46.08 42.10 9.53
N ASP A 1505 -46.14 42.63 8.30
CA ASP A 1505 -47.36 43.25 7.80
C ASP A 1505 -47.28 43.28 6.27
N SER A 1506 -48.29 43.90 5.66
CA SER A 1506 -48.31 44.03 4.21
C SER A 1506 -47.17 44.95 3.75
N PRO A 1507 -46.70 44.77 2.51
CA PRO A 1507 -45.67 45.67 1.99
C PRO A 1507 -46.08 47.13 2.01
N ALA A 1508 -47.37 47.42 1.78
CA ALA A 1508 -47.85 48.79 1.91
C ALA A 1508 -47.69 49.29 3.34
N ASN A 1509 -47.98 48.43 4.32
CA ASN A 1509 -47.71 48.77 5.71
C ASN A 1509 -46.21 48.93 5.95
N LEU A 1510 -45.39 48.07 5.34
CA LEU A 1510 -43.95 48.21 5.45
C LEU A 1510 -43.48 49.50 4.77
N ILE A 1511 -44.11 49.87 3.66
CA ILE A 1511 -43.77 51.12 2.98
C ILE A 1511 -44.04 52.30 3.91
N ALA A 1512 -45.18 52.28 4.61
CA ALA A 1512 -45.48 53.34 5.57
C ALA A 1512 -44.45 53.37 6.70
N ALA A 1513 -44.06 52.19 7.19
CA ALA A 1513 -43.06 52.12 8.25
C ALA A 1513 -41.67 52.51 7.75
N ARG A 1514 -41.39 52.30 6.46
CA ARG A 1514 -40.10 52.66 5.85
C ARG A 1514 -38.95 51.99 6.58
N GLY A 1515 -38.94 50.65 6.50
CA GLY A 1515 -37.88 49.85 7.08
C GLY A 1515 -36.79 49.53 6.08
N ILE A 1516 -36.09 48.43 6.33
CA ILE A 1516 -35.08 47.97 5.39
C ILE A 1516 -35.73 47.51 4.10
N PHE A 1517 -36.95 46.97 4.17
CA PHE A 1517 -37.67 46.56 2.97
C PHE A 1517 -37.92 47.74 2.05
N TYR A 1518 -38.41 48.85 2.61
CA TYR A 1518 -38.67 50.05 1.83
C TYR A 1518 -37.47 50.99 1.77
N GLY A 1519 -36.38 50.65 2.44
CA GLY A 1519 -35.23 51.54 2.46
C GLY A 1519 -34.61 51.76 1.09
N MET A 1520 -34.47 50.69 0.32
CA MET A 1520 -33.89 50.80 -1.02
C MET A 1520 -34.97 50.89 -2.09
C01 ZWY B . 4.17 -19.76 7.75
C02 ZWY B . 5.07 -19.07 6.69
C03 ZWY B . 4.73 -17.59 6.69
C04 ZWY B . 3.31 -17.32 6.05
C05 ZWY B . 2.88 -18.32 4.82
C06 ZWY B . 3.47 -19.70 4.95
C07 ZWY B . 4.89 -19.67 5.37
C08 ZWY B . 5.38 -21.11 5.57
C09 ZWY B . 6.70 -20.89 6.39
C10 ZWY B . 6.50 -19.47 6.95
C12 ZWY B . 3.25 -20.48 3.65
C13 ZWY B . 1.89 -20.18 3.08
C14 ZWY B . 1.03 -19.27 3.51
C15 ZWY B . 1.45 -18.28 4.50
C16 ZWY B . 0.95 -17.04 3.96
C17 ZWY B . -0.56 -16.93 3.80
C18 ZWY B . -1.12 -18.11 3.03
C19 ZWY B . -0.45 -19.41 3.56
C25 ZWY B . 0.67 -18.44 5.82
O11 ZWY B . 7.34 -18.78 7.48
O20 ZWY B . -2.49 -18.07 3.01
O22 ZWY B . -4.71 -17.18 2.44
O23 ZWY B . -3.07 -17.15 0.69
O24 ZWY B . -2.83 -15.69 2.55
S21 ZWY B . -3.37 -16.91 2.06
C01 ZWY C . 11.95 -19.04 1.73
C02 ZWY C . 10.98 -19.36 0.56
C03 ZWY C . 10.97 -18.17 -0.37
C04 ZWY C . 10.36 -16.91 0.49
C05 ZWY C . 9.15 -17.30 1.60
C06 ZWY C . 9.12 -18.64 2.05
C07 ZWY C . 9.62 -19.65 1.06
C08 ZWY C . 9.84 -20.93 1.88
C09 ZWY C . 10.76 -21.79 0.93
C10 ZWY C . 11.33 -20.71 0.00
C12 ZWY C . 7.70 -18.90 2.53
C13 ZWY C . 7.01 -17.69 3.09
C14 ZWY C . 7.35 -16.42 2.89
C15 ZWY C . 8.84 -16.35 2.73
C16 ZWY C . 9.33 -15.17 2.62
C17 ZWY C . 8.79 -13.90 3.31
C18 ZWY C . 7.60 -14.24 4.23
C19 ZWY C . 6.62 -15.17 3.43
C25 ZWY C . 9.55 -16.87 3.98
O11 ZWY C . 11.97 -20.92 -1.01
O20 ZWY C . 8.02 -14.80 5.42
O22 ZWY C . 6.85 -13.29 6.96
O23 ZWY C . 8.25 -14.95 7.97
O24 ZWY C . 9.23 -13.16 6.76
S21 ZWY C . 8.10 -13.97 6.95
#